data_7CMX
#
_entry.id   7CMX
#
_cell.length_a   73.920
_cell.length_b   123.539
_cell.length_c   170.688
_cell.angle_alpha   90.000
_cell.angle_beta   90.000
_cell.angle_gamma   90.000
#
_symmetry.space_group_name_H-M   'P 21 21 21'
#
loop_
_entity.id
_entity.type
_entity.pdbx_description
1 polymer 'Isocitrate lyase'
2 water water
#
_entity_poly.entity_id   1
_entity_poly.type   'polypeptide(L)'
_entity_poly.pdbx_seq_one_letter_code
;MKNERIEKLQESWELDERWEGITRPYSAEDVIRLRGSIDIEHTLARRGAEKLWTSLHTEDYINALGALTGNQAMQQVKAG
LKAIYLSGWQVAADANLSGHMYPDQSLYPANSVPAVVKRINQTLQRADQIQHMEGSDDTDYFVPIVADAEAGFGGQLNVF
ELMKGMIEAGASGVHFEDQLSSEKKCGHLGGKVLLPTQTAVRNLISARLAADVMGVPTIIVARTDADAADLITSDIDPVD
KAFITGERTPEGFYRTNAGLDQAIARGLAYAPYADLVWCETSEPNLEDAKRFADAIHKEHPGKLLAYNCSPSFNWKQKLD
EKAIASFQKEIASYGYKFQFVTLAGFHSLNYGMFELARGYKERGMAAYSELQQAEFAAEKHGYSATRHQREVGTGYFDEV
AQVITGGTSSTTALKGSTEEAQFTKLEHHHHHH
;
_entity_poly.pdbx_strand_id   A,B,C,D
#
# COMPACT_ATOMS: atom_id res chain seq x y z
N LYS A 2 -2.64 -25.45 -29.40
CA LYS A 2 -3.81 -24.96 -30.19
C LYS A 2 -5.09 -25.61 -29.63
N ASN A 3 -5.74 -26.48 -30.42
CA ASN A 3 -6.91 -27.31 -30.00
C ASN A 3 -6.38 -28.48 -29.16
N GLU A 4 -5.06 -28.70 -29.14
CA GLU A 4 -4.39 -29.72 -28.29
C GLU A 4 -4.37 -29.21 -26.86
N ARG A 5 -3.87 -27.98 -26.65
CA ARG A 5 -3.80 -27.26 -25.35
C ARG A 5 -5.16 -27.33 -24.62
N ILE A 6 -6.28 -27.32 -25.37
CA ILE A 6 -7.66 -27.53 -24.86
C ILE A 6 -7.86 -29.00 -24.48
N GLU A 7 -7.62 -29.95 -25.40
CA GLU A 7 -7.83 -31.41 -25.21
C GLU A 7 -7.03 -31.92 -24.00
N LYS A 8 -5.78 -31.49 -23.86
CA LYS A 8 -4.89 -31.83 -22.71
C LYS A 8 -5.62 -31.45 -21.41
N LEU A 9 -6.10 -30.20 -21.29
CA LEU A 9 -6.69 -29.70 -20.02
C LEU A 9 -7.91 -30.57 -19.67
N GLN A 10 -8.76 -30.83 -20.68
CA GLN A 10 -10.02 -31.60 -20.55
C GLN A 10 -9.68 -33.04 -20.12
N GLU A 11 -8.61 -33.58 -20.68
CA GLU A 11 -8.10 -34.94 -20.34
C GLU A 11 -7.71 -34.94 -18.85
N SER A 12 -6.93 -33.97 -18.38
CA SER A 12 -6.40 -33.93 -16.98
C SER A 12 -7.56 -33.91 -15.97
N TRP A 13 -8.59 -33.10 -16.22
CA TRP A 13 -9.83 -33.09 -15.40
C TRP A 13 -10.43 -34.50 -15.35
N GLU A 14 -10.59 -35.14 -16.51
CA GLU A 14 -11.27 -36.47 -16.63
C GLU A 14 -10.40 -37.60 -16.05
N LEU A 15 -9.07 -37.49 -16.08
CA LEU A 15 -8.15 -38.61 -15.79
C LEU A 15 -7.30 -38.41 -14.52
N ASP A 16 -6.86 -37.19 -14.16
CA ASP A 16 -5.91 -36.96 -13.01
C ASP A 16 -6.60 -37.29 -11.69
N GLU A 17 -5.87 -37.93 -10.75
CA GLU A 17 -6.40 -38.32 -9.42
C GLU A 17 -6.82 -37.05 -8.67
N ARG A 18 -6.10 -35.95 -8.88
CA ARG A 18 -6.36 -34.68 -8.19
C ARG A 18 -7.85 -34.31 -8.34
N TRP A 19 -8.47 -34.63 -9.48
CA TRP A 19 -9.81 -34.10 -9.83
C TRP A 19 -10.86 -35.19 -9.67
N GLU A 20 -10.52 -36.31 -9.02
CA GLU A 20 -11.50 -37.37 -8.70
C GLU A 20 -12.63 -36.77 -7.84
N GLY A 21 -13.89 -37.00 -8.23
CA GLY A 21 -15.04 -36.59 -7.39
C GLY A 21 -15.41 -35.11 -7.54
N ILE A 22 -14.73 -34.39 -8.44
CA ILE A 22 -14.88 -32.93 -8.64
C ILE A 22 -15.65 -32.66 -9.92
N THR A 23 -16.64 -31.79 -9.83
CA THR A 23 -17.46 -31.35 -10.97
C THR A 23 -16.97 -29.97 -11.40
N ARG A 24 -16.77 -29.79 -12.71
CA ARG A 24 -16.61 -28.47 -13.36
C ARG A 24 -17.72 -28.32 -14.38
N PRO A 25 -18.67 -27.38 -14.22
CA PRO A 25 -19.78 -27.26 -15.17
C PRO A 25 -19.36 -26.56 -16.45
N TYR A 26 -18.15 -25.99 -16.49
CA TYR A 26 -17.59 -25.32 -17.70
C TYR A 26 -16.64 -26.30 -18.41
N SER A 27 -16.18 -25.92 -19.59
CA SER A 27 -15.26 -26.70 -20.47
C SER A 27 -13.83 -26.15 -20.39
N ALA A 28 -12.87 -27.00 -20.77
CA ALA A 28 -11.45 -26.62 -21.00
C ALA A 28 -11.36 -25.43 -21.97
N GLU A 29 -12.20 -25.42 -23.00
CA GLU A 29 -12.23 -24.36 -24.04
C GLU A 29 -12.62 -23.01 -23.39
N ASP A 30 -13.57 -23.02 -22.46
CA ASP A 30 -13.95 -21.83 -21.63
C ASP A 30 -12.70 -21.31 -20.91
N VAL A 31 -11.96 -22.18 -20.23
CA VAL A 31 -10.77 -21.76 -19.41
C VAL A 31 -9.72 -21.13 -20.34
N ILE A 32 -9.41 -21.79 -21.46
CA ILE A 32 -8.32 -21.32 -22.38
C ILE A 32 -8.75 -19.98 -22.99
N ARG A 33 -10.05 -19.78 -23.26
CA ARG A 33 -10.59 -18.49 -23.80
C ARG A 33 -10.30 -17.36 -22.81
N LEU A 34 -10.28 -17.65 -21.50
CA LEU A 34 -10.11 -16.63 -20.45
C LEU A 34 -8.65 -16.50 -20.02
N ARG A 35 -7.72 -17.30 -20.55
CA ARG A 35 -6.32 -17.34 -20.06
C ARG A 35 -5.43 -16.33 -20.79
N GLY A 36 -5.83 -15.80 -21.94
CA GLY A 36 -4.92 -14.93 -22.71
C GLY A 36 -3.92 -15.79 -23.48
N SER A 37 -2.87 -15.19 -23.99
CA SER A 37 -2.00 -15.81 -25.03
C SER A 37 -0.81 -16.54 -24.40
N ILE A 38 -0.51 -16.33 -23.12
CA ILE A 38 0.67 -16.96 -22.48
C ILE A 38 0.24 -17.55 -21.14
N ASP A 39 1.03 -18.49 -20.58
CA ASP A 39 0.81 -19.04 -19.24
C ASP A 39 1.86 -18.40 -18.31
N ILE A 40 1.42 -17.78 -17.23
CA ILE A 40 2.33 -17.17 -16.22
C ILE A 40 2.48 -18.18 -15.09
N GLU A 41 3.72 -18.42 -14.70
CA GLU A 41 4.11 -19.43 -13.69
C GLU A 41 3.87 -18.86 -12.30
N HIS A 42 3.35 -19.68 -11.39
CA HIS A 42 3.10 -19.32 -9.97
C HIS A 42 3.75 -20.39 -9.09
N THR A 43 5.06 -20.28 -8.87
CA THR A 43 5.87 -21.41 -8.39
C THR A 43 5.36 -21.80 -7.01
N LEU A 44 5.24 -20.84 -6.09
CA LEU A 44 4.96 -21.15 -4.67
C LEU A 44 3.53 -21.67 -4.53
N ALA A 45 2.58 -21.08 -5.26
CA ALA A 45 1.17 -21.53 -5.30
C ALA A 45 1.07 -22.95 -5.86
N ARG A 46 1.85 -23.28 -6.91
CA ARG A 46 1.87 -24.64 -7.50
C ARG A 46 2.49 -25.63 -6.50
N ARG A 47 3.74 -25.40 -6.12
CA ARG A 47 4.46 -26.30 -5.21
C ARG A 47 3.63 -26.48 -3.93
N GLY A 48 3.09 -25.40 -3.36
CA GLY A 48 2.42 -25.51 -2.06
C GLY A 48 1.12 -26.29 -2.18
N ALA A 49 0.37 -26.08 -3.26
CA ALA A 49 -0.86 -26.87 -3.54
C ALA A 49 -0.50 -28.35 -3.67
N GLU A 50 0.55 -28.66 -4.44
CA GLU A 50 0.99 -30.06 -4.65
C GLU A 50 1.36 -30.67 -3.29
N LYS A 51 2.13 -29.94 -2.49
CA LYS A 51 2.67 -30.43 -1.21
C LYS A 51 1.50 -30.57 -0.24
N LEU A 52 0.51 -29.68 -0.33
CA LEU A 52 -0.66 -29.75 0.60
C LEU A 52 -1.49 -31.00 0.22
N TRP A 53 -1.71 -31.22 -1.07
CA TRP A 53 -2.45 -32.42 -1.52
C TRP A 53 -1.73 -33.70 -1.05
N THR A 54 -0.42 -33.81 -1.26
CA THR A 54 0.35 -35.02 -0.83
C THR A 54 0.23 -35.15 0.70
N SER A 55 0.40 -34.05 1.41
CA SER A 55 0.37 -34.03 2.88
C SER A 55 -0.95 -34.59 3.42
N LEU A 56 -2.07 -34.13 2.85
CA LEU A 56 -3.44 -34.56 3.24
C LEU A 56 -3.60 -36.08 3.08
N HIS A 57 -2.86 -36.72 2.16
CA HIS A 57 -2.84 -38.20 1.91
C HIS A 57 -1.63 -38.88 2.55
N THR A 58 -0.83 -38.18 3.37
CA THR A 58 0.40 -38.75 4.00
C THR A 58 0.19 -38.81 5.50
N GLU A 59 -0.12 -37.69 6.12
CA GLU A 59 -0.23 -37.53 7.59
C GLU A 59 -1.59 -38.09 8.06
N ASP A 60 -1.69 -38.46 9.33
CA ASP A 60 -3.03 -38.77 9.90
C ASP A 60 -3.92 -37.52 9.87
N TYR A 61 -3.34 -36.35 10.10
CA TYR A 61 -4.02 -35.05 9.91
C TYR A 61 -2.98 -33.94 9.90
N ILE A 62 -3.33 -32.79 9.34
CA ILE A 62 -2.53 -31.54 9.38
C ILE A 62 -3.21 -30.61 10.39
N ASN A 63 -2.51 -30.28 11.46
CA ASN A 63 -3.01 -29.32 12.48
C ASN A 63 -2.18 -28.05 12.31
N ALA A 64 -2.87 -26.92 12.24
CA ALA A 64 -2.25 -25.59 11.99
C ALA A 64 -2.75 -24.60 13.03
N LEU A 65 -2.02 -23.50 13.16
CA LEU A 65 -2.36 -22.34 14.01
C LEU A 65 -2.50 -21.11 13.12
N GLY A 66 -3.41 -20.21 13.47
CA GLY A 66 -3.52 -18.89 12.81
C GLY A 66 -2.24 -18.10 12.95
N ALA A 67 -1.76 -17.52 11.87
CA ALA A 67 -0.57 -16.64 11.89
C ALA A 67 -0.97 -15.29 11.29
N LEU A 68 -0.63 -14.17 11.92
CA LEU A 68 -0.92 -12.84 11.31
C LEU A 68 0.36 -12.10 10.91
N THR A 69 1.52 -12.71 11.12
CA THR A 69 2.85 -12.17 10.71
C THR A 69 3.72 -13.32 10.25
N GLY A 70 4.66 -13.04 9.33
CA GLY A 70 5.71 -14.00 8.90
C GLY A 70 6.46 -14.62 10.07
N ASN A 71 6.88 -13.82 11.05
CA ASN A 71 7.64 -14.34 12.21
C ASN A 71 6.81 -15.42 12.94
N GLN A 72 5.51 -15.21 13.14
CA GLN A 72 4.63 -16.22 13.78
C GLN A 72 4.64 -17.50 12.94
N ALA A 73 4.48 -17.38 11.62
CA ALA A 73 4.49 -18.53 10.69
C ALA A 73 5.87 -19.23 10.74
N MET A 74 6.95 -18.46 10.69
CA MET A 74 8.33 -19.02 10.79
C MET A 74 8.49 -19.86 12.09
N GLN A 75 7.99 -19.40 13.24
CA GLN A 75 8.13 -20.17 14.51
C GLN A 75 7.25 -21.44 14.45
N GLN A 76 6.09 -21.36 13.80
CA GLN A 76 5.17 -22.51 13.64
C GLN A 76 5.92 -23.60 12.88
N VAL A 77 6.63 -23.25 11.80
CA VAL A 77 7.44 -24.20 10.99
C VAL A 77 8.55 -24.81 11.87
N LYS A 78 9.30 -23.98 12.59
CA LYS A 78 10.45 -24.41 13.44
C LYS A 78 9.96 -25.35 14.54
N ALA A 79 8.71 -25.18 15.02
CA ALA A 79 8.07 -26.01 16.07
C ALA A 79 7.56 -27.33 15.49
N GLY A 80 7.45 -27.44 14.15
CA GLY A 80 7.23 -28.72 13.45
C GLY A 80 5.84 -28.84 12.82
N LEU A 81 5.06 -27.76 12.75
CA LEU A 81 3.71 -27.78 12.13
C LEU A 81 3.85 -27.76 10.61
N LYS A 82 2.89 -28.35 9.89
CA LYS A 82 3.06 -28.73 8.45
C LYS A 82 2.18 -27.87 7.55
N ALA A 83 1.47 -26.89 8.12
CA ALA A 83 0.74 -25.89 7.32
C ALA A 83 0.55 -24.64 8.16
N ILE A 84 0.24 -23.53 7.50
CA ILE A 84 -0.04 -22.22 8.14
C ILE A 84 -1.47 -21.86 7.81
N TYR A 85 -2.23 -21.43 8.81
CA TYR A 85 -3.63 -21.00 8.63
C TYR A 85 -3.63 -19.46 8.64
N LEU A 86 -4.19 -18.88 7.59
CA LEU A 86 -4.28 -17.40 7.51
C LEU A 86 -5.73 -17.00 7.74
N SER A 87 -6.00 -16.57 8.96
CA SER A 87 -7.31 -16.14 9.47
C SER A 87 -7.67 -14.72 8.97
N GLY A 88 -8.83 -14.55 8.37
CA GLY A 88 -9.39 -13.24 8.04
C GLY A 88 -9.78 -12.46 9.30
N TRP A 89 -10.18 -13.16 10.37
CA TRP A 89 -10.51 -12.57 11.70
C TRP A 89 -9.27 -11.84 12.23
N GLN A 90 -8.11 -12.50 12.14
CA GLN A 90 -6.83 -11.94 12.65
C GLN A 90 -6.44 -10.74 11.77
N VAL A 91 -6.69 -10.82 10.46
CA VAL A 91 -6.36 -9.73 9.53
C VAL A 91 -7.26 -8.52 9.86
N ALA A 92 -8.56 -8.73 10.10
CA ALA A 92 -9.53 -7.70 10.51
C ALA A 92 -9.02 -6.99 11.76
N ALA A 93 -8.53 -7.77 12.71
CA ALA A 93 -8.23 -7.27 14.08
C ALA A 93 -6.94 -6.46 14.05
N ASP A 94 -5.93 -6.91 13.30
CA ASP A 94 -4.56 -6.39 13.54
C ASP A 94 -3.65 -6.35 12.30
N ALA A 95 -4.09 -6.70 11.09
CA ALA A 95 -3.14 -6.88 9.97
C ALA A 95 -3.80 -6.68 8.60
N ASN A 96 -4.59 -5.61 8.42
CA ASN A 96 -5.32 -5.37 7.15
C ASN A 96 -4.81 -4.05 6.58
N LEU A 97 -5.09 -3.82 5.30
CA LEU A 97 -4.51 -2.71 4.52
C LEU A 97 -5.24 -1.40 4.77
N SER A 98 -6.31 -1.36 5.55
CA SER A 98 -6.89 -0.07 6.05
C SER A 98 -6.08 0.41 7.27
N GLY A 99 -5.41 -0.50 7.98
CA GLY A 99 -4.71 -0.17 9.23
C GLY A 99 -5.66 0.02 10.43
N HIS A 100 -6.94 -0.33 10.31
CA HIS A 100 -7.94 -0.23 11.41
C HIS A 100 -8.07 -1.56 12.13
N MET A 101 -8.45 -1.52 13.40
CA MET A 101 -8.90 -2.73 14.13
C MET A 101 -10.42 -2.90 13.89
N TYR A 102 -10.78 -4.03 13.28
CA TYR A 102 -12.18 -4.33 12.89
C TYR A 102 -12.65 -5.63 13.51
N PRO A 103 -13.97 -5.75 13.81
CA PRO A 103 -14.57 -7.02 14.10
C PRO A 103 -14.65 -7.77 12.76
N ASP A 104 -15.10 -9.01 12.80
CA ASP A 104 -14.91 -9.96 11.66
C ASP A 104 -16.15 -9.92 10.78
N GLN A 105 -16.29 -8.83 10.04
CA GLN A 105 -17.52 -8.53 9.26
C GLN A 105 -17.17 -8.10 7.83
N SER A 106 -16.04 -8.58 7.27
CA SER A 106 -15.55 -8.18 5.91
C SER A 106 -15.55 -6.66 5.73
N LEU A 107 -14.97 -5.92 6.67
CA LEU A 107 -14.94 -4.44 6.66
C LEU A 107 -13.65 -3.97 6.00
N TYR A 108 -12.63 -4.82 5.98
CA TYR A 108 -11.26 -4.47 5.52
C TYR A 108 -11.16 -4.62 4.00
N PRO A 109 -10.12 -4.04 3.35
CA PRO A 109 -10.00 -4.12 1.91
C PRO A 109 -9.68 -5.56 1.44
N ALA A 110 -10.28 -5.93 0.33
CA ALA A 110 -10.40 -7.31 -0.18
C ALA A 110 -9.04 -7.91 -0.50
N ASN A 111 -8.03 -7.10 -0.82
CA ASN A 111 -6.65 -7.58 -1.09
C ASN A 111 -5.86 -7.80 0.22
N SER A 112 -6.43 -7.61 1.42
CA SER A 112 -5.63 -7.64 2.68
C SER A 112 -5.07 -9.05 2.96
N VAL A 113 -5.86 -10.10 2.78
CA VAL A 113 -5.35 -11.46 3.12
C VAL A 113 -4.30 -11.89 2.10
N PRO A 114 -4.48 -11.71 0.77
CA PRO A 114 -3.39 -11.94 -0.17
C PRO A 114 -2.08 -11.24 0.26
N ALA A 115 -2.13 -9.97 0.68
CA ALA A 115 -0.93 -9.22 1.11
C ALA A 115 -0.22 -10.00 2.23
N VAL A 116 -0.98 -10.57 3.16
CA VAL A 116 -0.41 -11.29 4.32
C VAL A 116 0.12 -12.63 3.83
N VAL A 117 -0.59 -13.30 2.92
CA VAL A 117 -0.05 -14.57 2.33
C VAL A 117 1.36 -14.28 1.78
N LYS A 118 1.50 -13.18 1.05
CA LYS A 118 2.74 -12.84 0.33
C LYS A 118 3.82 -12.55 1.37
N ARG A 119 3.48 -11.82 2.42
CA ARG A 119 4.40 -11.50 3.57
C ARG A 119 4.96 -12.80 4.15
N ILE A 120 4.08 -13.74 4.45
CA ILE A 120 4.43 -15.01 5.11
C ILE A 120 5.32 -15.82 4.17
N ASN A 121 4.99 -15.90 2.89
CA ASN A 121 5.82 -16.61 1.89
C ASN A 121 7.19 -15.96 1.84
N GLN A 122 7.25 -14.63 1.92
CA GLN A 122 8.52 -13.88 1.81
C GLN A 122 9.40 -14.12 3.04
N THR A 123 8.82 -14.19 4.23
CA THR A 123 9.56 -14.52 5.47
C THR A 123 10.11 -15.95 5.36
N LEU A 124 9.27 -16.88 4.93
CA LEU A 124 9.64 -18.30 4.78
C LEU A 124 10.76 -18.38 3.75
N GLN A 125 10.69 -17.62 2.64
CA GLN A 125 11.79 -17.57 1.64
C GLN A 125 13.09 -17.13 2.31
N ARG A 126 13.05 -16.08 3.16
CA ARG A 126 14.27 -15.58 3.85
C ARG A 126 14.81 -16.66 4.79
N ALA A 127 13.94 -17.35 5.55
CA ALA A 127 14.37 -18.43 6.47
C ALA A 127 15.10 -19.50 5.67
N ASP A 128 14.54 -19.89 4.52
CA ASP A 128 15.12 -20.94 3.65
C ASP A 128 16.45 -20.42 3.11
N GLN A 129 16.54 -19.13 2.76
CA GLN A 129 17.83 -18.58 2.27
C GLN A 129 18.88 -18.62 3.38
N ILE A 130 18.52 -18.35 4.63
CA ILE A 130 19.50 -18.30 5.75
C ILE A 130 20.06 -19.71 5.98
N GLN A 131 19.17 -20.68 6.03
CA GLN A 131 19.51 -22.11 6.24
C GLN A 131 20.35 -22.60 5.07
N HIS A 132 19.89 -22.39 3.83
CA HIS A 132 20.62 -22.78 2.59
C HIS A 132 22.05 -22.21 2.59
N MET A 133 22.20 -20.94 2.94
CA MET A 133 23.51 -20.25 2.89
C MET A 133 24.46 -20.93 3.88
N GLU A 134 23.95 -21.28 5.07
CA GLU A 134 24.75 -21.85 6.18
C GLU A 134 25.07 -23.32 5.89
N GLY A 135 24.45 -23.94 4.87
CA GLY A 135 24.85 -25.27 4.37
C GLY A 135 23.89 -26.39 4.73
N SER A 136 22.75 -26.11 5.38
CA SER A 136 21.66 -27.09 5.67
C SER A 136 20.50 -26.89 4.69
N ASP A 137 19.72 -27.93 4.39
CA ASP A 137 18.38 -27.82 3.72
C ASP A 137 17.36 -28.67 4.48
N ASP A 138 17.65 -28.96 5.75
CA ASP A 138 16.89 -29.91 6.60
C ASP A 138 15.45 -29.41 6.79
N THR A 139 15.22 -28.26 7.46
CA THR A 139 13.84 -27.73 7.68
C THR A 139 13.24 -27.30 6.35
N ASP A 140 12.06 -27.82 6.02
CA ASP A 140 11.29 -27.33 4.85
C ASP A 140 10.46 -26.13 5.32
N TYR A 141 10.89 -24.92 4.97
CA TYR A 141 10.21 -23.63 5.30
C TYR A 141 9.01 -23.38 4.39
N PHE A 142 8.96 -24.04 3.24
CA PHE A 142 7.94 -23.80 2.20
C PHE A 142 6.71 -24.66 2.51
N VAL A 143 6.17 -24.48 3.72
CA VAL A 143 4.93 -25.21 4.12
C VAL A 143 3.72 -24.54 3.47
N PRO A 144 2.68 -25.32 3.17
CA PRO A 144 1.48 -24.75 2.57
C PRO A 144 0.78 -23.75 3.48
N ILE A 145 0.26 -22.68 2.88
CA ILE A 145 -0.67 -21.68 3.53
C ILE A 145 -2.11 -21.90 3.03
N VAL A 146 -3.05 -22.09 3.96
CA VAL A 146 -4.50 -22.17 3.68
C VAL A 146 -5.12 -20.83 4.14
N ALA A 147 -5.71 -20.07 3.23
CA ALA A 147 -6.09 -18.66 3.49
C ALA A 147 -7.60 -18.50 3.49
N ASP A 148 -8.06 -17.55 4.29
CA ASP A 148 -9.49 -17.19 4.48
C ASP A 148 -9.93 -16.17 3.41
N ALA A 149 -10.83 -16.54 2.50
CA ALA A 149 -11.42 -15.62 1.51
C ALA A 149 -12.83 -15.19 1.98
N GLU A 150 -13.20 -15.48 3.24
CA GLU A 150 -14.49 -15.04 3.84
C GLU A 150 -15.62 -15.45 2.87
N ALA A 151 -16.51 -14.51 2.55
CA ALA A 151 -17.65 -14.73 1.63
C ALA A 151 -17.35 -14.06 0.27
N GLY A 152 -16.08 -13.83 -0.04
CA GLY A 152 -15.65 -13.39 -1.38
C GLY A 152 -15.73 -11.89 -1.59
N PHE A 153 -16.17 -11.11 -0.61
CA PHE A 153 -16.20 -9.62 -0.68
C PHE A 153 -17.06 -9.16 -1.86
N GLY A 154 -18.19 -9.82 -2.10
CA GLY A 154 -19.21 -9.32 -3.02
C GLY A 154 -19.82 -10.44 -3.82
N GLY A 155 -19.88 -10.30 -5.15
CA GLY A 155 -20.50 -11.31 -6.02
C GLY A 155 -19.48 -12.27 -6.62
N GLN A 156 -19.93 -13.05 -7.59
CA GLN A 156 -19.10 -14.12 -8.19
C GLN A 156 -17.81 -13.53 -8.78
N LEU A 157 -17.81 -12.25 -9.23
CA LEU A 157 -16.59 -11.67 -9.83
C LEU A 157 -15.59 -11.24 -8.75
N ASN A 158 -16.07 -10.76 -7.61
CA ASN A 158 -15.24 -10.48 -6.41
C ASN A 158 -14.60 -11.81 -5.97
N VAL A 159 -15.36 -12.91 -5.96
CA VAL A 159 -14.82 -14.26 -5.61
C VAL A 159 -13.67 -14.60 -6.58
N PHE A 160 -13.89 -14.46 -7.88
CA PHE A 160 -12.93 -14.79 -8.95
C PHE A 160 -11.62 -14.01 -8.71
N GLU A 161 -11.76 -12.70 -8.48
CA GLU A 161 -10.59 -11.80 -8.31
C GLU A 161 -9.87 -12.14 -7.00
N LEU A 162 -10.60 -12.45 -5.93
CA LEU A 162 -9.93 -12.70 -4.64
C LEU A 162 -9.14 -14.00 -4.76
N MET A 163 -9.74 -15.02 -5.35
CA MET A 163 -9.06 -16.32 -5.52
C MET A 163 -7.77 -16.15 -6.35
N LYS A 164 -7.79 -15.34 -7.42
CA LYS A 164 -6.58 -15.03 -8.26
C LYS A 164 -5.54 -14.37 -7.36
N GLY A 165 -5.97 -13.43 -6.49
CA GLY A 165 -5.04 -12.71 -5.59
C GLY A 165 -4.35 -13.66 -4.62
N MET A 166 -5.09 -14.62 -4.09
CA MET A 166 -4.58 -15.66 -3.17
C MET A 166 -3.51 -16.49 -3.89
N ILE A 167 -3.78 -16.89 -5.13
CA ILE A 167 -2.82 -17.71 -5.93
C ILE A 167 -1.57 -16.89 -6.28
N GLU A 168 -1.74 -15.64 -6.71
CA GLU A 168 -0.59 -14.78 -7.07
C GLU A 168 0.33 -14.65 -5.85
N ALA A 169 -0.24 -14.55 -4.66
CA ALA A 169 0.48 -14.36 -3.38
C ALA A 169 1.17 -15.66 -2.92
N GLY A 170 0.76 -16.80 -3.48
CA GLY A 170 1.35 -18.12 -3.19
C GLY A 170 0.59 -18.91 -2.14
N ALA A 171 -0.74 -18.74 -1.99
CA ALA A 171 -1.58 -19.61 -1.14
C ALA A 171 -1.71 -21.01 -1.76
N SER A 172 -1.77 -22.05 -0.93
CA SER A 172 -1.89 -23.48 -1.34
C SER A 172 -3.35 -23.91 -1.27
N GLY A 173 -4.14 -23.26 -0.43
CA GLY A 173 -5.57 -23.51 -0.29
C GLY A 173 -6.29 -22.24 0.14
N VAL A 174 -7.59 -22.21 -0.13
CA VAL A 174 -8.46 -21.03 0.15
C VAL A 174 -9.84 -21.53 0.57
N HIS A 175 -10.45 -20.86 1.55
CA HIS A 175 -11.79 -21.24 2.03
C HIS A 175 -12.77 -20.09 1.79
N PHE A 176 -13.99 -20.49 1.48
CA PHE A 176 -15.13 -19.64 1.11
C PHE A 176 -16.35 -20.16 1.85
N GLU A 177 -17.18 -19.23 2.32
CA GLU A 177 -18.33 -19.60 3.17
C GLU A 177 -19.63 -19.14 2.51
N ASP A 178 -20.72 -19.78 2.88
CA ASP A 178 -22.04 -19.62 2.22
C ASP A 178 -22.84 -18.51 2.90
N GLN A 179 -22.19 -17.38 3.19
CA GLN A 179 -22.82 -16.21 3.85
C GLN A 179 -22.97 -15.06 2.87
N LEU A 180 -23.96 -14.21 3.10
CA LEU A 180 -24.13 -12.95 2.33
C LEU A 180 -22.96 -12.06 2.69
N SER A 181 -22.17 -11.64 1.71
CA SER A 181 -20.92 -10.88 1.96
C SER A 181 -21.19 -9.60 2.78
N SER A 182 -22.24 -8.88 2.43
CA SER A 182 -22.62 -7.57 3.03
C SER A 182 -23.08 -7.77 4.48
N GLU A 183 -23.34 -9.01 4.93
CA GLU A 183 -23.70 -9.29 6.34
C GLU A 183 -22.72 -10.30 6.98
N LYS A 184 -21.53 -10.48 6.39
CA LYS A 184 -20.56 -11.53 6.79
C LYS A 184 -20.32 -11.38 8.30
N LYS A 185 -20.23 -12.51 8.97
CA LYS A 185 -19.87 -12.61 10.41
C LYS A 185 -18.83 -13.73 10.58
N CYS A 186 -17.97 -13.59 11.59
CA CYS A 186 -17.32 -14.73 12.28
C CYS A 186 -18.33 -15.87 12.44
N GLY A 187 -17.91 -17.12 12.32
CA GLY A 187 -18.81 -18.28 12.46
C GLY A 187 -19.44 -18.37 13.84
N HIS A 188 -18.85 -17.73 14.84
CA HIS A 188 -19.24 -17.81 16.27
C HIS A 188 -19.88 -16.50 16.73
N LEU A 189 -20.23 -15.63 15.79
CA LEU A 189 -21.09 -14.45 16.05
C LEU A 189 -22.56 -14.77 15.68
N GLY A 190 -23.52 -14.04 16.25
CA GLY A 190 -24.93 -14.01 15.77
C GLY A 190 -25.08 -13.17 14.52
N GLY A 191 -26.27 -13.19 13.90
CA GLY A 191 -26.60 -12.30 12.79
C GLY A 191 -26.14 -12.86 11.46
N LYS A 192 -25.93 -14.19 11.37
CA LYS A 192 -25.40 -14.82 10.14
C LYS A 192 -26.56 -14.97 9.15
N VAL A 193 -26.33 -14.59 7.89
CA VAL A 193 -27.31 -14.74 6.77
C VAL A 193 -26.72 -15.67 5.72
N LEU A 194 -27.44 -16.75 5.43
CA LEU A 194 -27.03 -17.73 4.40
C LEU A 194 -27.34 -17.20 3.01
N LEU A 195 -26.48 -17.53 2.05
CA LEU A 195 -26.83 -17.54 0.62
C LEU A 195 -27.78 -18.69 0.31
N PRO A 196 -28.59 -18.55 -0.76
CA PRO A 196 -29.25 -19.69 -1.37
C PRO A 196 -28.19 -20.72 -1.75
N THR A 197 -28.52 -22.00 -1.57
CA THR A 197 -27.62 -23.13 -1.94
C THR A 197 -26.99 -22.79 -3.29
N GLN A 198 -27.81 -22.40 -4.28
CA GLN A 198 -27.40 -22.21 -5.70
C GLN A 198 -26.34 -21.12 -5.82
N THR A 199 -26.49 -20.02 -5.09
CA THR A 199 -25.53 -18.90 -5.08
C THR A 199 -24.20 -19.35 -4.46
N ALA A 200 -24.25 -20.08 -3.34
CA ALA A 200 -23.05 -20.60 -2.65
C ALA A 200 -22.28 -21.52 -3.60
N VAL A 201 -22.98 -22.37 -4.33
CA VAL A 201 -22.40 -23.28 -5.35
C VAL A 201 -21.73 -22.41 -6.43
N ARG A 202 -22.40 -21.36 -6.90
CA ARG A 202 -21.82 -20.50 -7.98
C ARG A 202 -20.51 -19.88 -7.47
N ASN A 203 -20.46 -19.47 -6.20
CA ASN A 203 -19.22 -18.90 -5.60
C ASN A 203 -18.10 -19.94 -5.68
N LEU A 204 -18.40 -21.22 -5.40
CA LEU A 204 -17.37 -22.30 -5.44
C LEU A 204 -16.90 -22.52 -6.88
N ILE A 205 -17.84 -22.44 -7.83
CA ILE A 205 -17.57 -22.61 -9.29
C ILE A 205 -16.64 -21.46 -9.68
N SER A 206 -16.93 -20.25 -9.21
CA SER A 206 -16.10 -19.04 -9.51
C SER A 206 -14.66 -19.26 -9.01
N ALA A 207 -14.49 -19.84 -7.82
CA ALA A 207 -13.17 -20.02 -7.20
C ALA A 207 -12.38 -21.07 -8.00
N ARG A 208 -13.03 -22.13 -8.46
CA ARG A 208 -12.36 -23.19 -9.27
C ARG A 208 -12.00 -22.58 -10.63
N LEU A 209 -12.89 -21.79 -11.21
CA LEU A 209 -12.59 -21.17 -12.53
C LEU A 209 -11.36 -20.25 -12.42
N ALA A 210 -11.26 -19.43 -11.36
CA ALA A 210 -10.05 -18.60 -11.07
C ALA A 210 -8.78 -19.48 -11.03
N ALA A 211 -8.80 -20.56 -10.27
CA ALA A 211 -7.63 -21.44 -10.11
C ALA A 211 -7.28 -22.11 -11.45
N ASP A 212 -8.27 -22.51 -12.25
CA ASP A 212 -8.04 -23.10 -13.59
C ASP A 212 -7.45 -22.04 -14.52
N VAL A 213 -7.97 -20.82 -14.49
CA VAL A 213 -7.44 -19.72 -15.33
C VAL A 213 -5.97 -19.42 -14.95
N MET A 214 -5.62 -19.46 -13.66
CA MET A 214 -4.23 -19.21 -13.17
C MET A 214 -3.36 -20.43 -13.48
N GLY A 215 -3.97 -21.61 -13.64
CA GLY A 215 -3.28 -22.85 -14.05
C GLY A 215 -2.62 -23.53 -12.86
N VAL A 216 -3.26 -23.47 -11.69
CA VAL A 216 -2.73 -23.95 -10.38
C VAL A 216 -3.79 -24.83 -9.72
N PRO A 217 -3.44 -26.04 -9.20
CA PRO A 217 -4.42 -26.93 -8.59
C PRO A 217 -4.73 -26.62 -7.11
N THR A 218 -4.99 -25.34 -6.82
CA THR A 218 -5.22 -24.81 -5.45
C THR A 218 -6.32 -25.64 -4.75
N ILE A 219 -6.14 -25.92 -3.46
CA ILE A 219 -7.18 -26.58 -2.64
C ILE A 219 -8.31 -25.58 -2.39
N ILE A 220 -9.54 -26.00 -2.62
CA ILE A 220 -10.73 -25.17 -2.30
C ILE A 220 -11.45 -25.83 -1.15
N VAL A 221 -11.69 -25.05 -0.09
CA VAL A 221 -12.45 -25.50 1.10
C VAL A 221 -13.80 -24.78 1.02
N ALA A 222 -14.89 -25.55 0.95
CA ALA A 222 -16.27 -25.04 1.10
C ALA A 222 -16.64 -25.09 2.58
N ARG A 223 -16.88 -23.93 3.16
CA ARG A 223 -17.41 -23.80 4.55
C ARG A 223 -18.92 -23.57 4.51
N THR A 224 -19.69 -24.24 5.39
CA THR A 224 -21.09 -23.86 5.64
C THR A 224 -21.25 -23.29 7.05
N ASP A 225 -22.02 -22.20 7.14
CA ASP A 225 -22.41 -21.55 8.40
C ASP A 225 -23.83 -21.99 8.79
N ALA A 226 -24.38 -23.05 8.19
CA ALA A 226 -25.82 -23.39 8.31
C ALA A 226 -26.13 -24.11 9.62
N ASP A 227 -25.12 -24.48 10.42
CA ASP A 227 -25.43 -25.13 11.70
C ASP A 227 -26.08 -24.11 12.65
N ALA A 228 -25.62 -22.86 12.63
CA ALA A 228 -26.11 -21.82 13.58
C ALA A 228 -26.95 -20.76 12.83
N ALA A 229 -26.70 -20.51 11.54
CA ALA A 229 -27.36 -19.43 10.77
C ALA A 229 -28.85 -19.75 10.63
N ASP A 230 -29.71 -18.85 11.12
CA ASP A 230 -31.18 -19.03 11.11
C ASP A 230 -31.82 -17.98 10.19
N LEU A 231 -31.02 -17.41 9.26
CA LEU A 231 -31.48 -16.46 8.23
C LEU A 231 -30.87 -16.86 6.89
N ILE A 232 -31.64 -16.62 5.82
CA ILE A 232 -31.26 -16.82 4.40
C ILE A 232 -31.73 -15.60 3.62
N THR A 233 -31.02 -15.25 2.54
CA THR A 233 -31.24 -13.97 1.81
C THR A 233 -32.60 -14.06 1.13
N SER A 234 -32.99 -15.26 0.73
CA SER A 234 -34.03 -15.47 -0.30
C SER A 234 -34.52 -16.92 -0.28
N ASP A 235 -35.77 -17.12 -0.68
CA ASP A 235 -36.40 -18.45 -0.83
C ASP A 235 -36.31 -18.90 -2.30
N ILE A 236 -35.47 -18.30 -3.13
CA ILE A 236 -35.45 -18.57 -4.60
C ILE A 236 -35.08 -20.05 -4.90
N ASP A 237 -34.26 -20.69 -4.08
CA ASP A 237 -33.76 -22.07 -4.36
C ASP A 237 -34.73 -23.07 -3.74
N PRO A 238 -35.42 -23.90 -4.56
CA PRO A 238 -36.37 -24.88 -4.04
C PRO A 238 -35.73 -25.83 -3.01
N VAL A 239 -34.42 -26.07 -3.08
CA VAL A 239 -33.80 -27.04 -2.14
C VAL A 239 -33.73 -26.45 -0.73
N ASP A 240 -33.88 -25.12 -0.58
CA ASP A 240 -33.79 -24.45 0.75
C ASP A 240 -35.19 -24.34 1.39
N LYS A 241 -36.26 -24.60 0.62
CA LYS A 241 -37.65 -24.35 1.08
C LYS A 241 -37.99 -25.26 2.28
N ALA A 242 -37.43 -26.46 2.32
CA ALA A 242 -37.56 -27.36 3.48
C ALA A 242 -37.17 -26.66 4.80
N PHE A 243 -36.29 -25.66 4.80
CA PHE A 243 -35.73 -25.05 6.04
C PHE A 243 -36.34 -23.67 6.32
N ILE A 244 -37.09 -23.12 5.37
CA ILE A 244 -37.60 -21.73 5.45
C ILE A 244 -38.99 -21.71 6.10
N THR A 245 -39.17 -20.93 7.16
CA THR A 245 -40.42 -20.93 7.97
C THR A 245 -41.46 -20.03 7.31
N GLY A 246 -41.06 -19.02 6.52
CA GLY A 246 -41.99 -18.05 5.92
C GLY A 246 -41.97 -16.73 6.68
N GLU A 247 -41.41 -16.71 7.88
CA GLU A 247 -41.25 -15.44 8.63
C GLU A 247 -40.15 -14.65 7.93
N ARG A 248 -40.29 -13.32 7.92
CA ARG A 248 -39.26 -12.41 7.34
C ARG A 248 -38.86 -11.34 8.35
N THR A 249 -37.61 -10.86 8.25
CA THR A 249 -37.01 -9.82 9.13
C THR A 249 -37.36 -8.46 8.54
N PRO A 250 -37.12 -7.32 9.26
CA PRO A 250 -37.38 -6.01 8.66
C PRO A 250 -36.61 -5.74 7.36
N GLU A 251 -35.41 -6.32 7.24
CA GLU A 251 -34.52 -6.19 6.06
C GLU A 251 -35.02 -7.08 4.93
N GLY A 252 -35.82 -8.11 5.22
CA GLY A 252 -36.39 -8.97 4.17
C GLY A 252 -35.72 -10.32 4.10
N PHE A 253 -34.79 -10.62 5.02
CA PHE A 253 -34.23 -11.98 5.16
C PHE A 253 -35.34 -12.96 5.58
N TYR A 254 -35.22 -14.23 5.22
CA TYR A 254 -36.18 -15.30 5.60
C TYR A 254 -35.59 -16.10 6.77
N ARG A 255 -36.40 -16.33 7.79
CA ARG A 255 -35.99 -17.13 8.96
C ARG A 255 -35.95 -18.60 8.51
N THR A 256 -34.94 -19.33 8.96
CA THR A 256 -34.80 -20.79 8.69
C THR A 256 -34.66 -21.51 10.03
N ASN A 257 -34.90 -22.82 9.99
CA ASN A 257 -34.66 -23.76 11.11
C ASN A 257 -33.22 -24.24 11.01
N ALA A 258 -32.33 -23.65 11.81
CA ALA A 258 -30.88 -23.90 11.80
C ALA A 258 -30.60 -25.21 12.55
N GLY A 259 -29.45 -25.82 12.29
CA GLY A 259 -29.03 -27.05 12.98
C GLY A 259 -28.29 -27.97 12.04
N LEU A 260 -27.94 -29.15 12.52
CA LEU A 260 -27.06 -30.05 11.75
C LEU A 260 -27.73 -30.43 10.42
N ASP A 261 -29.04 -30.64 10.39
CA ASP A 261 -29.80 -31.00 9.16
C ASP A 261 -29.55 -29.95 8.08
N GLN A 262 -29.62 -28.65 8.44
CA GLN A 262 -29.37 -27.53 7.50
C GLN A 262 -27.93 -27.61 7.01
N ALA A 263 -26.99 -27.80 7.93
CA ALA A 263 -25.54 -27.85 7.65
C ALA A 263 -25.20 -29.04 6.75
N ILE A 264 -25.83 -30.19 7.01
CA ILE A 264 -25.63 -31.42 6.19
C ILE A 264 -26.13 -31.16 4.76
N ALA A 265 -27.33 -30.58 4.59
CA ALA A 265 -27.87 -30.22 3.27
C ALA A 265 -26.81 -29.41 2.49
N ARG A 266 -26.25 -28.37 3.11
CA ARG A 266 -25.27 -27.50 2.41
C ARG A 266 -23.98 -28.27 2.09
N GLY A 267 -23.47 -29.03 3.07
CA GLY A 267 -22.26 -29.85 2.89
C GLY A 267 -22.43 -30.78 1.70
N LEU A 268 -23.54 -31.49 1.61
CA LEU A 268 -23.80 -32.38 0.45
C LEU A 268 -23.84 -31.57 -0.85
N ALA A 269 -24.52 -30.42 -0.84
CA ALA A 269 -24.62 -29.57 -2.06
C ALA A 269 -23.21 -29.08 -2.48
N TYR A 270 -22.29 -28.80 -1.54
CA TYR A 270 -20.99 -28.14 -1.89
C TYR A 270 -19.92 -29.19 -2.22
N ALA A 271 -20.07 -30.42 -1.77
CA ALA A 271 -19.02 -31.45 -1.81
C ALA A 271 -18.47 -31.64 -3.24
N PRO A 272 -19.31 -31.75 -4.31
CA PRO A 272 -18.80 -31.92 -5.67
C PRO A 272 -17.97 -30.72 -6.17
N TYR A 273 -18.05 -29.56 -5.52
CA TYR A 273 -17.41 -28.30 -6.01
C TYR A 273 -16.28 -27.84 -5.09
N ALA A 274 -15.83 -28.68 -4.17
CA ALA A 274 -14.71 -28.33 -3.28
C ALA A 274 -13.86 -29.57 -2.98
N ASP A 275 -12.61 -29.36 -2.58
CA ASP A 275 -11.67 -30.45 -2.19
C ASP A 275 -11.92 -30.87 -0.74
N LEU A 276 -12.24 -29.94 0.15
CA LEU A 276 -12.62 -30.26 1.56
C LEU A 276 -13.92 -29.53 1.89
N VAL A 277 -14.67 -30.09 2.84
CA VAL A 277 -15.92 -29.50 3.39
C VAL A 277 -15.70 -29.21 4.88
N TRP A 278 -16.18 -28.05 5.32
CA TRP A 278 -16.02 -27.52 6.69
C TRP A 278 -17.39 -27.09 7.20
N CYS A 279 -17.81 -27.68 8.33
CA CYS A 279 -19.06 -27.31 9.03
C CYS A 279 -18.69 -26.53 10.31
N GLU A 280 -18.97 -25.22 10.36
CA GLU A 280 -18.79 -24.44 11.61
C GLU A 280 -19.74 -25.01 12.65
N THR A 281 -19.33 -25.07 13.92
CA THR A 281 -20.14 -25.65 15.03
C THR A 281 -20.18 -24.64 16.17
N SER A 282 -21.11 -24.77 17.11
CA SER A 282 -21.22 -23.83 18.25
C SER A 282 -20.40 -24.40 19.42
N GLU A 283 -19.89 -25.63 19.33
CA GLU A 283 -19.01 -26.21 20.39
C GLU A 283 -18.23 -27.41 19.85
N PRO A 284 -17.15 -27.83 20.54
CA PRO A 284 -16.34 -28.96 20.08
C PRO A 284 -16.96 -30.29 20.56
N ASN A 285 -17.81 -30.87 19.73
CA ASN A 285 -18.66 -32.05 20.06
C ASN A 285 -18.34 -33.20 19.10
N LEU A 286 -17.74 -34.28 19.60
CA LEU A 286 -17.33 -35.46 18.79
C LEU A 286 -18.55 -36.02 18.06
N GLU A 287 -19.67 -36.16 18.75
CA GLU A 287 -20.86 -36.86 18.18
C GLU A 287 -21.35 -36.08 16.95
N ASP A 288 -21.42 -34.74 17.02
CA ASP A 288 -21.91 -33.88 15.91
C ASP A 288 -20.92 -33.93 14.74
N ALA A 289 -19.62 -33.82 15.03
CA ALA A 289 -18.55 -33.98 14.04
C ALA A 289 -18.75 -35.32 13.32
N LYS A 290 -19.09 -36.38 14.05
CA LYS A 290 -19.23 -37.74 13.47
C LYS A 290 -20.48 -37.77 12.60
N ARG A 291 -21.57 -37.19 13.06
CA ARG A 291 -22.85 -37.24 12.31
C ARG A 291 -22.66 -36.51 10.98
N PHE A 292 -22.00 -35.35 11.02
CA PHE A 292 -21.77 -34.54 9.80
C PHE A 292 -20.92 -35.37 8.83
N ALA A 293 -19.80 -35.92 9.28
CA ALA A 293 -18.87 -36.71 8.42
C ALA A 293 -19.60 -37.94 7.86
N ASP A 294 -20.37 -38.66 8.69
CA ASP A 294 -21.16 -39.84 8.24
C ASP A 294 -22.13 -39.42 7.13
N ALA A 295 -22.81 -38.30 7.28
CA ALA A 295 -23.81 -37.82 6.30
C ALA A 295 -23.11 -37.49 4.97
N ILE A 296 -21.98 -36.79 5.05
CA ILE A 296 -21.22 -36.45 3.82
C ILE A 296 -20.76 -37.74 3.15
N HIS A 297 -20.14 -38.64 3.93
CA HIS A 297 -19.46 -39.88 3.48
C HIS A 297 -20.46 -40.91 2.94
N LYS A 298 -21.74 -40.82 3.31
CA LYS A 298 -22.81 -41.63 2.69
C LYS A 298 -22.90 -41.34 1.18
N GLU A 299 -22.64 -40.11 0.74
CA GLU A 299 -22.82 -39.70 -0.68
C GLU A 299 -21.46 -39.55 -1.34
N HIS A 300 -20.44 -39.20 -0.57
CA HIS A 300 -19.08 -38.84 -1.05
C HIS A 300 -18.09 -39.60 -0.20
N PRO A 301 -18.07 -40.94 -0.31
CA PRO A 301 -17.11 -41.73 0.47
C PRO A 301 -15.69 -41.17 0.21
N GLY A 302 -14.90 -41.00 1.26
CA GLY A 302 -13.48 -40.57 1.19
C GLY A 302 -13.31 -39.05 1.22
N LYS A 303 -14.38 -38.26 1.20
CA LYS A 303 -14.30 -36.77 1.14
C LYS A 303 -13.50 -36.23 2.33
N LEU A 304 -12.47 -35.45 2.04
CA LEU A 304 -11.64 -34.81 3.10
C LEU A 304 -12.48 -33.68 3.72
N LEU A 305 -12.40 -33.55 5.04
CA LEU A 305 -13.15 -32.54 5.82
C LEU A 305 -12.14 -31.64 6.54
N ALA A 306 -12.56 -30.44 6.92
CA ALA A 306 -11.74 -29.51 7.75
C ALA A 306 -12.54 -29.20 9.02
N TYR A 307 -11.85 -28.90 10.10
CA TYR A 307 -12.46 -28.60 11.42
C TYR A 307 -11.75 -27.43 12.09
N ASN A 308 -12.57 -26.50 12.55
CA ASN A 308 -12.10 -25.28 13.24
C ASN A 308 -12.01 -25.58 14.73
N CYS A 309 -10.80 -25.68 15.28
CA CYS A 309 -10.61 -25.88 16.74
C CYS A 309 -10.63 -24.49 17.39
N SER A 310 -11.83 -23.90 17.50
CA SER A 310 -12.02 -22.43 17.65
C SER A 310 -11.66 -21.96 19.06
N PRO A 311 -10.80 -20.91 19.20
CA PRO A 311 -10.70 -20.20 20.48
C PRO A 311 -11.99 -19.48 20.88
N SER A 312 -13.00 -19.43 20.01
CA SER A 312 -14.33 -18.88 20.34
C SER A 312 -15.09 -19.83 21.28
N PHE A 313 -14.64 -21.07 21.39
CA PHE A 313 -15.13 -22.05 22.38
C PHE A 313 -14.37 -21.88 23.70
N ASN A 314 -15.07 -22.05 24.80
CA ASN A 314 -14.49 -22.19 26.14
C ASN A 314 -14.20 -23.67 26.32
N TRP A 315 -12.99 -24.12 25.97
CA TRP A 315 -12.67 -25.56 25.86
C TRP A 315 -12.90 -26.29 27.19
N LYS A 316 -12.39 -25.76 28.30
CA LYS A 316 -12.52 -26.38 29.64
C LYS A 316 -14.00 -26.42 30.05
N GLN A 317 -14.83 -25.45 29.64
CA GLN A 317 -16.29 -25.49 29.98
C GLN A 317 -16.95 -26.64 29.20
N LYS A 318 -16.44 -27.00 28.04
CA LYS A 318 -17.15 -27.95 27.13
C LYS A 318 -16.63 -29.37 27.29
N LEU A 319 -15.35 -29.56 27.62
CA LEU A 319 -14.68 -30.88 27.55
C LEU A 319 -13.78 -31.05 28.78
N ASP A 320 -13.69 -32.28 29.30
CA ASP A 320 -12.69 -32.57 30.37
C ASP A 320 -11.31 -32.69 29.71
N GLU A 321 -10.26 -32.76 30.53
CA GLU A 321 -8.87 -32.62 30.04
C GLU A 321 -8.53 -33.82 29.16
N LYS A 322 -9.01 -35.02 29.50
CA LYS A 322 -8.75 -36.21 28.64
C LYS A 322 -9.33 -35.96 27.24
N ALA A 323 -10.54 -35.43 27.16
CA ALA A 323 -11.25 -35.19 25.89
C ALA A 323 -10.57 -34.05 25.09
N ILE A 324 -10.08 -33.00 25.78
CA ILE A 324 -9.30 -31.91 25.13
C ILE A 324 -8.03 -32.50 24.50
N ALA A 325 -7.29 -33.33 25.25
CA ALA A 325 -5.97 -33.89 24.82
C ALA A 325 -6.15 -34.83 23.62
N SER A 326 -7.27 -35.55 23.53
CA SER A 326 -7.50 -36.54 22.44
C SER A 326 -8.31 -35.96 21.26
N PHE A 327 -8.84 -34.74 21.38
CA PHE A 327 -9.85 -34.21 20.43
C PHE A 327 -9.39 -34.33 18.96
N GLN A 328 -8.20 -33.86 18.59
CA GLN A 328 -7.79 -33.75 17.15
C GLN A 328 -7.56 -35.16 16.59
N LYS A 329 -6.97 -36.02 17.41
CA LYS A 329 -6.65 -37.44 17.10
C LYS A 329 -7.94 -38.15 16.71
N GLU A 330 -9.00 -37.86 17.44
CA GLU A 330 -10.33 -38.53 17.35
C GLU A 330 -11.09 -38.06 16.10
N ILE A 331 -11.30 -36.75 15.95
CA ILE A 331 -12.07 -36.23 14.78
C ILE A 331 -11.27 -36.46 13.50
N ALA A 332 -9.94 -36.55 13.56
CA ALA A 332 -9.15 -36.97 12.39
C ALA A 332 -9.67 -38.33 11.87
N SER A 333 -10.07 -39.24 12.75
CA SER A 333 -10.45 -40.62 12.32
C SER A 333 -11.76 -40.57 11.52
N TYR A 334 -12.56 -39.51 11.70
CA TYR A 334 -13.81 -39.28 10.93
C TYR A 334 -13.54 -38.63 9.58
N GLY A 335 -12.31 -38.19 9.28
CA GLY A 335 -11.98 -37.59 7.99
C GLY A 335 -11.63 -36.10 8.06
N TYR A 336 -11.53 -35.53 9.28
CA TYR A 336 -11.14 -34.11 9.50
C TYR A 336 -9.61 -34.03 9.45
N LYS A 337 -9.07 -33.99 8.24
CA LYS A 337 -7.62 -34.11 7.99
C LYS A 337 -6.97 -32.72 7.96
N PHE A 338 -7.76 -31.64 7.91
CA PHE A 338 -7.24 -30.25 8.08
C PHE A 338 -7.92 -29.60 9.29
N GLN A 339 -7.15 -29.39 10.35
CA GLN A 339 -7.58 -28.83 11.65
C GLN A 339 -6.78 -27.58 11.97
N PHE A 340 -7.41 -26.56 12.54
CA PHE A 340 -6.73 -25.26 12.69
C PHE A 340 -7.36 -24.52 13.86
N VAL A 341 -6.50 -23.87 14.64
CA VAL A 341 -6.91 -22.90 15.68
C VAL A 341 -6.87 -21.51 15.04
N THR A 342 -8.01 -21.04 14.56
CA THR A 342 -8.15 -19.76 13.81
C THR A 342 -7.40 -18.61 14.47
N LEU A 343 -7.62 -18.34 15.77
CA LEU A 343 -7.18 -17.07 16.41
C LEU A 343 -5.97 -17.30 17.32
N ALA A 344 -5.23 -18.40 17.10
CA ALA A 344 -4.02 -18.72 17.89
C ALA A 344 -3.05 -17.53 17.91
N GLY A 345 -2.84 -16.91 16.74
CA GLY A 345 -1.89 -15.80 16.58
C GLY A 345 -2.32 -14.60 17.39
N PHE A 346 -3.60 -14.25 17.31
CA PHE A 346 -4.18 -13.11 18.07
C PHE A 346 -3.99 -13.35 19.57
N HIS A 347 -4.31 -14.54 20.06
CA HIS A 347 -4.25 -14.83 21.52
C HIS A 347 -2.78 -14.92 21.98
N SER A 348 -1.90 -15.55 21.21
CA SER A 348 -0.44 -15.60 21.51
C SER A 348 0.12 -14.18 21.61
N LEU A 349 -0.10 -13.34 20.60
CA LEU A 349 0.50 -11.98 20.52
C LEU A 349 -0.05 -11.11 21.65
N ASN A 350 -1.36 -11.16 21.90
CA ASN A 350 -1.99 -10.27 22.91
C ASN A 350 -1.60 -10.69 24.33
N TYR A 351 -1.73 -11.98 24.64
CA TYR A 351 -1.45 -12.51 25.98
C TYR A 351 0.03 -12.27 26.32
N GLY A 352 0.94 -12.67 25.44
CA GLY A 352 2.39 -12.54 25.70
C GLY A 352 2.81 -11.10 25.96
N MET A 353 2.29 -10.14 25.18
CA MET A 353 2.64 -8.71 25.35
C MET A 353 2.00 -8.16 26.64
N PHE A 354 0.76 -8.53 26.97
CA PHE A 354 0.15 -8.09 28.24
C PHE A 354 1.01 -8.55 29.43
N GLU A 355 1.38 -9.84 29.46
CA GLU A 355 2.22 -10.45 30.54
C GLU A 355 3.57 -9.76 30.64
N LEU A 356 4.27 -9.58 29.52
CA LEU A 356 5.57 -8.86 29.49
C LEU A 356 5.41 -7.41 29.95
N ALA A 357 4.45 -6.65 29.42
CA ALA A 357 4.27 -5.23 29.76
C ALA A 357 3.91 -5.09 31.25
N ARG A 358 3.06 -5.96 31.78
CA ARG A 358 2.68 -5.84 33.23
C ARG A 358 3.91 -6.10 34.09
N GLY A 359 4.65 -7.19 33.84
CA GLY A 359 5.91 -7.48 34.55
C GLY A 359 6.88 -6.32 34.46
N TYR A 360 6.96 -5.69 33.29
CA TYR A 360 7.88 -4.56 33.06
C TYR A 360 7.39 -3.34 33.83
N LYS A 361 6.07 -3.11 33.85
CA LYS A 361 5.52 -1.95 34.59
C LYS A 361 5.93 -2.08 36.07
N GLU A 362 5.78 -3.28 36.66
CA GLU A 362 6.04 -3.59 38.08
C GLU A 362 7.54 -3.77 38.37
N ARG A 363 8.36 -4.33 37.47
CA ARG A 363 9.70 -4.83 37.87
C ARG A 363 10.80 -4.43 36.87
N GLY A 364 10.50 -3.58 35.89
CA GLY A 364 11.48 -3.11 34.91
C GLY A 364 12.21 -4.26 34.26
N MET A 365 13.55 -4.16 34.21
CA MET A 365 14.36 -5.09 33.38
C MET A 365 14.38 -6.47 34.02
N ALA A 366 13.94 -6.67 35.25
CA ALA A 366 13.89 -8.05 35.77
C ALA A 366 12.85 -8.87 34.98
N ALA A 367 11.75 -8.25 34.54
CA ALA A 367 10.70 -8.89 33.72
C ALA A 367 11.25 -9.21 32.32
N TYR A 368 12.03 -8.31 31.74
CA TYR A 368 12.55 -8.53 30.39
C TYR A 368 13.61 -9.64 30.44
N SER A 369 14.52 -9.56 31.42
CA SER A 369 15.55 -10.62 31.65
C SER A 369 14.92 -12.01 31.83
N GLU A 370 13.76 -12.13 32.48
CA GLU A 370 13.03 -13.44 32.61
C GLU A 370 12.63 -13.98 31.22
N LEU A 371 12.14 -13.11 30.32
CA LEU A 371 11.78 -13.55 28.94
C LEU A 371 13.06 -14.01 28.26
N GLN A 372 14.09 -13.18 28.31
CA GLN A 372 15.36 -13.52 27.61
C GLN A 372 15.88 -14.87 28.13
N GLN A 373 15.82 -15.12 29.44
CA GLN A 373 16.28 -16.43 30.00
C GLN A 373 15.36 -17.56 29.53
N ALA A 374 14.06 -17.33 29.39
CA ALA A 374 13.13 -18.35 28.86
C ALA A 374 13.56 -18.70 27.44
N GLU A 375 13.93 -17.71 26.66
CA GLU A 375 14.34 -17.88 25.24
C GLU A 375 15.61 -18.75 25.20
N PHE A 376 16.62 -18.46 26.05
CA PHE A 376 17.88 -19.26 26.10
C PHE A 376 17.55 -20.72 26.41
N ALA A 377 16.66 -20.95 27.38
CA ALA A 377 16.20 -22.29 27.80
C ALA A 377 15.53 -23.04 26.63
N ALA A 378 14.85 -22.34 25.71
CA ALA A 378 14.10 -22.95 24.57
C ALA A 378 15.05 -23.31 23.42
N GLU A 379 16.28 -22.78 23.38
CA GLU A 379 17.20 -23.04 22.23
C GLU A 379 17.44 -24.56 22.09
N LYS A 380 17.48 -25.31 23.20
CA LYS A 380 17.66 -26.81 23.20
C LYS A 380 16.57 -27.49 22.38
N HIS A 381 15.41 -26.83 22.24
CA HIS A 381 14.17 -27.41 21.68
C HIS A 381 13.96 -26.91 20.26
N GLY A 382 14.89 -26.13 19.71
CA GLY A 382 14.83 -25.65 18.33
C GLY A 382 14.54 -24.16 18.19
N TYR A 383 14.41 -23.39 19.27
CA TYR A 383 14.22 -21.91 19.17
C TYR A 383 15.58 -21.27 18.85
N SER A 384 15.63 -20.31 17.93
CA SER A 384 16.88 -19.61 17.52
C SER A 384 16.78 -18.07 17.62
N ALA A 385 15.57 -17.53 17.84
CA ALA A 385 15.30 -16.07 17.72
C ALA A 385 15.96 -15.26 18.85
N THR A 386 16.48 -15.90 19.90
CA THR A 386 17.26 -15.19 20.95
C THR A 386 18.43 -14.45 20.29
N ARG A 387 19.01 -15.07 19.26
CA ARG A 387 19.98 -14.45 18.33
C ARG A 387 19.18 -13.80 17.20
N HIS A 388 18.59 -12.67 17.53
CA HIS A 388 17.65 -11.93 16.65
C HIS A 388 18.37 -11.50 15.37
N GLN A 389 19.66 -11.15 15.43
CA GLN A 389 20.36 -10.59 14.27
C GLN A 389 20.42 -11.68 13.20
N ARG A 390 20.84 -12.87 13.60
CA ARG A 390 20.94 -14.04 12.68
C ARG A 390 19.55 -14.37 12.12
N GLU A 391 18.55 -14.36 12.99
CA GLU A 391 17.18 -14.87 12.70
C GLU A 391 16.60 -14.13 11.50
N VAL A 392 16.86 -12.83 11.43
CA VAL A 392 16.21 -11.95 10.43
C VAL A 392 17.10 -11.83 9.19
N GLY A 393 18.23 -12.53 9.13
CA GLY A 393 19.03 -12.68 7.91
C GLY A 393 20.22 -11.72 7.80
N THR A 394 20.72 -11.21 8.92
CA THR A 394 21.94 -10.34 8.93
C THR A 394 23.10 -11.09 8.28
N GLY A 395 23.25 -12.39 8.56
CA GLY A 395 24.30 -13.26 8.00
C GLY A 395 24.13 -13.46 6.51
N TYR A 396 22.88 -13.54 6.03
CA TYR A 396 22.59 -13.63 4.57
C TYR A 396 23.11 -12.37 3.89
N PHE A 397 22.76 -11.19 4.40
CA PHE A 397 23.10 -9.91 3.76
C PHE A 397 24.61 -9.66 3.92
N ASP A 398 25.24 -10.13 5.00
CA ASP A 398 26.72 -10.05 5.14
C ASP A 398 27.36 -10.80 3.95
N GLU A 399 26.82 -11.97 3.61
CA GLU A 399 27.32 -12.85 2.53
C GLU A 399 27.04 -12.19 1.17
N VAL A 400 25.88 -11.54 0.97
CA VAL A 400 25.62 -10.76 -0.28
C VAL A 400 26.69 -9.68 -0.42
N ALA A 401 26.97 -8.90 0.63
CA ALA A 401 27.99 -7.81 0.60
C ALA A 401 29.35 -8.43 0.27
N GLN A 402 29.65 -9.61 0.84
CA GLN A 402 30.98 -10.26 0.63
C GLN A 402 31.12 -10.66 -0.84
N VAL A 403 30.05 -11.21 -1.43
CA VAL A 403 30.09 -11.67 -2.84
C VAL A 403 30.28 -10.44 -3.72
N ILE A 404 29.57 -9.35 -3.42
CA ILE A 404 29.63 -8.09 -4.22
C ILE A 404 31.05 -7.51 -4.16
N THR A 405 31.68 -7.46 -2.98
CA THR A 405 32.98 -6.75 -2.78
C THR A 405 34.18 -7.68 -2.97
N GLY A 406 33.99 -8.94 -3.38
CA GLY A 406 35.06 -9.96 -3.40
C GLY A 406 35.71 -10.09 -2.04
N GLY A 407 34.91 -10.09 -0.98
CA GLY A 407 35.35 -10.28 0.41
C GLY A 407 36.19 -9.14 0.96
N THR A 408 36.06 -7.92 0.43
CA THR A 408 36.83 -6.73 0.89
C THR A 408 35.94 -5.73 1.68
N SER A 409 34.64 -5.98 1.88
CA SER A 409 33.79 -4.99 2.60
C SER A 409 34.35 -4.66 4.00
N SER A 410 34.30 -3.39 4.41
CA SER A 410 34.68 -2.90 5.78
C SER A 410 33.47 -2.81 6.72
N THR A 411 32.25 -2.93 6.19
CA THR A 411 30.99 -2.56 6.88
C THR A 411 30.03 -3.75 6.94
N THR A 412 30.54 -4.98 7.11
CA THR A 412 29.67 -6.16 7.36
C THR A 412 29.22 -6.08 8.83
N ALA A 413 28.08 -6.70 9.15
CA ALA A 413 27.28 -6.42 10.35
C ALA A 413 27.64 -7.39 11.49
N LEU A 414 27.78 -8.69 11.22
CA LEU A 414 27.81 -9.69 12.31
C LEU A 414 29.16 -9.65 13.03
N LYS A 415 30.27 -9.47 12.31
CA LYS A 415 31.60 -9.29 12.95
C LYS A 415 31.56 -7.97 13.72
N GLY A 416 31.93 -8.01 15.00
CA GLY A 416 31.94 -6.83 15.88
C GLY A 416 30.57 -6.54 16.47
N SER A 417 29.58 -7.42 16.30
CA SER A 417 28.22 -7.28 16.89
C SER A 417 28.23 -7.70 18.38
N THR A 418 27.27 -7.21 19.18
CA THR A 418 27.09 -7.64 20.59
C THR A 418 26.53 -9.06 20.58
N GLU A 419 25.85 -9.46 19.50
CA GLU A 419 25.39 -10.85 19.28
C GLU A 419 26.59 -11.80 19.27
N GLU A 420 27.59 -11.51 18.42
CA GLU A 420 28.84 -12.31 18.27
C GLU A 420 29.54 -12.34 19.64
N ALA A 421 29.61 -11.24 20.39
CA ALA A 421 30.36 -11.17 21.69
C ALA A 421 29.57 -11.82 22.83
N GLN A 422 28.23 -11.68 22.90
CA GLN A 422 27.46 -11.92 24.15
C GLN A 422 26.52 -13.14 24.03
N PHE A 423 26.32 -13.74 22.85
CA PHE A 423 25.34 -14.86 22.67
C PHE A 423 26.01 -16.10 22.07
N LYS B 2 -1.08 36.46 8.48
CA LYS B 2 0.33 36.19 8.04
C LYS B 2 1.35 36.73 9.06
N ASN B 3 1.15 37.97 9.51
CA ASN B 3 1.87 38.52 10.70
C ASN B 3 1.50 37.66 11.93
N GLU B 4 0.23 37.29 12.05
CA GLU B 4 -0.31 36.47 13.18
C GLU B 4 0.34 35.08 13.17
N ARG B 5 0.53 34.45 12.00
CA ARG B 5 1.16 33.11 11.91
C ARG B 5 2.64 33.20 12.32
N ILE B 6 3.33 34.26 11.89
CA ILE B 6 4.76 34.50 12.22
C ILE B 6 4.86 34.81 13.72
N GLU B 7 4.00 35.73 14.20
CA GLU B 7 3.95 36.23 15.60
C GLU B 7 3.73 35.05 16.57
N LYS B 8 2.74 34.19 16.34
CA LYS B 8 2.43 33.05 17.25
C LYS B 8 3.63 32.10 17.33
N LEU B 9 4.44 31.98 16.27
CA LEU B 9 5.61 31.09 16.24
C LEU B 9 6.76 31.71 17.05
N GLN B 10 7.07 33.00 16.88
CA GLN B 10 8.25 33.61 17.58
C GLN B 10 7.87 33.79 19.05
N GLU B 11 6.58 33.96 19.33
CA GLU B 11 6.04 34.06 20.71
C GLU B 11 6.21 32.70 21.41
N SER B 12 5.89 31.61 20.72
CA SER B 12 6.08 30.25 21.25
C SER B 12 7.58 30.02 21.55
N TRP B 13 8.44 30.40 20.62
CA TRP B 13 9.89 30.08 20.70
C TRP B 13 10.51 30.89 21.85
N GLU B 14 10.05 32.10 22.06
CA GLU B 14 10.62 33.04 23.07
C GLU B 14 10.08 32.72 24.48
N LEU B 15 8.81 32.36 24.61
CA LEU B 15 8.10 32.36 25.92
C LEU B 15 7.98 30.95 26.46
N ASP B 16 7.96 29.93 25.60
CA ASP B 16 7.61 28.57 26.03
C ASP B 16 8.87 27.83 26.47
N GLU B 17 8.87 27.29 27.69
CA GLU B 17 10.03 26.57 28.26
C GLU B 17 10.21 25.25 27.53
N ARG B 18 9.21 24.80 26.75
CA ARG B 18 9.37 23.68 25.78
C ARG B 18 10.66 23.93 24.97
N TRP B 19 10.97 25.19 24.63
CA TRP B 19 12.11 25.52 23.73
C TRP B 19 13.34 26.01 24.49
N GLU B 20 13.38 25.87 25.82
CA GLU B 20 14.59 26.24 26.62
C GLU B 20 15.79 25.39 26.16
N GLY B 21 16.88 26.06 25.79
CA GLY B 21 18.15 25.42 25.40
C GLY B 21 18.17 24.98 23.95
N ILE B 22 17.11 25.23 23.19
CA ILE B 22 16.97 24.71 21.80
C ILE B 22 17.36 25.81 20.83
N THR B 23 18.28 25.53 19.92
CA THR B 23 18.67 26.54 18.90
C THR B 23 18.00 26.18 17.56
N ARG B 24 17.44 27.20 16.93
CA ARG B 24 16.87 27.18 15.58
C ARG B 24 17.64 28.19 14.75
N PRO B 25 18.44 27.71 13.79
CA PRO B 25 19.27 28.62 13.00
C PRO B 25 18.45 29.44 12.00
N TYR B 26 17.16 29.14 11.83
CA TYR B 26 16.25 29.78 10.84
C TYR B 26 15.23 30.64 11.58
N SER B 27 14.47 31.43 10.84
CA SER B 27 13.51 32.42 11.36
C SER B 27 12.09 31.83 11.33
N ALA B 28 11.19 32.40 12.13
CA ALA B 28 9.74 32.16 12.04
C ALA B 28 9.28 32.52 10.62
N GLU B 29 9.84 33.57 10.01
CA GLU B 29 9.51 33.95 8.61
C GLU B 29 9.78 32.76 7.69
N ASP B 30 10.93 32.10 7.82
CA ASP B 30 11.30 30.98 6.90
C ASP B 30 10.29 29.85 7.06
N VAL B 31 9.91 29.52 8.29
CA VAL B 31 8.91 28.46 8.55
C VAL B 31 7.63 28.80 7.80
N ILE B 32 7.13 30.02 7.96
CA ILE B 32 5.79 30.38 7.38
C ILE B 32 5.89 30.37 5.84
N ARG B 33 7.05 30.75 5.28
CA ARG B 33 7.26 30.71 3.81
C ARG B 33 7.23 29.26 3.30
N LEU B 34 7.59 28.28 4.14
CA LEU B 34 7.58 26.84 3.73
C LEU B 34 6.25 26.18 4.04
N ARG B 35 5.36 26.79 4.83
CA ARG B 35 4.18 26.08 5.34
C ARG B 35 3.09 26.05 4.26
N GLY B 36 2.95 27.14 3.53
CA GLY B 36 1.88 27.31 2.54
C GLY B 36 0.87 28.28 3.09
N SER B 37 -0.30 28.35 2.47
CA SER B 37 -1.30 29.41 2.76
C SER B 37 -2.22 28.98 3.90
N ILE B 38 -2.20 27.71 4.34
CA ILE B 38 -3.12 27.29 5.43
C ILE B 38 -2.33 26.50 6.48
N ASP B 39 -2.89 26.45 7.69
CA ASP B 39 -2.44 25.60 8.81
C ASP B 39 -3.32 24.35 8.83
N ILE B 40 -2.74 23.17 8.78
CA ILE B 40 -3.46 21.88 8.91
C ILE B 40 -3.28 21.39 10.35
N GLU B 41 -4.35 20.92 11.00
CA GLU B 41 -4.28 20.47 12.40
C GLU B 41 -3.83 19.00 12.42
N HIS B 42 -2.97 18.65 13.36
CA HIS B 42 -2.50 17.27 13.58
C HIS B 42 -2.78 16.89 15.04
N THR B 43 -4.02 16.55 15.34
CA THR B 43 -4.52 16.45 16.73
C THR B 43 -3.67 15.46 17.52
N LEU B 44 -3.47 14.25 17.00
CA LEU B 44 -2.83 13.17 17.80
C LEU B 44 -1.33 13.47 17.99
N ALA B 45 -0.65 14.00 16.96
CA ALA B 45 0.78 14.42 17.05
C ALA B 45 0.94 15.53 18.09
N ARG B 46 0.03 16.50 18.10
CA ARG B 46 0.11 17.67 19.02
C ARG B 46 -0.17 17.19 20.46
N ARG B 47 -1.32 16.56 20.71
CA ARG B 47 -1.75 16.06 22.04
C ARG B 47 -0.69 15.07 22.57
N GLY B 48 -0.20 14.19 21.69
CA GLY B 48 0.82 13.21 22.06
C GLY B 48 2.13 13.86 22.48
N ALA B 49 2.68 14.79 21.70
CA ALA B 49 3.93 15.51 22.01
C ALA B 49 3.77 16.32 23.31
N GLU B 50 2.59 16.90 23.58
CA GLU B 50 2.35 17.71 24.81
C GLU B 50 2.36 16.75 26.02
N LYS B 51 1.59 15.66 25.90
CA LYS B 51 1.51 14.62 26.95
C LYS B 51 2.91 14.08 27.23
N LEU B 52 3.68 13.79 26.17
CA LEU B 52 5.02 13.20 26.35
C LEU B 52 5.93 14.19 27.10
N TRP B 53 5.95 15.45 26.67
CA TRP B 53 6.76 16.52 27.30
C TRP B 53 6.43 16.58 28.79
N THR B 54 5.15 16.61 29.14
CA THR B 54 4.64 16.71 30.53
C THR B 54 5.09 15.48 31.33
N SER B 55 4.90 14.26 30.83
CA SER B 55 5.32 12.98 31.46
C SER B 55 6.82 12.98 31.80
N LEU B 56 7.66 13.44 30.86
CA LEU B 56 9.13 13.46 31.02
C LEU B 56 9.50 14.41 32.17
N HIS B 57 8.63 15.39 32.53
CA HIS B 57 8.90 16.38 33.60
C HIS B 57 8.22 16.01 34.93
N THR B 58 7.11 15.28 34.93
CA THR B 58 6.38 14.96 36.19
C THR B 58 6.74 13.57 36.73
N GLU B 59 7.29 12.65 35.94
CA GLU B 59 7.60 11.27 36.41
C GLU B 59 9.11 11.13 36.59
N ASP B 60 9.57 10.18 37.39
CA ASP B 60 11.03 9.90 37.56
C ASP B 60 11.61 9.43 36.22
N TYR B 61 10.85 8.66 35.49
CA TYR B 61 11.20 8.20 34.11
C TYR B 61 9.92 7.66 33.46
N ILE B 62 10.00 7.50 32.16
CA ILE B 62 8.97 6.82 31.32
C ILE B 62 9.63 5.60 30.74
N ASN B 63 9.09 4.42 30.98
CA ASN B 63 9.66 3.19 30.36
C ASN B 63 8.67 2.64 29.33
N ALA B 64 9.17 2.27 28.15
CA ALA B 64 8.39 1.71 27.03
C ALA B 64 8.96 0.35 26.60
N LEU B 65 8.15 -0.39 25.83
CA LEU B 65 8.55 -1.59 25.07
C LEU B 65 8.32 -1.36 23.57
N GLY B 66 9.17 -1.95 22.72
CA GLY B 66 8.92 -1.99 21.27
C GLY B 66 7.58 -2.65 20.99
N ALA B 67 6.80 -2.05 20.11
CA ALA B 67 5.52 -2.59 19.58
C ALA B 67 5.59 -2.59 18.05
N LEU B 68 5.20 -3.68 17.40
CA LEU B 68 5.16 -3.69 15.91
C LEU B 68 3.72 -3.88 15.43
N THR B 69 2.75 -4.11 16.31
CA THR B 69 1.32 -4.13 15.94
C THR B 69 0.53 -3.24 16.91
N GLY B 70 -0.64 -2.81 16.45
CA GLY B 70 -1.61 -2.03 17.25
C GLY B 70 -2.02 -2.84 18.45
N ASN B 71 -2.24 -4.16 18.29
CA ASN B 71 -2.63 -5.02 19.45
C ASN B 71 -1.51 -5.04 20.51
N GLN B 72 -0.24 -5.14 20.15
CA GLN B 72 0.87 -5.12 21.13
C GLN B 72 0.82 -3.81 21.93
N ALA B 73 0.62 -2.71 21.23
CA ALA B 73 0.63 -1.34 21.79
C ALA B 73 -0.52 -1.20 22.78
N MET B 74 -1.69 -1.66 22.36
CA MET B 74 -2.92 -1.65 23.17
C MET B 74 -2.70 -2.43 24.47
N GLN B 75 -2.06 -3.60 24.44
CA GLN B 75 -1.81 -4.38 25.68
C GLN B 75 -0.78 -3.65 26.57
N GLN B 76 0.19 -2.96 25.98
CA GLN B 76 1.17 -2.12 26.72
C GLN B 76 0.40 -1.07 27.51
N VAL B 77 -0.56 -0.41 26.88
CA VAL B 77 -1.39 0.62 27.58
C VAL B 77 -2.19 -0.04 28.69
N LYS B 78 -2.87 -1.15 28.42
CA LYS B 78 -3.73 -1.89 29.40
C LYS B 78 -2.90 -2.30 30.61
N ALA B 79 -1.62 -2.62 30.42
CA ALA B 79 -0.72 -3.04 31.51
C ALA B 79 -0.25 -1.83 32.31
N GLY B 80 -0.48 -0.61 31.85
CA GLY B 80 -0.15 0.64 32.57
C GLY B 80 1.11 1.31 32.06
N LEU B 81 1.61 1.00 30.85
CA LEU B 81 2.79 1.75 30.33
C LEU B 81 2.32 3.09 29.75
N LYS B 82 3.21 4.09 29.82
CA LYS B 82 2.90 5.52 29.58
C LYS B 82 3.44 6.02 28.23
N ALA B 83 4.10 5.15 27.47
CA ALA B 83 4.60 5.45 26.12
C ALA B 83 4.74 4.14 25.34
N ILE B 84 4.81 4.27 24.03
CA ILE B 84 4.97 3.12 23.11
C ILE B 84 6.22 3.42 22.30
N TYR B 85 7.12 2.46 22.20
CA TYR B 85 8.32 2.60 21.35
C TYR B 85 8.07 1.87 20.02
N LEU B 86 8.32 2.57 18.91
CA LEU B 86 8.17 1.98 17.57
C LEU B 86 9.55 1.82 16.95
N SER B 87 10.02 0.58 16.98
CA SER B 87 11.37 0.11 16.58
C SER B 87 11.40 -0.02 15.07
N GLY B 88 12.41 0.56 14.43
CA GLY B 88 12.68 0.35 12.99
C GLY B 88 13.22 -1.04 12.75
N TRP B 89 14.00 -1.56 13.69
CA TRP B 89 14.50 -2.96 13.70
C TRP B 89 13.30 -3.90 13.55
N GLN B 90 12.26 -3.74 14.37
CA GLN B 90 11.08 -4.65 14.36
C GLN B 90 10.36 -4.54 13.01
N VAL B 91 10.24 -3.31 12.51
CA VAL B 91 9.59 -3.03 11.20
C VAL B 91 10.42 -3.71 10.10
N ALA B 92 11.75 -3.64 10.15
CA ALA B 92 12.61 -4.32 9.16
C ALA B 92 12.35 -5.84 9.20
N ALA B 93 12.20 -6.40 10.40
CA ALA B 93 12.06 -7.85 10.64
C ALA B 93 10.72 -8.41 10.13
N ASP B 94 9.62 -7.66 10.29
CA ASP B 94 8.28 -8.31 10.28
C ASP B 94 7.11 -7.35 10.00
N ALA B 95 7.32 -6.06 9.71
CA ALA B 95 6.18 -5.13 9.58
C ALA B 95 6.50 -3.94 8.67
N ASN B 96 7.13 -4.18 7.51
CA ASN B 96 7.45 -3.09 6.56
C ASN B 96 6.65 -3.27 5.28
N LEU B 97 6.59 -2.21 4.47
CA LEU B 97 5.65 -2.14 3.34
C LEU B 97 6.15 -2.91 2.11
N SER B 98 7.39 -3.40 2.09
CA SER B 98 7.87 -4.30 1.01
C SER B 98 7.45 -5.74 1.36
N GLY B 99 7.02 -5.99 2.60
CA GLY B 99 6.57 -7.31 3.07
C GLY B 99 7.70 -8.32 3.19
N HIS B 100 8.96 -7.87 3.25
CA HIS B 100 10.14 -8.76 3.35
C HIS B 100 10.67 -8.77 4.79
N MET B 101 11.37 -9.84 5.13
CA MET B 101 12.13 -9.96 6.40
C MET B 101 13.56 -9.49 6.16
N TYR B 102 13.90 -8.40 6.82
CA TYR B 102 15.16 -7.64 6.62
C TYR B 102 15.94 -7.52 7.94
N PRO B 103 17.28 -7.51 7.81
CA PRO B 103 18.13 -7.06 8.90
C PRO B 103 18.00 -5.55 8.99
N ASP B 104 18.63 -4.97 10.01
CA ASP B 104 18.39 -3.58 10.40
C ASP B 104 19.42 -2.67 9.71
N GLN B 105 19.23 -2.47 8.40
CA GLN B 105 20.22 -1.82 7.51
C GLN B 105 19.52 -0.84 6.54
N SER B 106 18.35 -0.30 6.95
CA SER B 106 17.58 0.71 6.19
C SER B 106 17.24 0.19 4.79
N LEU B 107 16.84 -1.07 4.69
CA LEU B 107 16.56 -1.72 3.38
C LEU B 107 15.08 -1.54 3.00
N TYR B 108 14.18 -1.26 3.95
CA TYR B 108 12.72 -1.23 3.71
C TYR B 108 12.28 0.15 3.22
N PRO B 109 11.04 0.29 2.72
CA PRO B 109 10.55 1.57 2.18
C PRO B 109 10.40 2.61 3.30
N ALA B 110 10.88 3.83 3.02
CA ALA B 110 11.02 4.95 3.99
C ALA B 110 9.67 5.30 4.64
N ASN B 111 8.54 4.96 4.06
CA ASN B 111 7.22 5.28 4.69
C ASN B 111 6.76 4.14 5.61
N SER B 112 7.55 3.11 5.87
CA SER B 112 7.07 1.95 6.66
C SER B 112 6.79 2.33 8.13
N VAL B 113 7.70 3.03 8.82
CA VAL B 113 7.47 3.32 10.26
C VAL B 113 6.27 4.24 10.43
N PRO B 114 6.07 5.33 9.64
CA PRO B 114 4.83 6.10 9.71
C PRO B 114 3.54 5.29 9.51
N ALA B 115 3.52 4.32 8.59
CA ALA B 115 2.40 3.36 8.40
C ALA B 115 2.12 2.60 9.71
N VAL B 116 3.14 2.17 10.42
CA VAL B 116 2.90 1.48 11.71
C VAL B 116 2.50 2.47 12.80
N VAL B 117 2.98 3.71 12.79
CA VAL B 117 2.53 4.75 13.76
C VAL B 117 1.02 4.91 13.58
N LYS B 118 0.61 5.04 12.32
CA LYS B 118 -0.81 5.26 11.95
C LYS B 118 -1.64 4.08 12.44
N ARG B 119 -1.21 2.84 12.19
CA ARG B 119 -1.93 1.62 12.63
C ARG B 119 -2.12 1.63 14.16
N ILE B 120 -1.05 1.92 14.88
CA ILE B 120 -1.12 1.88 16.37
C ILE B 120 -2.09 2.96 16.84
N ASN B 121 -2.02 4.17 16.29
CA ASN B 121 -2.99 5.22 16.69
C ASN B 121 -4.42 4.77 16.39
N GLN B 122 -4.65 4.10 15.26
CA GLN B 122 -6.04 3.70 14.89
C GLN B 122 -6.51 2.58 15.81
N THR B 123 -5.60 1.70 16.22
CA THR B 123 -5.96 0.64 17.21
C THR B 123 -6.34 1.31 18.54
N LEU B 124 -5.54 2.26 19.00
CA LEU B 124 -5.81 2.98 20.29
C LEU B 124 -7.13 3.74 20.20
N GLN B 125 -7.41 4.36 19.05
CA GLN B 125 -8.68 5.06 18.81
C GLN B 125 -9.86 4.10 18.98
N ARG B 126 -9.77 2.90 18.39
CA ARG B 126 -10.86 1.90 18.49
C ARG B 126 -11.02 1.50 19.96
N ALA B 127 -9.93 1.28 20.70
CA ALA B 127 -10.04 0.86 22.13
C ALA B 127 -10.74 1.99 22.91
N ASP B 128 -10.42 3.24 22.57
CA ASP B 128 -11.00 4.44 23.22
C ASP B 128 -12.51 4.45 22.94
N GLN B 129 -12.89 4.21 21.68
CA GLN B 129 -14.30 4.21 21.20
C GLN B 129 -15.08 3.14 21.96
N ILE B 130 -14.55 1.92 22.12
CA ILE B 130 -15.23 0.81 22.86
C ILE B 130 -15.43 1.25 24.33
N GLN B 131 -14.35 1.67 24.99
CA GLN B 131 -14.42 2.10 26.40
C GLN B 131 -15.47 3.23 26.52
N HIS B 132 -15.40 4.21 25.64
CA HIS B 132 -16.26 5.42 25.70
C HIS B 132 -17.71 4.98 25.54
N MET B 133 -17.96 4.13 24.57
CA MET B 133 -19.34 3.68 24.30
C MET B 133 -19.90 2.96 25.54
N GLU B 134 -19.10 2.11 26.18
CA GLU B 134 -19.55 1.27 27.33
C GLU B 134 -19.77 2.13 28.57
N GLY B 135 -19.19 3.33 28.65
CA GLY B 135 -19.70 4.43 29.50
C GLY B 135 -18.68 4.97 30.48
N SER B 136 -17.37 4.80 30.24
CA SER B 136 -16.27 5.41 31.03
C SER B 136 -15.21 5.98 30.08
N ASP B 137 -14.37 6.88 30.59
CA ASP B 137 -13.04 7.26 30.01
C ASP B 137 -11.95 6.95 31.04
N ASP B 138 -12.02 5.80 31.72
CA ASP B 138 -10.99 5.43 32.72
C ASP B 138 -9.62 5.49 32.03
N THR B 139 -9.29 4.49 31.22
CA THR B 139 -7.94 4.34 30.59
C THR B 139 -7.76 5.41 29.52
N ASP B 140 -6.63 6.12 29.55
CA ASP B 140 -6.18 7.01 28.47
C ASP B 140 -5.41 6.17 27.44
N TYR B 141 -6.07 5.79 26.34
CA TYR B 141 -5.47 4.91 25.30
C TYR B 141 -4.48 5.69 24.43
N PHE B 142 -4.60 7.02 24.41
CA PHE B 142 -3.80 7.92 23.53
C PHE B 142 -2.46 8.22 24.18
N VAL B 143 -1.72 7.16 24.45
CA VAL B 143 -0.33 7.30 24.96
C VAL B 143 0.57 7.67 23.79
N PRO B 144 1.61 8.49 24.07
CA PRO B 144 2.52 8.94 23.05
C PRO B 144 3.39 7.80 22.49
N ILE B 145 3.61 7.88 21.19
CA ILE B 145 4.46 6.94 20.43
C ILE B 145 5.76 7.67 20.12
N VAL B 146 6.90 7.04 20.41
CA VAL B 146 8.24 7.52 20.01
C VAL B 146 8.75 6.59 18.91
N ALA B 147 9.01 7.16 17.73
CA ALA B 147 9.24 6.36 16.51
C ALA B 147 10.67 6.54 16.01
N ASP B 148 11.17 5.44 15.46
CA ASP B 148 12.54 5.30 14.89
C ASP B 148 12.56 5.83 13.45
N ALA B 149 13.27 6.93 13.16
CA ALA B 149 13.48 7.49 11.80
C ALA B 149 14.84 7.03 11.21
N GLU B 150 15.54 6.14 11.88
CA GLU B 150 16.84 5.58 11.41
C GLU B 150 17.78 6.77 11.12
N ALA B 151 18.47 6.75 9.98
CA ALA B 151 19.30 7.89 9.56
C ALA B 151 18.56 8.69 8.48
N GLY B 152 17.23 8.58 8.38
CA GLY B 152 16.45 9.49 7.54
C GLY B 152 16.34 9.05 6.09
N PHE B 153 16.87 7.89 5.72
CA PHE B 153 16.62 7.27 4.40
C PHE B 153 17.18 8.16 3.28
N GLY B 154 18.33 8.80 3.52
CA GLY B 154 19.02 9.60 2.50
C GLY B 154 19.57 10.88 3.08
N GLY B 155 19.42 11.98 2.36
CA GLY B 155 19.98 13.28 2.78
C GLY B 155 19.01 14.08 3.64
N GLN B 156 19.28 15.36 3.76
CA GLN B 156 18.50 16.30 4.62
C GLN B 156 17.05 16.42 4.13
N LEU B 157 16.79 16.34 2.84
CA LEU B 157 15.39 16.39 2.30
C LEU B 157 14.65 15.08 2.65
N ASN B 158 15.32 13.93 2.63
CA ASN B 158 14.69 12.64 3.04
C ASN B 158 14.28 12.71 4.52
N VAL B 159 15.15 13.23 5.39
CA VAL B 159 14.88 13.50 6.83
C VAL B 159 13.63 14.37 6.94
N PHE B 160 13.58 15.47 6.19
CA PHE B 160 12.48 16.45 6.26
C PHE B 160 11.15 15.72 5.96
N GLU B 161 11.13 14.88 4.94
CA GLU B 161 9.90 14.18 4.50
C GLU B 161 9.50 13.12 5.53
N LEU B 162 10.46 12.38 6.05
CA LEU B 162 10.19 11.27 6.98
C LEU B 162 9.63 11.89 8.27
N MET B 163 10.20 12.99 8.75
CA MET B 163 9.68 13.70 9.97
C MET B 163 8.22 14.11 9.74
N LYS B 164 7.91 14.73 8.59
CA LYS B 164 6.51 15.12 8.24
C LYS B 164 5.61 13.88 8.24
N GLY B 165 6.06 12.79 7.61
CA GLY B 165 5.33 11.50 7.60
C GLY B 165 5.05 11.01 9.01
N MET B 166 6.03 11.06 9.90
CA MET B 166 5.88 10.62 11.31
C MET B 166 4.78 11.46 11.99
N ILE B 167 4.80 12.76 11.76
CA ILE B 167 3.86 13.71 12.40
C ILE B 167 2.46 13.52 11.83
N GLU B 168 2.35 13.37 10.51
CA GLU B 168 1.05 13.08 9.84
C GLU B 168 0.39 11.84 10.47
N ALA B 169 1.17 10.82 10.74
CA ALA B 169 0.74 9.54 11.32
C ALA B 169 0.41 9.67 12.82
N GLY B 170 0.79 10.78 13.46
CA GLY B 170 0.44 11.06 14.87
C GLY B 170 1.51 10.59 15.84
N ALA B 171 2.77 10.51 15.42
CA ALA B 171 3.90 10.24 16.36
C ALA B 171 4.10 11.45 17.31
N SER B 172 4.51 11.17 18.55
CA SER B 172 4.74 12.17 19.62
C SER B 172 6.21 12.54 19.65
N GLY B 173 7.09 11.60 19.29
CA GLY B 173 8.53 11.82 19.25
C GLY B 173 9.17 11.00 18.16
N VAL B 174 10.35 11.44 17.71
CA VAL B 174 11.08 10.76 16.60
C VAL B 174 12.58 10.83 16.89
N HIS B 175 13.29 9.73 16.63
CA HIS B 175 14.75 9.61 16.85
C HIS B 175 15.48 9.50 15.51
N PHE B 176 16.61 10.21 15.42
CA PHE B 176 17.54 10.22 14.27
C PHE B 176 18.95 9.95 14.78
N GLU B 177 19.69 9.12 14.05
CA GLU B 177 21.05 8.69 14.39
C GLU B 177 22.07 9.24 13.38
N ASP B 178 23.32 9.33 13.82
CA ASP B 178 24.40 10.07 13.12
C ASP B 178 25.21 9.09 12.24
N GLN B 179 24.51 8.17 11.58
CA GLN B 179 25.07 7.13 10.68
C GLN B 179 24.82 7.54 9.24
N LEU B 180 25.72 7.12 8.35
CA LEU B 180 25.54 7.26 6.89
C LEU B 180 24.38 6.35 6.47
N SER B 181 23.32 6.92 5.91
CA SER B 181 22.06 6.14 5.69
C SER B 181 22.33 4.90 4.81
N SER B 182 23.20 5.02 3.81
CA SER B 182 23.46 3.94 2.84
C SER B 182 24.19 2.75 3.51
N GLU B 183 24.72 2.95 4.72
CA GLU B 183 25.49 1.93 5.49
C GLU B 183 24.83 1.74 6.86
N LYS B 184 23.60 2.19 7.05
CA LYS B 184 22.96 2.21 8.40
C LYS B 184 23.03 0.79 8.98
N LYS B 185 23.36 0.70 10.27
CA LYS B 185 23.26 -0.55 11.06
C LYS B 185 22.48 -0.31 12.36
N CYS B 186 21.87 -1.37 12.87
CA CYS B 186 21.50 -1.53 14.29
C CYS B 186 22.68 -1.06 15.17
N GLY B 187 22.41 -0.34 16.25
CA GLY B 187 23.46 0.14 17.17
C GLY B 187 24.39 -0.96 17.67
N HIS B 188 23.95 -2.22 17.67
CA HIS B 188 24.70 -3.36 18.26
C HIS B 188 25.25 -4.30 17.20
N LEU B 189 25.36 -3.81 15.95
CA LEU B 189 26.02 -4.49 14.81
C LEU B 189 27.35 -3.80 14.50
N GLY B 190 28.29 -4.55 13.92
CA GLY B 190 29.54 -4.01 13.39
C GLY B 190 29.28 -3.21 12.13
N GLY B 191 30.30 -2.49 11.64
CA GLY B 191 30.29 -1.84 10.31
C GLY B 191 29.50 -0.55 10.27
N LYS B 192 29.42 0.14 11.41
CA LYS B 192 28.71 1.43 11.50
C LYS B 192 29.64 2.53 10.98
N VAL B 193 29.08 3.50 10.27
CA VAL B 193 29.82 4.64 9.69
C VAL B 193 29.09 5.92 10.10
N LEU B 194 29.86 6.80 10.74
CA LEU B 194 29.42 8.12 11.22
C LEU B 194 29.41 9.11 10.07
N LEU B 195 28.47 10.04 10.15
CA LEU B 195 28.45 11.30 9.40
C LEU B 195 29.45 12.23 10.07
N PRO B 196 29.96 13.25 9.38
CA PRO B 196 30.63 14.35 10.08
C PRO B 196 29.62 15.04 11.01
N THR B 197 30.11 15.66 12.08
CA THR B 197 29.27 16.34 13.09
C THR B 197 28.36 17.35 12.38
N GLN B 198 28.94 18.24 11.56
CA GLN B 198 28.16 19.26 10.81
C GLN B 198 26.98 18.62 10.06
N THR B 199 27.14 17.43 9.48
CA THR B 199 26.08 16.77 8.65
C THR B 199 24.98 16.20 9.56
N ALA B 200 25.39 15.52 10.65
CA ALA B 200 24.50 15.04 11.73
C ALA B 200 23.68 16.20 12.29
N VAL B 201 24.29 17.35 12.52
CA VAL B 201 23.58 18.55 13.06
C VAL B 201 22.56 19.05 12.02
N ARG B 202 22.94 19.12 10.73
CA ARG B 202 22.04 19.54 9.62
C ARG B 202 20.82 18.60 9.57
N ASN B 203 20.96 17.28 9.79
CA ASN B 203 19.81 16.33 9.82
C ASN B 203 18.87 16.74 10.95
N LEU B 204 19.40 17.07 12.12
CA LEU B 204 18.58 17.47 13.31
C LEU B 204 17.89 18.78 13.01
N ILE B 205 18.58 19.71 12.35
CA ILE B 205 17.98 21.00 11.93
C ILE B 205 16.81 20.69 11.00
N SER B 206 17.01 19.80 10.04
CA SER B 206 15.99 19.39 9.03
C SER B 206 14.74 18.82 9.73
N ALA B 207 14.92 17.94 10.73
CA ALA B 207 13.83 17.37 11.58
C ALA B 207 13.04 18.49 12.29
N ARG B 208 13.72 19.41 12.95
CA ARG B 208 13.05 20.52 13.67
C ARG B 208 12.29 21.40 12.69
N LEU B 209 12.86 21.72 11.52
CA LEU B 209 12.18 22.53 10.50
C LEU B 209 10.90 21.84 10.03
N ALA B 210 10.91 20.51 9.87
CA ALA B 210 9.71 19.74 9.46
C ALA B 210 8.64 19.87 10.55
N ALA B 211 8.99 19.68 11.82
CA ALA B 211 8.02 19.80 12.94
C ALA B 211 7.44 21.22 12.99
N ASP B 212 8.28 22.25 12.83
CA ASP B 212 7.84 23.67 12.86
C ASP B 212 6.90 23.96 11.67
N VAL B 213 7.24 23.49 10.47
CA VAL B 213 6.39 23.61 9.26
C VAL B 213 5.05 22.91 9.52
N MET B 214 5.05 21.69 10.07
CA MET B 214 3.79 20.97 10.42
C MET B 214 3.07 21.68 11.58
N GLY B 215 3.78 22.45 12.40
CA GLY B 215 3.16 23.29 13.47
C GLY B 215 2.92 22.47 14.74
N VAL B 216 3.74 21.47 14.99
CA VAL B 216 3.59 20.55 16.15
C VAL B 216 4.92 20.49 16.92
N PRO B 217 4.89 20.49 18.27
CA PRO B 217 6.10 20.49 19.08
C PRO B 217 6.60 19.07 19.36
N THR B 218 6.80 18.31 18.27
CA THR B 218 7.24 16.90 18.28
C THR B 218 8.56 16.77 19.06
N ILE B 219 8.71 15.78 19.93
CA ILE B 219 10.00 15.53 20.66
C ILE B 219 11.00 15.00 19.64
N ILE B 220 12.21 15.54 19.62
CA ILE B 220 13.31 15.05 18.73
C ILE B 220 14.33 14.44 19.69
N VAL B 221 14.65 13.16 19.48
CA VAL B 221 15.76 12.44 20.14
C VAL B 221 16.94 12.37 19.17
N ALA B 222 18.11 12.87 19.58
CA ALA B 222 19.38 12.75 18.82
C ALA B 222 20.16 11.56 19.36
N ARG B 223 20.32 10.55 18.50
CA ARG B 223 21.10 9.36 18.84
C ARG B 223 22.50 9.50 18.24
N THR B 224 23.51 9.08 18.99
CA THR B 224 24.90 8.89 18.50
C THR B 224 25.25 7.41 18.55
N ASP B 225 25.91 6.95 17.49
CA ASP B 225 26.47 5.59 17.36
C ASP B 225 28.00 5.66 17.58
N ALA B 226 28.51 6.78 18.16
CA ALA B 226 29.95 7.10 18.18
C ALA B 226 30.67 6.30 19.26
N ASP B 227 29.96 5.62 20.15
CA ASP B 227 30.61 4.78 21.19
C ASP B 227 31.31 3.59 20.52
N ALA B 228 30.68 2.99 19.51
CA ALA B 228 31.20 1.78 18.83
C ALA B 228 31.58 2.06 17.39
N ALA B 229 31.03 3.08 16.74
CA ALA B 229 31.36 3.42 15.32
C ALA B 229 32.81 3.90 15.24
N ASP B 230 33.65 3.15 14.50
CA ASP B 230 35.10 3.47 14.33
C ASP B 230 35.32 3.81 12.86
N LEU B 231 34.26 4.18 12.13
CA LEU B 231 34.35 4.73 10.75
C LEU B 231 33.53 6.01 10.66
N ILE B 232 34.00 6.95 9.84
CA ILE B 232 33.34 8.23 9.46
C ILE B 232 33.48 8.40 7.95
N THR B 233 32.54 9.10 7.32
CA THR B 233 32.48 9.18 5.84
C THR B 233 33.49 10.18 5.30
N SER B 234 33.84 11.18 6.09
CA SER B 234 34.57 12.37 5.58
C SER B 234 35.39 12.98 6.72
N ASP B 235 36.58 13.51 6.43
CA ASP B 235 37.36 14.28 7.44
C ASP B 235 37.05 15.79 7.32
N ILE B 236 35.90 16.17 6.79
CA ILE B 236 35.65 17.59 6.36
C ILE B 236 35.52 18.51 7.58
N ASP B 237 34.93 18.01 8.66
CA ASP B 237 34.59 18.84 9.84
C ASP B 237 35.78 18.88 10.80
N PRO B 238 36.35 20.08 11.03
CA PRO B 238 37.43 20.26 11.99
C PRO B 238 37.17 19.66 13.37
N VAL B 239 35.96 19.68 13.90
CA VAL B 239 35.73 19.17 15.29
C VAL B 239 35.91 17.64 15.31
N ASP B 240 35.94 16.98 14.15
CA ASP B 240 36.07 15.50 14.07
C ASP B 240 37.53 15.06 13.94
N LYS B 241 38.48 15.96 13.68
CA LYS B 241 39.86 15.57 13.31
C LYS B 241 40.51 14.89 14.51
N ALA B 242 40.12 15.26 15.74
CA ALA B 242 40.62 14.67 17.01
C ALA B 242 40.41 13.15 17.02
N PHE B 243 39.39 12.64 16.31
CA PHE B 243 38.98 11.22 16.38
C PHE B 243 39.48 10.47 15.15
N ILE B 244 39.80 11.17 14.05
CA ILE B 244 40.18 10.57 12.74
C ILE B 244 41.65 10.15 12.78
N THR B 245 41.98 8.89 12.48
CA THR B 245 43.36 8.38 12.61
C THR B 245 44.20 8.69 11.38
N GLY B 246 43.58 8.83 10.21
CA GLY B 246 44.28 8.95 8.93
C GLY B 246 44.20 7.65 8.14
N GLU B 247 43.99 6.51 8.81
CA GLU B 247 43.77 5.20 8.15
C GLU B 247 42.46 5.21 7.35
N ARG B 248 42.47 4.66 6.13
CA ARG B 248 41.23 4.58 5.30
C ARG B 248 40.91 3.13 4.93
N THR B 249 39.66 2.85 4.60
CA THR B 249 39.17 1.53 4.15
C THR B 249 39.14 1.53 2.63
N PRO B 250 39.14 0.34 1.97
CA PRO B 250 39.03 0.27 0.52
C PRO B 250 37.91 1.16 -0.05
N GLU B 251 36.84 1.40 0.72
CA GLU B 251 35.64 2.17 0.30
C GLU B 251 35.86 3.69 0.39
N GLY B 252 36.90 4.13 1.10
CA GLY B 252 37.16 5.57 1.28
C GLY B 252 36.73 6.08 2.66
N PHE B 253 36.25 5.20 3.53
CA PHE B 253 35.88 5.59 4.90
C PHE B 253 37.17 5.78 5.72
N TYR B 254 37.11 6.76 6.64
CA TYR B 254 38.17 7.10 7.60
C TYR B 254 37.93 6.34 8.91
N ARG B 255 38.97 5.65 9.40
CA ARG B 255 38.97 5.04 10.76
C ARG B 255 38.99 6.17 11.79
N THR B 256 38.26 5.97 12.89
CA THR B 256 38.22 6.89 14.05
C THR B 256 38.50 6.11 15.33
N ASN B 257 38.82 6.83 16.42
CA ASN B 257 38.98 6.27 17.78
C ASN B 257 37.60 6.24 18.43
N ALA B 258 36.97 5.08 18.38
CA ALA B 258 35.61 4.87 18.92
C ALA B 258 35.69 4.84 20.45
N GLY B 259 34.62 5.21 21.12
CA GLY B 259 34.49 5.07 22.57
C GLY B 259 33.72 6.23 23.17
N LEU B 260 33.70 6.31 24.48
CA LEU B 260 32.84 7.27 25.18
C LEU B 260 33.25 8.71 24.88
N ASP B 261 34.54 9.00 24.68
CA ASP B 261 34.99 10.36 24.30
C ASP B 261 34.31 10.79 22.99
N GLN B 262 34.28 9.92 21.98
CA GLN B 262 33.75 10.28 20.63
C GLN B 262 32.23 10.50 20.78
N ALA B 263 31.57 9.66 21.57
CA ALA B 263 30.12 9.72 21.86
C ALA B 263 29.81 11.02 22.61
N ILE B 264 30.64 11.39 23.59
CA ILE B 264 30.42 12.64 24.39
C ILE B 264 30.52 13.83 23.46
N ALA B 265 31.49 13.83 22.55
CA ALA B 265 31.68 14.93 21.56
C ALA B 265 30.41 15.08 20.74
N ARG B 266 29.84 13.97 20.26
CA ARG B 266 28.63 13.99 19.40
C ARG B 266 27.42 14.46 20.24
N GLY B 267 27.28 13.91 21.44
CA GLY B 267 26.21 14.29 22.39
C GLY B 267 26.21 15.78 22.65
N LEU B 268 27.38 16.36 22.97
CA LEU B 268 27.51 17.82 23.21
C LEU B 268 27.15 18.58 21.94
N ALA B 269 27.54 18.07 20.76
CA ALA B 269 27.30 18.79 19.51
C ALA B 269 25.80 18.77 19.19
N TYR B 270 25.11 17.69 19.54
CA TYR B 270 23.68 17.50 19.15
C TYR B 270 22.73 18.16 20.17
N ALA B 271 23.16 18.31 21.42
CA ALA B 271 22.30 18.76 22.55
C ALA B 271 21.47 20.00 22.19
N PRO B 272 22.02 21.06 21.58
CA PRO B 272 21.22 22.26 21.31
C PRO B 272 20.13 22.08 20.25
N TYR B 273 20.19 20.97 19.52
CA TYR B 273 19.37 20.66 18.32
C TYR B 273 18.38 19.54 18.59
N ALA B 274 18.26 19.09 19.83
CA ALA B 274 17.48 17.89 20.19
C ALA B 274 16.88 18.08 21.59
N ASP B 275 15.73 17.47 21.85
CA ASP B 275 15.07 17.55 23.18
C ASP B 275 15.60 16.45 24.09
N LEU B 276 16.03 15.32 23.52
CA LEU B 276 16.71 14.24 24.28
C LEU B 276 17.96 13.80 23.54
N VAL B 277 18.99 13.42 24.27
CA VAL B 277 20.23 12.84 23.70
C VAL B 277 20.34 11.38 24.13
N TRP B 278 20.78 10.55 23.20
CA TRP B 278 20.84 9.07 23.36
C TRP B 278 22.18 8.55 22.85
N CYS B 279 22.88 7.84 23.73
CA CYS B 279 24.20 7.22 23.48
C CYS B 279 24.02 5.70 23.41
N GLU B 280 24.12 5.11 22.22
CA GLU B 280 24.15 3.62 22.06
C GLU B 280 25.40 3.10 22.77
N THR B 281 25.28 1.98 23.49
CA THR B 281 26.36 1.39 24.34
C THR B 281 26.48 -0.09 23.95
N SER B 282 27.55 -0.75 24.34
CA SER B 282 27.75 -2.17 23.94
C SER B 282 27.38 -3.05 25.13
N GLU B 283 27.01 -2.44 26.27
CA GLU B 283 26.45 -3.17 27.44
C GLU B 283 25.75 -2.21 28.39
N PRO B 284 24.92 -2.72 29.31
CA PRO B 284 24.21 -1.88 30.27
C PRO B 284 25.16 -1.63 31.45
N ASN B 285 25.98 -0.60 31.35
CA ASN B 285 27.05 -0.27 32.31
C ASN B 285 26.66 1.04 33.00
N LEU B 286 26.37 0.97 34.28
CA LEU B 286 25.97 2.13 35.11
C LEU B 286 27.05 3.20 35.08
N GLU B 287 28.31 2.83 35.24
CA GLU B 287 29.40 3.84 35.31
C GLU B 287 29.45 4.59 33.97
N ASP B 288 29.41 3.87 32.85
CA ASP B 288 29.48 4.52 31.51
C ASP B 288 28.29 5.45 31.34
N ALA B 289 27.09 5.02 31.76
CA ALA B 289 25.87 5.82 31.65
C ALA B 289 26.03 7.08 32.50
N LYS B 290 26.52 6.94 33.73
CA LYS B 290 26.80 8.12 34.62
C LYS B 290 27.80 9.05 33.92
N ARG B 291 28.87 8.51 33.33
CA ARG B 291 29.97 9.34 32.76
C ARG B 291 29.41 10.15 31.59
N PHE B 292 28.59 9.50 30.76
CA PHE B 292 27.95 10.19 29.62
C PHE B 292 27.04 11.32 30.14
N ALA B 293 26.17 11.04 31.11
CA ALA B 293 25.21 12.03 31.63
C ALA B 293 25.98 13.23 32.22
N ASP B 294 27.03 12.96 32.99
CA ASP B 294 27.84 14.01 33.66
C ASP B 294 28.53 14.87 32.59
N ALA B 295 29.04 14.30 31.50
CA ALA B 295 29.69 15.09 30.43
C ALA B 295 28.66 15.95 29.68
N ILE B 296 27.43 15.48 29.50
CA ILE B 296 26.42 16.32 28.79
C ILE B 296 26.00 17.46 29.74
N HIS B 297 25.76 17.13 31.00
CA HIS B 297 25.15 18.05 31.99
C HIS B 297 26.13 19.18 32.35
N LYS B 298 27.44 18.98 32.12
CA LYS B 298 28.51 19.99 32.32
C LYS B 298 28.18 21.21 31.47
N GLU B 299 27.68 20.99 30.25
CA GLU B 299 27.37 22.06 29.26
C GLU B 299 25.86 22.30 29.16
N HIS B 300 25.04 21.28 29.42
CA HIS B 300 23.57 21.39 29.28
C HIS B 300 22.92 20.82 30.53
N PRO B 301 22.89 21.59 31.64
CA PRO B 301 22.35 21.08 32.90
C PRO B 301 20.87 20.69 32.76
N GLY B 302 20.53 19.54 33.34
CA GLY B 302 19.16 18.98 33.33
C GLY B 302 18.72 18.48 31.97
N LYS B 303 19.61 18.39 30.98
CA LYS B 303 19.27 17.82 29.65
C LYS B 303 18.66 16.42 29.81
N LEU B 304 17.49 16.18 29.20
CA LEU B 304 16.84 14.86 29.23
C LEU B 304 17.63 13.91 28.34
N LEU B 305 17.78 12.68 28.81
CA LEU B 305 18.56 11.64 28.13
C LEU B 305 17.65 10.46 27.89
N ALA B 306 17.89 9.72 26.82
CA ALA B 306 17.18 8.46 26.54
C ALA B 306 18.19 7.32 26.62
N TYR B 307 17.75 6.16 27.11
CA TYR B 307 18.56 4.92 27.24
C TYR B 307 17.82 3.73 26.61
N ASN B 308 18.54 3.05 25.72
CA ASN B 308 18.11 1.78 25.09
C ASN B 308 18.43 0.63 26.03
N CYS B 309 17.42 0.08 26.74
CA CYS B 309 17.57 -1.19 27.49
C CYS B 309 17.49 -2.37 26.53
N SER B 310 18.58 -2.64 25.82
CA SER B 310 18.59 -3.40 24.54
C SER B 310 18.53 -4.89 24.80
N PRO B 311 17.64 -5.63 24.10
CA PRO B 311 17.74 -7.08 24.03
C PRO B 311 18.99 -7.61 23.30
N SER B 312 19.75 -6.74 22.64
CA SER B 312 21.08 -7.06 22.07
C SER B 312 22.13 -7.27 23.16
N PHE B 313 21.79 -7.01 24.44
CA PHE B 313 22.64 -7.32 25.61
C PHE B 313 22.17 -8.64 26.24
N ASN B 314 23.12 -9.47 26.64
CA ASN B 314 22.83 -10.63 27.53
C ASN B 314 22.75 -10.07 28.96
N TRP B 315 21.54 -9.82 29.48
CA TRP B 315 21.34 -9.06 30.75
C TRP B 315 21.93 -9.84 31.93
N LYS B 316 21.68 -11.15 32.01
CA LYS B 316 22.20 -11.96 33.14
C LYS B 316 23.73 -12.13 33.06
N GLN B 317 24.32 -12.16 31.86
CA GLN B 317 25.79 -12.21 31.70
C GLN B 317 26.40 -10.91 32.25
N LYS B 318 25.73 -9.78 32.06
CA LYS B 318 26.35 -8.46 32.28
C LYS B 318 26.11 -7.95 33.69
N LEU B 319 25.02 -8.33 34.35
CA LEU B 319 24.60 -7.76 35.66
C LEU B 319 23.97 -8.84 36.55
N ASP B 320 24.10 -8.67 37.87
CA ASP B 320 23.55 -9.60 38.89
C ASP B 320 22.06 -9.32 39.03
N GLU B 321 21.32 -10.18 39.72
CA GLU B 321 19.85 -10.04 39.89
C GLU B 321 19.51 -8.65 40.39
N LYS B 322 20.24 -8.19 41.40
CA LYS B 322 19.99 -6.93 42.17
C LYS B 322 20.09 -5.72 41.25
N ALA B 323 21.16 -5.67 40.45
CA ALA B 323 21.50 -4.60 39.49
C ALA B 323 20.43 -4.53 38.37
N ILE B 324 19.92 -5.68 37.90
CA ILE B 324 18.89 -5.73 36.82
C ILE B 324 17.60 -5.13 37.39
N ALA B 325 17.25 -5.52 38.60
CA ALA B 325 16.00 -5.07 39.26
C ALA B 325 16.01 -3.56 39.49
N SER B 326 17.15 -2.92 39.76
CA SER B 326 17.21 -1.47 40.10
C SER B 326 17.69 -0.65 38.91
N PHE B 327 17.99 -1.30 37.78
CA PHE B 327 18.72 -0.64 36.67
C PHE B 327 18.00 0.62 36.17
N GLN B 328 16.69 0.54 35.96
CA GLN B 328 15.93 1.68 35.38
C GLN B 328 15.86 2.78 36.44
N LYS B 329 15.59 2.44 37.71
CA LYS B 329 15.58 3.48 38.79
C LYS B 329 16.95 4.17 38.81
N GLU B 330 18.02 3.39 38.79
CA GLU B 330 19.40 3.91 38.98
C GLU B 330 19.74 4.84 37.82
N ILE B 331 19.53 4.47 36.56
CA ILE B 331 19.95 5.37 35.45
C ILE B 331 18.98 6.56 35.32
N ALA B 332 17.72 6.42 35.72
CA ALA B 332 16.74 7.53 35.83
C ALA B 332 17.33 8.66 36.70
N SER B 333 18.02 8.34 37.81
CA SER B 333 18.61 9.38 38.69
C SER B 333 19.75 10.13 37.98
N TYR B 334 20.32 9.59 36.90
CA TYR B 334 21.36 10.31 36.11
C TYR B 334 20.74 11.22 35.04
N GLY B 335 19.43 11.16 34.84
CA GLY B 335 18.75 11.99 33.81
C GLY B 335 18.23 11.19 32.63
N TYR B 336 18.32 9.85 32.67
CA TYR B 336 17.76 8.96 31.62
C TYR B 336 16.26 8.81 31.86
N LYS B 337 15.50 9.77 31.34
CA LYS B 337 14.04 9.91 31.62
C LYS B 337 13.18 9.14 30.59
N PHE B 338 13.72 8.83 29.39
CA PHE B 338 13.04 7.92 28.43
C PHE B 338 13.86 6.63 28.23
N GLN B 339 13.31 5.51 28.66
CA GLN B 339 13.96 4.17 28.68
C GLN B 339 13.09 3.21 27.88
N PHE B 340 13.68 2.37 27.03
CA PHE B 340 12.86 1.59 26.07
C PHE B 340 13.61 0.31 25.74
N VAL B 341 12.86 -0.77 25.66
CA VAL B 341 13.39 -2.10 25.26
C VAL B 341 12.99 -2.25 23.79
N THR B 342 13.90 -1.92 22.90
CA THR B 342 13.69 -1.79 21.44
C THR B 342 12.96 -3.02 20.88
N LEU B 343 13.46 -4.23 21.16
CA LEU B 343 13.03 -5.45 20.42
C LEU B 343 12.11 -6.32 21.28
N ALA B 344 11.40 -5.75 22.26
CA ALA B 344 10.51 -6.50 23.17
C ALA B 344 9.35 -7.10 22.37
N GLY B 345 8.85 -6.40 21.35
CA GLY B 345 7.77 -6.88 20.48
C GLY B 345 8.20 -8.14 19.73
N PHE B 346 9.37 -8.12 19.14
CA PHE B 346 9.93 -9.28 18.39
C PHE B 346 10.05 -10.49 19.32
N HIS B 347 10.64 -10.34 20.51
CA HIS B 347 10.99 -11.50 21.35
C HIS B 347 9.71 -12.08 21.95
N SER B 348 8.78 -11.23 22.38
CA SER B 348 7.45 -11.63 22.89
C SER B 348 6.72 -12.44 21.81
N LEU B 349 6.71 -11.93 20.58
CA LEU B 349 5.89 -12.49 19.48
C LEU B 349 6.49 -13.85 19.12
N ASN B 350 7.82 -13.90 18.94
CA ASN B 350 8.54 -15.10 18.43
C ASN B 350 8.55 -16.16 19.53
N TYR B 351 8.90 -15.80 20.78
CA TYR B 351 9.00 -16.79 21.87
C TYR B 351 7.61 -17.41 22.09
N GLY B 352 6.59 -16.56 22.20
CA GLY B 352 5.22 -17.00 22.53
C GLY B 352 4.69 -17.99 21.51
N MET B 353 4.84 -17.68 20.24
CA MET B 353 4.30 -18.53 19.14
C MET B 353 5.14 -19.81 19.04
N PHE B 354 6.46 -19.75 19.22
CA PHE B 354 7.29 -20.98 19.23
C PHE B 354 6.79 -21.92 20.33
N GLU B 355 6.65 -21.39 21.56
CA GLU B 355 6.18 -22.19 22.73
C GLU B 355 4.78 -22.75 22.49
N LEU B 356 3.86 -21.97 21.95
CA LEU B 356 2.49 -22.46 21.69
C LEU B 356 2.52 -23.53 20.59
N ALA B 357 3.19 -23.29 19.47
CA ALA B 357 3.22 -24.23 18.33
C ALA B 357 3.87 -25.55 18.77
N ARG B 358 4.95 -25.50 19.56
CA ARG B 358 5.66 -26.72 20.04
C ARG B 358 4.75 -27.53 20.99
N GLY B 359 4.03 -26.87 21.90
CA GLY B 359 3.04 -27.52 22.77
C GLY B 359 1.87 -28.07 21.97
N TYR B 360 1.40 -27.33 20.95
CA TYR B 360 0.33 -27.76 20.03
C TYR B 360 0.78 -28.98 19.22
N LYS B 361 2.05 -28.99 18.78
CA LYS B 361 2.65 -30.14 18.05
C LYS B 361 2.55 -31.39 18.94
N GLU B 362 2.86 -31.25 20.23
CA GLU B 362 3.06 -32.40 21.16
C GLU B 362 1.73 -32.79 21.83
N ARG B 363 0.85 -31.84 22.15
CA ARG B 363 -0.36 -32.07 22.98
C ARG B 363 -1.67 -31.53 22.35
N GLY B 364 -1.65 -31.10 21.08
CA GLY B 364 -2.84 -30.59 20.38
C GLY B 364 -3.56 -29.58 21.24
N MET B 365 -4.86 -29.77 21.46
CA MET B 365 -5.74 -28.73 22.07
C MET B 365 -5.48 -28.56 23.58
N ALA B 366 -4.74 -29.48 24.23
CA ALA B 366 -4.36 -29.32 25.65
C ALA B 366 -3.47 -28.07 25.78
N ALA B 367 -2.54 -27.86 24.83
CA ALA B 367 -1.63 -26.70 24.80
C ALA B 367 -2.43 -25.40 24.59
N TYR B 368 -3.43 -25.41 23.72
CA TYR B 368 -4.22 -24.20 23.43
C TYR B 368 -5.12 -23.86 24.64
N SER B 369 -5.83 -24.84 25.19
CA SER B 369 -6.62 -24.69 26.44
C SER B 369 -5.73 -24.11 27.58
N GLU B 370 -4.48 -24.53 27.69
CA GLU B 370 -3.54 -24.00 28.73
C GLU B 370 -3.36 -22.47 28.53
N LEU B 371 -3.17 -21.99 27.31
CA LEU B 371 -3.10 -20.52 26.99
C LEU B 371 -4.42 -19.84 27.34
N GLN B 372 -5.55 -20.40 26.89
CA GLN B 372 -6.89 -19.83 27.17
C GLN B 372 -7.10 -19.67 28.69
N GLN B 373 -6.74 -20.67 29.51
CA GLN B 373 -6.92 -20.57 30.98
C GLN B 373 -5.95 -19.53 31.58
N ALA B 374 -4.74 -19.42 31.05
CA ALA B 374 -3.77 -18.40 31.53
C ALA B 374 -4.39 -17.03 31.26
N GLU B 375 -5.01 -16.88 30.08
CA GLU B 375 -5.66 -15.61 29.66
C GLU B 375 -6.79 -15.26 30.67
N PHE B 376 -7.66 -16.22 31.01
CA PHE B 376 -8.75 -16.01 32.01
C PHE B 376 -8.15 -15.53 33.33
N ALA B 377 -7.06 -16.16 33.79
CA ALA B 377 -6.33 -15.80 35.04
C ALA B 377 -5.82 -14.36 34.97
N ALA B 378 -5.55 -13.80 33.78
CA ALA B 378 -4.98 -12.44 33.62
C ALA B 378 -6.08 -11.37 33.68
N GLU B 379 -7.36 -11.75 33.54
CA GLU B 379 -8.50 -10.78 33.55
C GLU B 379 -8.46 -9.96 34.84
N LYS B 380 -8.10 -10.54 35.98
CA LYS B 380 -8.16 -9.80 37.26
C LYS B 380 -7.14 -8.66 37.24
N HIS B 381 -6.16 -8.70 36.33
CA HIS B 381 -5.07 -7.71 36.24
C HIS B 381 -5.37 -6.73 35.10
N GLY B 382 -6.50 -6.86 34.41
CA GLY B 382 -6.87 -5.88 33.37
C GLY B 382 -6.73 -6.37 31.95
N TYR B 383 -6.34 -7.62 31.72
CA TYR B 383 -6.40 -8.30 30.40
C TYR B 383 -7.86 -8.57 30.01
N SER B 384 -8.29 -8.23 28.78
CA SER B 384 -9.70 -8.34 28.30
C SER B 384 -9.80 -9.11 26.98
N ALA B 385 -8.67 -9.48 26.34
CA ALA B 385 -8.61 -10.03 24.96
C ALA B 385 -9.11 -11.47 24.94
N THR B 386 -9.27 -12.09 26.11
CA THR B 386 -9.94 -13.42 26.28
C THR B 386 -11.25 -13.39 25.47
N ARG B 387 -12.07 -12.35 25.73
CA ARG B 387 -13.32 -11.95 25.02
C ARG B 387 -12.94 -11.19 23.74
N HIS B 388 -12.43 -11.94 22.79
CA HIS B 388 -11.76 -11.37 21.59
C HIS B 388 -12.76 -10.56 20.74
N GLN B 389 -14.05 -10.92 20.75
CA GLN B 389 -15.05 -10.28 19.85
C GLN B 389 -15.23 -8.85 20.35
N ARG B 390 -15.36 -8.69 21.67
CA ARG B 390 -15.45 -7.36 22.31
C ARG B 390 -14.15 -6.59 22.07
N GLU B 391 -13.02 -7.25 22.22
CA GLU B 391 -11.70 -6.58 22.19
C GLU B 391 -11.52 -5.80 20.88
N VAL B 392 -12.04 -6.32 19.77
CA VAL B 392 -11.75 -5.75 18.43
C VAL B 392 -12.88 -4.81 18.02
N GLY B 393 -13.89 -4.62 18.87
CA GLY B 393 -14.93 -3.61 18.62
C GLY B 393 -16.23 -4.14 18.01
N THR B 394 -16.54 -5.45 18.17
CA THR B 394 -17.81 -6.04 17.73
C THR B 394 -18.98 -5.30 18.38
N GLY B 395 -18.91 -5.00 19.69
CA GLY B 395 -20.01 -4.28 20.35
C GLY B 395 -20.13 -2.85 19.86
N TYR B 396 -19.01 -2.19 19.51
CA TYR B 396 -19.01 -0.83 18.92
C TYR B 396 -19.83 -0.83 17.61
N PHE B 397 -19.52 -1.78 16.71
CA PHE B 397 -20.12 -1.86 15.36
C PHE B 397 -21.58 -2.33 15.46
N ASP B 398 -21.93 -3.12 16.45
CA ASP B 398 -23.35 -3.46 16.78
C ASP B 398 -24.14 -2.20 17.11
N GLU B 399 -23.57 -1.30 17.89
CA GLU B 399 -24.25 -0.05 18.30
C GLU B 399 -24.30 0.91 17.11
N VAL B 400 -23.26 0.96 16.28
CA VAL B 400 -23.32 1.70 14.98
C VAL B 400 -24.51 1.17 14.17
N ALA B 401 -24.62 -0.16 13.98
CA ALA B 401 -25.70 -0.81 13.18
C ALA B 401 -27.08 -0.45 13.76
N GLN B 402 -27.24 -0.51 15.08
CA GLN B 402 -28.53 -0.17 15.77
C GLN B 402 -28.85 1.32 15.59
N VAL B 403 -27.87 2.20 15.67
CA VAL B 403 -28.12 3.64 15.40
C VAL B 403 -28.58 3.82 13.95
N ILE B 404 -27.89 3.23 12.97
CA ILE B 404 -28.26 3.42 11.54
C ILE B 404 -29.70 2.92 11.33
N THR B 405 -30.06 1.77 11.90
CA THR B 405 -31.32 1.03 11.62
C THR B 405 -32.43 1.47 12.60
N GLY B 406 -32.24 2.49 13.44
CA GLY B 406 -33.23 2.90 14.45
C GLY B 406 -33.61 1.74 15.36
N GLY B 407 -32.67 0.83 15.62
CA GLY B 407 -32.90 -0.31 16.51
C GLY B 407 -33.61 -1.48 15.87
N THR B 408 -33.72 -1.54 14.51
CA THR B 408 -34.50 -2.59 13.80
C THR B 408 -33.61 -3.69 13.20
N SER B 409 -32.28 -3.64 13.33
CA SER B 409 -31.37 -4.64 12.72
C SER B 409 -31.67 -6.03 13.30
N SER B 410 -31.76 -7.04 12.45
CA SER B 410 -31.90 -8.44 12.93
C SER B 410 -30.54 -9.15 12.86
N THR B 411 -29.47 -8.46 12.48
CA THR B 411 -28.14 -9.10 12.19
C THR B 411 -27.02 -8.56 13.09
N THR B 412 -27.30 -8.11 14.32
CA THR B 412 -26.21 -7.68 15.22
C THR B 412 -25.47 -8.92 15.72
N ALA B 413 -24.22 -8.75 16.13
CA ALA B 413 -23.22 -9.82 16.11
C ALA B 413 -23.06 -10.44 17.50
N LEU B 414 -23.14 -9.66 18.59
CA LEU B 414 -22.82 -10.22 19.94
C LEU B 414 -24.03 -11.02 20.44
N LYS B 415 -25.26 -10.58 20.17
CA LYS B 415 -26.48 -11.38 20.47
C LYS B 415 -26.40 -12.73 19.73
N GLY B 416 -26.37 -13.84 20.47
CA GLY B 416 -26.31 -15.21 19.92
C GLY B 416 -24.88 -15.70 19.67
N SER B 417 -23.86 -14.93 20.04
CA SER B 417 -22.43 -15.30 19.88
C SER B 417 -22.02 -16.35 20.92
N THR B 418 -21.02 -17.14 20.60
CA THR B 418 -20.47 -18.11 21.58
C THR B 418 -19.80 -17.31 22.70
N GLU B 419 -19.39 -16.06 22.43
CA GLU B 419 -18.75 -15.20 23.46
C GLU B 419 -19.78 -14.89 24.56
N GLU B 420 -21.00 -14.51 24.21
CA GLU B 420 -22.07 -14.21 25.21
C GLU B 420 -22.51 -15.51 25.89
N ALA B 421 -22.51 -16.65 25.20
CA ALA B 421 -23.02 -17.94 25.71
C ALA B 421 -21.99 -18.63 26.63
N GLN B 422 -20.69 -18.51 26.32
CA GLN B 422 -19.63 -19.41 26.89
C GLN B 422 -18.65 -18.65 27.77
N PHE B 423 -18.69 -17.31 27.76
CA PHE B 423 -17.71 -16.50 28.52
C PHE B 423 -18.51 -15.69 29.56
N LYS C 2 -19.47 15.94 28.30
CA LYS C 2 -20.54 14.99 27.86
C LYS C 2 -21.82 15.79 27.61
N ASN C 3 -22.32 16.48 28.63
CA ASN C 3 -23.38 17.52 28.55
C ASN C 3 -23.05 18.53 27.46
N GLU C 4 -21.92 19.22 27.57
CA GLU C 4 -21.53 20.34 26.67
C GLU C 4 -21.39 19.81 25.24
N ARG C 5 -20.63 18.72 25.10
CA ARG C 5 -20.29 18.06 23.82
C ARG C 5 -21.56 17.72 23.01
N ILE C 6 -22.53 17.10 23.68
CA ILE C 6 -23.86 16.70 23.11
C ILE C 6 -24.69 17.96 22.82
N GLU C 7 -24.71 18.93 23.74
CA GLU C 7 -25.60 20.12 23.64
C GLU C 7 -25.12 20.92 22.44
N LYS C 8 -23.80 21.03 22.28
CA LYS C 8 -23.20 21.76 21.16
C LYS C 8 -23.60 21.09 19.85
N LEU C 9 -23.60 19.76 19.82
CA LEU C 9 -23.95 19.01 18.58
C LEU C 9 -25.42 19.30 18.23
N GLN C 10 -26.32 19.12 19.20
CA GLN C 10 -27.78 19.34 19.05
C GLN C 10 -28.00 20.79 18.61
N GLU C 11 -27.26 21.75 19.17
CA GLU C 11 -27.38 23.19 18.86
C GLU C 11 -27.05 23.42 17.38
N SER C 12 -25.96 22.82 16.90
CA SER C 12 -25.53 22.88 15.48
C SER C 12 -26.66 22.37 14.56
N TRP C 13 -27.22 21.20 14.84
CA TRP C 13 -28.30 20.60 14.01
C TRP C 13 -29.53 21.53 13.95
N GLU C 14 -29.84 22.21 15.05
CA GLU C 14 -31.09 22.99 15.19
C GLU C 14 -30.94 24.36 14.52
N LEU C 15 -29.79 25.00 14.66
CA LEU C 15 -29.59 26.43 14.33
C LEU C 15 -28.95 26.58 12.95
N ASP C 16 -28.08 25.65 12.56
CA ASP C 16 -27.23 25.86 11.35
C ASP C 16 -28.10 25.62 10.09
N GLU C 17 -28.12 26.59 9.18
CA GLU C 17 -28.95 26.48 7.95
C GLU C 17 -28.42 25.35 7.04
N ARG C 18 -27.16 24.98 7.22
CA ARG C 18 -26.57 23.77 6.57
C ARG C 18 -27.52 22.56 6.62
N TRP C 19 -28.27 22.38 7.72
CA TRP C 19 -29.09 21.16 8.00
C TRP C 19 -30.58 21.37 7.75
N GLU C 20 -30.98 22.51 7.19
CA GLU C 20 -32.38 22.76 6.79
C GLU C 20 -32.85 21.65 5.84
N GLY C 21 -33.97 21.02 6.15
CA GLY C 21 -34.61 20.00 5.32
C GLY C 21 -33.88 18.66 5.36
N ILE C 22 -32.86 18.51 6.25
CA ILE C 22 -32.12 17.22 6.42
C ILE C 22 -32.68 16.47 7.64
N THR C 23 -33.08 15.21 7.47
CA THR C 23 -33.53 14.41 8.63
C THR C 23 -32.36 13.54 9.12
N ARG C 24 -32.23 13.49 10.45
CA ARG C 24 -31.32 12.57 11.15
C ARG C 24 -32.17 11.69 12.05
N PRO C 25 -32.39 10.41 11.70
CA PRO C 25 -33.23 9.53 12.53
C PRO C 25 -32.47 8.92 13.72
N TYR C 26 -31.63 9.74 14.34
CA TYR C 26 -30.78 9.40 15.50
C TYR C 26 -30.46 10.70 16.23
N SER C 27 -29.97 10.57 17.47
CA SER C 27 -29.78 11.71 18.40
C SER C 27 -28.31 12.15 18.44
N ALA C 28 -28.08 13.37 18.94
CA ALA C 28 -26.72 13.90 19.23
C ALA C 28 -26.04 12.98 20.24
N GLU C 29 -26.79 12.47 21.22
CA GLU C 29 -26.22 11.58 22.29
C GLU C 29 -25.64 10.31 21.63
N ASP C 30 -26.36 9.73 20.67
CA ASP C 30 -25.88 8.56 19.87
C ASP C 30 -24.55 8.87 19.19
N VAL C 31 -24.40 10.04 18.57
CA VAL C 31 -23.17 10.42 17.83
C VAL C 31 -21.99 10.52 18.81
N ILE C 32 -22.17 11.23 19.93
CA ILE C 32 -21.09 11.47 20.94
C ILE C 32 -20.70 10.12 21.55
N ARG C 33 -21.67 9.20 21.72
CA ARG C 33 -21.39 7.83 22.22
C ARG C 33 -20.44 7.08 21.28
N LEU C 34 -20.50 7.34 19.97
CA LEU C 34 -19.75 6.61 18.91
C LEU C 34 -18.44 7.33 18.56
N ARG C 35 -18.26 8.55 19.07
CA ARG C 35 -17.11 9.41 18.72
C ARG C 35 -15.85 9.05 19.51
N GLY C 36 -15.97 8.47 20.69
CA GLY C 36 -14.82 8.26 21.59
C GLY C 36 -14.61 9.47 22.49
N SER C 37 -13.49 9.52 23.20
CA SER C 37 -13.29 10.54 24.25
C SER C 37 -12.71 11.82 23.69
N ILE C 38 -12.22 11.87 22.46
CA ILE C 38 -11.61 13.12 21.92
C ILE C 38 -12.16 13.43 20.51
N ASP C 39 -12.09 14.70 20.12
CA ASP C 39 -12.41 15.14 18.75
C ASP C 39 -11.10 15.28 17.97
N ILE C 40 -11.01 14.63 16.82
CA ILE C 40 -9.85 14.75 15.91
C ILE C 40 -10.26 15.69 14.77
N GLU C 41 -9.41 16.70 14.51
CA GLU C 41 -9.65 17.73 13.49
C GLU C 41 -9.25 17.13 12.12
N HIS C 42 -10.07 17.42 11.13
CA HIS C 42 -9.94 17.03 9.70
C HIS C 42 -9.98 18.33 8.89
N THR C 43 -8.86 19.06 8.84
CA THR C 43 -8.84 20.45 8.31
C THR C 43 -9.28 20.52 6.84
N LEU C 44 -8.69 19.74 5.94
CA LEU C 44 -9.06 19.76 4.51
C LEU C 44 -10.52 19.32 4.30
N ALA C 45 -10.98 18.26 4.96
CA ALA C 45 -12.38 17.81 4.82
C ALA C 45 -13.32 18.94 5.28
N ARG C 46 -12.98 19.62 6.36
CA ARG C 46 -13.88 20.67 6.95
C ARG C 46 -13.89 21.90 6.05
N ARG C 47 -12.73 22.41 5.71
CA ARG C 47 -12.57 23.59 4.81
C ARG C 47 -13.23 23.30 3.46
N GLY C 48 -12.98 22.13 2.89
CA GLY C 48 -13.53 21.75 1.58
C GLY C 48 -15.04 21.70 1.61
N ALA C 49 -15.64 21.04 2.61
CA ALA C 49 -17.10 20.86 2.69
C ALA C 49 -17.78 22.23 2.91
N GLU C 50 -17.18 23.12 3.68
CA GLU C 50 -17.75 24.48 3.91
C GLU C 50 -17.66 25.28 2.61
N LYS C 51 -16.52 25.25 1.93
CA LYS C 51 -16.29 25.95 0.63
C LYS C 51 -17.24 25.38 -0.43
N LEU C 52 -17.45 24.06 -0.48
CA LEU C 52 -18.36 23.44 -1.48
C LEU C 52 -19.79 23.91 -1.21
N TRP C 53 -20.26 23.85 0.04
CA TRP C 53 -21.61 24.26 0.46
C TRP C 53 -21.85 25.71 0.00
N THR C 54 -20.89 26.57 0.27
CA THR C 54 -20.95 28.01 -0.12
C THR C 54 -21.00 28.14 -1.64
N SER C 55 -20.11 27.46 -2.37
CA SER C 55 -20.03 27.56 -3.85
C SER C 55 -21.35 27.10 -4.49
N LEU C 56 -21.94 26.03 -3.98
CA LEU C 56 -23.20 25.48 -4.56
C LEU C 56 -24.33 26.51 -4.44
N HIS C 57 -24.23 27.43 -3.49
CA HIS C 57 -25.30 28.42 -3.23
C HIS C 57 -24.92 29.80 -3.77
N THR C 58 -23.71 30.01 -4.28
CA THR C 58 -23.23 31.36 -4.72
C THR C 58 -22.78 31.33 -6.19
N GLU C 59 -22.38 30.19 -6.74
CA GLU C 59 -22.01 30.04 -8.19
C GLU C 59 -23.27 29.75 -9.00
N ASP C 60 -23.31 30.15 -10.28
CA ASP C 60 -24.39 29.80 -11.23
C ASP C 60 -24.50 28.26 -11.23
N TYR C 61 -23.35 27.58 -11.24
CA TYR C 61 -23.22 26.11 -11.08
C TYR C 61 -21.74 25.77 -10.95
N ILE C 62 -21.45 24.55 -10.50
CA ILE C 62 -20.04 24.08 -10.41
C ILE C 62 -19.87 22.97 -11.45
N ASN C 63 -19.03 23.17 -12.45
CA ASN C 63 -18.75 22.11 -13.45
C ASN C 63 -17.36 21.56 -13.19
N ALA C 64 -17.24 20.24 -13.13
CA ALA C 64 -15.99 19.52 -12.80
C ALA C 64 -15.67 18.47 -13.89
N LEU C 65 -14.43 17.98 -13.89
CA LEU C 65 -14.01 16.87 -14.75
C LEU C 65 -13.42 15.80 -13.83
N GLY C 66 -13.66 14.54 -14.19
CA GLY C 66 -13.03 13.35 -13.59
C GLY C 66 -11.52 13.48 -13.61
N ALA C 67 -10.85 13.26 -12.49
CA ALA C 67 -9.38 13.36 -12.36
C ALA C 67 -8.91 12.04 -11.77
N LEU C 68 -7.90 11.36 -12.34
CA LEU C 68 -7.40 10.12 -11.68
C LEU C 68 -5.95 10.25 -11.19
N THR C 69 -5.31 11.40 -11.44
CA THR C 69 -4.01 11.72 -10.80
C THR C 69 -4.08 13.09 -10.18
N GLY C 70 -3.13 13.36 -9.28
CA GLY C 70 -2.95 14.70 -8.71
C GLY C 70 -2.67 15.71 -9.80
N ASN C 71 -1.82 15.36 -10.77
CA ASN C 71 -1.41 16.31 -11.83
C ASN C 71 -2.66 16.68 -12.63
N GLN C 72 -3.54 15.74 -12.96
CA GLN C 72 -4.79 16.10 -13.71
C GLN C 72 -5.58 17.12 -12.88
N ALA C 73 -5.72 16.91 -11.56
CA ALA C 73 -6.48 17.81 -10.68
C ALA C 73 -5.84 19.20 -10.71
N MET C 74 -4.50 19.22 -10.61
CA MET C 74 -3.75 20.50 -10.55
C MET C 74 -4.00 21.30 -11.84
N GLN C 75 -3.96 20.66 -13.02
CA GLN C 75 -4.23 21.37 -14.30
C GLN C 75 -5.70 21.82 -14.36
N GLN C 76 -6.62 21.05 -13.80
CA GLN C 76 -8.04 21.45 -13.72
C GLN C 76 -8.15 22.74 -12.89
N VAL C 77 -7.41 22.84 -11.77
CA VAL C 77 -7.51 24.05 -10.91
C VAL C 77 -6.83 25.21 -11.64
N LYS C 78 -5.73 24.96 -12.33
CA LYS C 78 -5.00 26.00 -13.09
C LYS C 78 -5.84 26.49 -14.28
N ALA C 79 -6.70 25.65 -14.87
CA ALA C 79 -7.59 26.04 -15.99
C ALA C 79 -8.77 26.88 -15.49
N GLY C 80 -8.99 26.91 -14.17
CA GLY C 80 -10.04 27.73 -13.54
C GLY C 80 -11.26 26.94 -13.08
N LEU C 81 -11.22 25.61 -13.01
CA LEU C 81 -12.38 24.84 -12.48
C LEU C 81 -12.40 24.94 -10.96
N LYS C 82 -13.59 24.83 -10.35
CA LYS C 82 -13.81 25.18 -8.92
C LYS C 82 -14.11 23.94 -8.08
N ALA C 83 -14.01 22.75 -8.67
CA ALA C 83 -14.16 21.47 -7.95
C ALA C 83 -13.48 20.38 -8.79
N ILE C 84 -13.10 19.28 -8.14
CA ILE C 84 -12.52 18.07 -8.78
C ILE C 84 -13.54 16.96 -8.55
N TYR C 85 -13.81 16.19 -9.59
CA TYR C 85 -14.65 14.98 -9.54
C TYR C 85 -13.74 13.76 -9.53
N LEU C 86 -13.89 12.88 -8.54
CA LEU C 86 -13.09 11.65 -8.42
C LEU C 86 -13.98 10.47 -8.78
N SER C 87 -13.82 9.99 -10.02
CA SER C 87 -14.58 8.88 -10.63
C SER C 87 -14.12 7.53 -10.08
N GLY C 88 -15.04 6.68 -9.66
CA GLY C 88 -14.70 5.29 -9.31
C GLY C 88 -14.45 4.45 -10.55
N TRP C 89 -15.19 4.69 -11.62
CA TRP C 89 -14.91 4.15 -12.96
C TRP C 89 -13.41 4.33 -13.31
N GLN C 90 -12.86 5.53 -13.20
CA GLN C 90 -11.47 5.84 -13.58
C GLN C 90 -10.51 5.11 -12.64
N VAL C 91 -10.86 4.99 -11.37
CA VAL C 91 -10.05 4.28 -10.36
C VAL C 91 -10.05 2.78 -10.69
N ALA C 92 -11.19 2.22 -11.07
CA ALA C 92 -11.29 0.82 -11.53
C ALA C 92 -10.36 0.60 -12.75
N ALA C 93 -10.36 1.54 -13.68
CA ALA C 93 -9.67 1.42 -14.98
C ALA C 93 -8.15 1.47 -14.80
N ASP C 94 -7.65 2.34 -13.93
CA ASP C 94 -6.25 2.80 -14.07
C ASP C 94 -5.63 3.31 -12.76
N ALA C 95 -6.30 3.28 -11.60
CA ALA C 95 -5.74 3.93 -10.39
C ALA C 95 -6.26 3.30 -9.09
N ASN C 96 -6.35 1.98 -9.02
CA ASN C 96 -6.88 1.29 -7.82
C ASN C 96 -5.74 0.57 -7.10
N LEU C 97 -5.93 0.21 -5.84
CA LEU C 97 -4.82 -0.31 -5.01
C LEU C 97 -4.53 -1.78 -5.31
N SER C 98 -5.26 -2.46 -6.19
CA SER C 98 -4.88 -3.85 -6.60
C SER C 98 -3.87 -3.75 -7.76
N GLY C 99 -3.81 -2.60 -8.45
CA GLY C 99 -2.99 -2.40 -9.64
C GLY C 99 -3.54 -3.09 -10.90
N HIS C 100 -4.80 -3.53 -10.89
CA HIS C 100 -5.47 -4.18 -12.04
C HIS C 100 -6.28 -3.15 -12.83
N MET C 101 -6.50 -3.45 -14.12
CA MET C 101 -7.50 -2.78 -14.99
C MET C 101 -8.84 -3.51 -14.86
N TYR C 102 -9.83 -2.80 -14.33
CA TYR C 102 -11.17 -3.37 -14.05
C TYR C 102 -12.26 -2.55 -14.73
N PRO C 103 -13.36 -3.23 -15.10
CA PRO C 103 -14.58 -2.54 -15.47
C PRO C 103 -15.19 -2.04 -14.16
N ASP C 104 -16.26 -1.29 -14.30
CA ASP C 104 -16.82 -0.51 -13.20
C ASP C 104 -17.88 -1.36 -12.49
N GLN C 105 -17.41 -2.31 -11.66
CA GLN C 105 -18.26 -3.35 -11.02
C GLN C 105 -17.85 -3.54 -9.54
N SER C 106 -17.26 -2.55 -8.89
CA SER C 106 -16.85 -2.60 -7.45
C SER C 106 -15.92 -3.79 -7.21
N LEU C 107 -15.00 -4.05 -8.14
CA LEU C 107 -14.07 -5.21 -8.06
C LEU C 107 -12.81 -4.79 -7.29
N TYR C 108 -12.48 -3.49 -7.25
CA TYR C 108 -11.20 -3.04 -6.65
C TYR C 108 -11.33 -2.89 -5.13
N PRO C 109 -10.21 -2.77 -4.38
CA PRO C 109 -10.26 -2.59 -2.93
C PRO C 109 -10.92 -1.28 -2.49
N ALA C 110 -11.76 -1.41 -1.46
CA ALA C 110 -12.69 -0.37 -0.99
C ALA C 110 -11.95 0.92 -0.59
N ASN C 111 -10.66 0.85 -0.25
CA ASN C 111 -9.89 2.03 0.21
C ASN C 111 -9.22 2.74 -0.99
N SER C 112 -9.52 2.34 -2.23
CA SER C 112 -8.82 2.85 -3.44
C SER C 112 -9.18 4.32 -3.68
N VAL C 113 -10.45 4.70 -3.62
CA VAL C 113 -10.84 6.12 -3.93
C VAL C 113 -10.34 7.02 -2.81
N PRO C 114 -10.51 6.71 -1.50
CA PRO C 114 -9.84 7.49 -0.46
C PRO C 114 -8.36 7.75 -0.75
N ALA C 115 -7.62 6.72 -1.19
CA ALA C 115 -6.17 6.83 -1.49
C ALA C 115 -5.95 7.91 -2.55
N VAL C 116 -6.82 7.97 -3.57
CA VAL C 116 -6.65 8.96 -4.67
C VAL C 116 -7.10 10.34 -4.16
N VAL C 117 -8.10 10.42 -3.29
CA VAL C 117 -8.46 11.73 -2.68
C VAL C 117 -7.20 12.30 -1.99
N LYS C 118 -6.55 11.47 -1.19
CA LYS C 118 -5.37 11.88 -0.42
C LYS C 118 -4.28 12.35 -1.39
N ARG C 119 -4.01 11.58 -2.44
CA ARG C 119 -3.00 11.95 -3.47
C ARG C 119 -3.31 13.31 -4.06
N ILE C 120 -4.55 13.51 -4.46
CA ILE C 120 -4.99 14.79 -5.08
C ILE C 120 -4.77 15.91 -4.08
N ASN C 121 -5.22 15.76 -2.84
CA ASN C 121 -5.06 16.81 -1.80
C ASN C 121 -3.57 17.07 -1.60
N GLN C 122 -2.72 16.06 -1.63
CA GLN C 122 -1.25 16.23 -1.40
C GLN C 122 -0.59 16.99 -2.58
N THR C 123 -1.03 16.75 -3.82
CA THR C 123 -0.52 17.48 -5.01
C THR C 123 -0.96 18.95 -4.88
N LEU C 124 -2.22 19.20 -4.53
CA LEU C 124 -2.76 20.58 -4.39
C LEU C 124 -2.01 21.31 -3.27
N GLN C 125 -1.70 20.61 -2.16
CA GLN C 125 -0.86 21.18 -1.07
C GLN C 125 0.49 21.63 -1.63
N ARG C 126 1.13 20.77 -2.41
CA ARG C 126 2.47 21.08 -2.94
C ARG C 126 2.34 22.30 -3.87
N ALA C 127 1.33 22.33 -4.72
CA ALA C 127 1.09 23.46 -5.65
C ALA C 127 0.91 24.74 -4.83
N ASP C 128 0.09 24.69 -3.78
CA ASP C 128 -0.11 25.83 -2.85
C ASP C 128 1.24 26.25 -2.24
N GLN C 129 2.08 25.29 -1.88
CA GLN C 129 3.37 25.59 -1.22
C GLN C 129 4.33 26.28 -2.18
N ILE C 130 4.37 25.81 -3.42
CA ILE C 130 5.23 26.42 -4.47
C ILE C 130 4.77 27.87 -4.65
N GLN C 131 3.50 28.08 -4.90
CA GLN C 131 2.93 29.44 -5.08
C GLN C 131 3.25 30.33 -3.86
N HIS C 132 2.96 29.85 -2.67
CA HIS C 132 3.11 30.62 -1.42
C HIS C 132 4.57 31.04 -1.23
N MET C 133 5.49 30.12 -1.48
CA MET C 133 6.96 30.29 -1.34
C MET C 133 7.44 31.39 -2.30
N GLU C 134 6.86 31.48 -3.49
CA GLU C 134 7.23 32.44 -4.56
C GLU C 134 6.60 33.81 -4.31
N GLY C 135 5.66 33.95 -3.37
CA GLY C 135 5.25 35.26 -2.81
C GLY C 135 3.77 35.62 -2.97
N SER C 136 2.98 34.80 -3.65
CA SER C 136 1.52 35.03 -3.92
C SER C 136 0.67 33.98 -3.22
N ASP C 137 -0.60 34.28 -2.95
CA ASP C 137 -1.65 33.27 -2.68
C ASP C 137 -2.77 33.41 -3.73
N ASP C 138 -2.43 33.81 -4.96
CA ASP C 138 -3.41 34.17 -6.03
C ASP C 138 -4.37 32.99 -6.25
N THR C 139 -3.89 31.83 -6.70
CA THR C 139 -4.75 30.67 -7.00
C THR C 139 -5.14 29.97 -5.69
N ASP C 140 -6.42 29.65 -5.54
CA ASP C 140 -6.90 28.79 -4.45
C ASP C 140 -6.81 27.32 -4.91
N TYR C 141 -5.74 26.62 -4.55
CA TYR C 141 -5.50 25.21 -4.96
C TYR C 141 -6.38 24.25 -4.14
N PHE C 142 -6.87 24.68 -3.00
CA PHE C 142 -7.66 23.79 -2.12
C PHE C 142 -9.12 23.78 -2.57
N VAL C 143 -9.37 23.34 -3.79
CA VAL C 143 -10.76 23.25 -4.33
C VAL C 143 -11.39 21.97 -3.79
N PRO C 144 -12.74 21.95 -3.65
CA PRO C 144 -13.44 20.78 -3.15
C PRO C 144 -13.30 19.57 -4.06
N ILE C 145 -13.07 18.40 -3.46
CA ILE C 145 -13.11 17.09 -4.18
C ILE C 145 -14.44 16.39 -3.85
N VAL C 146 -15.19 16.03 -4.90
CA VAL C 146 -16.41 15.17 -4.81
C VAL C 146 -16.02 13.76 -5.27
N ALA C 147 -16.10 12.80 -4.36
CA ALA C 147 -15.62 11.41 -4.58
C ALA C 147 -16.77 10.38 -4.70
N ASP C 148 -16.51 9.39 -5.53
CA ASP C 148 -17.39 8.24 -5.80
C ASP C 148 -17.22 7.17 -4.73
N ALA C 149 -18.25 6.91 -3.91
CA ALA C 149 -18.24 5.76 -2.96
C ALA C 149 -19.06 4.57 -3.51
N GLU C 150 -19.37 4.56 -4.82
CA GLU C 150 -20.13 3.46 -5.50
C GLU C 150 -21.37 3.10 -4.67
N ALA C 151 -21.56 1.82 -4.33
CA ALA C 151 -22.69 1.40 -3.46
C ALA C 151 -22.15 1.04 -2.07
N GLY C 152 -20.98 1.57 -1.71
CA GLY C 152 -20.40 1.43 -0.36
C GLY C 152 -19.69 0.11 -0.13
N PHE C 153 -19.53 -0.78 -1.12
CA PHE C 153 -18.66 -1.97 -1.02
C PHE C 153 -19.13 -2.88 0.10
N GLY C 154 -20.44 -3.11 0.17
CA GLY C 154 -21.00 -4.09 1.10
C GLY C 154 -22.27 -3.58 1.75
N GLY C 155 -22.39 -3.80 3.06
CA GLY C 155 -23.57 -3.36 3.82
C GLY C 155 -23.39 -1.97 4.44
N GLN C 156 -24.28 -1.63 5.37
CA GLN C 156 -24.33 -0.29 6.01
C GLN C 156 -23.01 -0.02 6.78
N LEU C 157 -22.33 -1.03 7.32
CA LEU C 157 -21.04 -0.79 8.04
C LEU C 157 -19.91 -0.53 7.05
N ASN C 158 -19.96 -1.14 5.86
CA ASN C 158 -18.95 -0.84 4.82
C ASN C 158 -19.17 0.61 4.37
N VAL C 159 -20.43 1.04 4.29
CA VAL C 159 -20.73 2.43 3.88
C VAL C 159 -20.11 3.38 4.90
N PHE C 160 -20.32 3.09 6.19
CA PHE C 160 -19.85 3.90 7.34
C PHE C 160 -18.33 4.07 7.24
N GLU C 161 -17.61 2.94 7.10
CA GLU C 161 -16.14 2.92 7.00
C GLU C 161 -15.69 3.67 5.75
N LEU C 162 -16.34 3.48 4.59
CA LEU C 162 -15.86 4.16 3.35
C LEU C 162 -16.08 5.67 3.52
N MET C 163 -17.24 6.10 4.01
CA MET C 163 -17.47 7.55 4.28
C MET C 163 -16.35 8.10 5.21
N LYS C 164 -16.00 7.41 6.29
CA LYS C 164 -14.94 7.89 7.20
C LYS C 164 -13.61 8.00 6.44
N GLY C 165 -13.22 6.98 5.64
CA GLY C 165 -12.00 7.00 4.82
C GLY C 165 -11.98 8.21 3.88
N MET C 166 -13.09 8.50 3.20
CA MET C 166 -13.20 9.68 2.29
C MET C 166 -12.91 10.97 3.08
N ILE C 167 -13.51 11.12 4.27
CA ILE C 167 -13.32 12.33 5.13
C ILE C 167 -11.86 12.41 5.60
N GLU C 168 -11.31 11.31 6.11
CA GLU C 168 -9.90 11.19 6.55
C GLU C 168 -8.97 11.70 5.44
N ALA C 169 -9.25 11.33 4.19
CA ALA C 169 -8.45 11.69 2.99
C ALA C 169 -8.65 13.17 2.58
N GLY C 170 -9.71 13.82 3.05
CA GLY C 170 -9.98 15.26 2.81
C GLY C 170 -10.96 15.50 1.68
N ALA C 171 -11.87 14.59 1.42
CA ALA C 171 -12.97 14.77 0.42
C ALA C 171 -13.99 15.78 1.00
N SER C 172 -14.62 16.55 0.13
CA SER C 172 -15.60 17.60 0.51
C SER C 172 -17.02 17.04 0.36
N GLY C 173 -17.17 16.06 -0.53
CA GLY C 173 -18.48 15.50 -0.90
C GLY C 173 -18.30 14.08 -1.36
N VAL C 174 -19.32 13.27 -1.14
CA VAL C 174 -19.28 11.82 -1.42
C VAL C 174 -20.63 11.41 -1.99
N HIS C 175 -20.63 10.61 -3.06
CA HIS C 175 -21.88 10.11 -3.66
C HIS C 175 -22.01 8.61 -3.45
N PHE C 176 -23.25 8.19 -3.21
CA PHE C 176 -23.63 6.79 -2.97
C PHE C 176 -24.82 6.50 -3.86
N GLU C 177 -24.84 5.31 -4.47
CA GLU C 177 -25.90 4.93 -5.42
C GLU C 177 -26.71 3.76 -4.87
N ASP C 178 -27.91 3.57 -5.41
CA ASP C 178 -28.94 2.67 -4.83
C ASP C 178 -28.88 1.31 -5.51
N GLN C 179 -27.66 0.83 -5.81
CA GLN C 179 -27.37 -0.50 -6.43
C GLN C 179 -26.97 -1.52 -5.37
N LEU C 180 -27.30 -2.79 -5.62
CA LEU C 180 -26.76 -3.94 -4.85
C LEU C 180 -25.26 -4.00 -5.10
N SER C 181 -24.46 -3.81 -4.04
CA SER C 181 -23.01 -3.63 -4.17
C SER C 181 -22.39 -4.83 -4.92
N SER C 182 -22.84 -6.06 -4.63
CA SER C 182 -22.26 -7.30 -5.22
C SER C 182 -22.57 -7.39 -6.72
N GLU C 183 -23.42 -6.52 -7.27
CA GLU C 183 -23.83 -6.52 -8.70
C GLU C 183 -23.55 -5.15 -9.30
N LYS C 184 -22.77 -4.30 -8.63
CA LYS C 184 -22.67 -2.86 -8.98
C LYS C 184 -22.25 -2.74 -10.44
N LYS C 185 -22.80 -1.75 -11.16
CA LYS C 185 -22.46 -1.43 -12.57
C LYS C 185 -22.30 0.08 -12.71
N CYS C 186 -21.46 0.52 -13.64
CA CYS C 186 -21.55 1.85 -14.27
C CYS C 186 -23.02 2.16 -14.58
N GLY C 187 -23.48 3.39 -14.38
CA GLY C 187 -24.89 3.75 -14.64
C GLY C 187 -25.29 3.53 -16.09
N HIS C 188 -24.33 3.48 -17.02
CA HIS C 188 -24.63 3.29 -18.46
C HIS C 188 -24.29 1.88 -18.96
N LEU C 189 -24.15 0.90 -18.06
CA LEU C 189 -24.10 -0.54 -18.43
C LEU C 189 -25.47 -1.16 -18.12
N GLY C 190 -25.75 -2.33 -18.70
CA GLY C 190 -26.91 -3.17 -18.33
C GLY C 190 -26.65 -3.98 -17.07
N GLY C 191 -27.68 -4.70 -16.59
CA GLY C 191 -27.61 -5.63 -15.44
C GLY C 191 -27.57 -4.88 -14.12
N LYS C 192 -28.16 -3.68 -14.09
CA LYS C 192 -28.26 -2.86 -12.85
C LYS C 192 -29.34 -3.48 -11.96
N VAL C 193 -29.00 -3.67 -10.69
CA VAL C 193 -29.95 -4.21 -9.69
C VAL C 193 -30.06 -3.14 -8.61
N LEU C 194 -31.28 -2.67 -8.38
CA LEU C 194 -31.59 -1.67 -7.34
C LEU C 194 -31.61 -2.34 -5.95
N LEU C 195 -31.26 -1.58 -4.93
CA LEU C 195 -31.62 -1.90 -3.54
C LEU C 195 -33.09 -1.57 -3.34
N PRO C 196 -33.71 -2.19 -2.31
CA PRO C 196 -34.98 -1.72 -1.79
C PRO C 196 -34.80 -0.25 -1.38
N THR C 197 -35.85 0.56 -1.50
CA THR C 197 -35.85 1.98 -1.09
C THR C 197 -35.31 2.09 0.34
N GLN C 198 -35.81 1.29 1.27
CA GLN C 198 -35.46 1.35 2.72
C GLN C 198 -33.95 1.11 2.93
N THR C 199 -33.33 0.22 2.16
CA THR C 199 -31.88 -0.12 2.26
C THR C 199 -31.04 1.04 1.72
N ALA C 200 -31.42 1.61 0.58
CA ALA C 200 -30.72 2.76 0.01
C ALA C 200 -30.83 3.93 1.01
N VAL C 201 -31.98 4.09 1.67
CA VAL C 201 -32.12 5.15 2.72
C VAL C 201 -31.14 4.83 3.86
N ARG C 202 -31.04 3.58 4.30
CA ARG C 202 -30.15 3.21 5.42
C ARG C 202 -28.71 3.53 5.05
N ASN C 203 -28.29 3.33 3.80
CA ASN C 203 -26.92 3.67 3.34
C ASN C 203 -26.69 5.18 3.47
N LEU C 204 -27.66 6.01 3.10
CA LEU C 204 -27.52 7.49 3.21
C LEU C 204 -27.47 7.88 4.70
N ILE C 205 -28.25 7.21 5.56
CA ILE C 205 -28.21 7.49 7.03
C ILE C 205 -26.84 7.09 7.57
N SER C 206 -26.29 5.98 7.10
CA SER C 206 -24.97 5.48 7.52
C SER C 206 -23.88 6.49 7.13
N ALA C 207 -23.94 7.06 5.95
CA ALA C 207 -22.97 8.07 5.46
C ALA C 207 -23.07 9.33 6.31
N ARG C 208 -24.29 9.79 6.59
CA ARG C 208 -24.47 10.97 7.50
C ARG C 208 -23.93 10.67 8.90
N LEU C 209 -24.15 9.46 9.42
CA LEU C 209 -23.68 9.13 10.80
C LEU C 209 -22.14 9.15 10.83
N ALA C 210 -21.50 8.62 9.77
CA ALA C 210 -20.03 8.63 9.63
C ALA C 210 -19.53 10.09 9.61
N ALA C 211 -20.13 10.96 8.80
CA ALA C 211 -19.78 12.39 8.75
C ALA C 211 -19.93 13.01 10.15
N ASP C 212 -21.03 12.73 10.87
CA ASP C 212 -21.33 13.29 12.22
C ASP C 212 -20.28 12.79 13.21
N VAL C 213 -19.88 11.52 13.14
CA VAL C 213 -18.89 10.92 14.07
C VAL C 213 -17.53 11.59 13.84
N MET C 214 -17.20 11.83 12.57
CA MET C 214 -15.92 12.49 12.19
C MET C 214 -15.99 13.99 12.53
N GLY C 215 -17.17 14.57 12.72
CA GLY C 215 -17.33 15.99 13.08
C GLY C 215 -17.21 16.95 11.91
N VAL C 216 -17.60 16.51 10.71
CA VAL C 216 -17.37 17.29 9.45
C VAL C 216 -18.68 17.32 8.66
N PRO C 217 -19.09 18.50 8.16
CA PRO C 217 -20.34 18.66 7.41
C PRO C 217 -20.22 18.29 5.92
N THR C 218 -19.71 17.08 5.68
CA THR C 218 -19.43 16.52 4.34
C THR C 218 -20.69 16.54 3.48
N ILE C 219 -20.55 16.91 2.21
CA ILE C 219 -21.73 16.93 1.29
C ILE C 219 -22.04 15.48 0.94
N ILE C 220 -23.32 15.07 1.01
CA ILE C 220 -23.76 13.71 0.59
C ILE C 220 -24.64 13.84 -0.64
N VAL C 221 -24.26 13.16 -1.72
CA VAL C 221 -25.02 13.11 -2.99
C VAL C 221 -25.65 11.72 -3.05
N ALA C 222 -26.99 11.68 -3.12
CA ALA C 222 -27.81 10.48 -3.34
C ALA C 222 -28.03 10.30 -4.83
N ARG C 223 -27.49 9.24 -5.40
CA ARG C 223 -27.68 8.89 -6.83
C ARG C 223 -28.74 7.79 -6.93
N THR C 224 -29.68 7.91 -7.87
CA THR C 224 -30.56 6.76 -8.20
C THR C 224 -30.25 6.23 -9.61
N ASP C 225 -30.16 4.91 -9.73
CA ASP C 225 -29.97 4.19 -11.01
C ASP C 225 -31.34 3.73 -11.55
N ALA C 226 -32.46 4.21 -11.02
CA ALA C 226 -33.79 3.59 -11.24
C ALA C 226 -34.41 4.02 -12.58
N ASP C 227 -33.87 5.01 -13.28
CA ASP C 227 -34.33 5.38 -14.65
C ASP C 227 -34.21 4.17 -15.59
N ALA C 228 -33.07 3.45 -15.54
CA ALA C 228 -32.78 2.28 -16.41
C ALA C 228 -32.86 0.95 -15.65
N ALA C 229 -32.51 0.90 -14.36
CA ALA C 229 -32.52 -0.38 -13.60
C ALA C 229 -33.93 -1.00 -13.65
N ASP C 230 -34.04 -2.24 -14.14
CA ASP C 230 -35.34 -2.97 -14.24
C ASP C 230 -35.25 -4.26 -13.41
N LEU C 231 -34.38 -4.27 -12.40
CA LEU C 231 -34.24 -5.33 -11.39
C LEU C 231 -34.12 -4.71 -9.99
N ILE C 232 -34.60 -5.41 -8.97
CA ILE C 232 -34.49 -5.02 -7.55
C ILE C 232 -34.13 -6.26 -6.74
N THR C 233 -33.27 -6.14 -5.76
CA THR C 233 -32.75 -7.30 -4.98
C THR C 233 -33.94 -8.04 -4.35
N SER C 234 -34.96 -7.31 -3.94
CA SER C 234 -36.01 -7.80 -3.00
C SER C 234 -37.28 -6.98 -3.14
N ASP C 235 -38.42 -7.61 -2.86
CA ASP C 235 -39.76 -6.97 -2.84
C ASP C 235 -40.11 -6.49 -1.42
N ILE C 236 -39.17 -6.50 -0.47
CA ILE C 236 -39.47 -6.28 0.99
C ILE C 236 -40.16 -4.93 1.22
N ASP C 237 -39.71 -3.88 0.54
CA ASP C 237 -40.23 -2.52 0.79
C ASP C 237 -41.54 -2.33 0.04
N PRO C 238 -42.68 -2.11 0.75
CA PRO C 238 -43.98 -1.94 0.09
C PRO C 238 -44.00 -0.80 -0.93
N VAL C 239 -43.22 0.27 -0.75
CA VAL C 239 -43.18 1.38 -1.76
C VAL C 239 -42.59 0.86 -3.08
N ASP C 240 -41.83 -0.23 -3.10
CA ASP C 240 -41.20 -0.73 -4.34
C ASP C 240 -42.18 -1.66 -5.07
N LYS C 241 -43.19 -2.16 -4.37
CA LYS C 241 -44.15 -3.15 -4.94
C LYS C 241 -44.98 -2.50 -6.05
N ALA C 242 -45.11 -1.16 -6.06
CA ALA C 242 -45.79 -0.45 -7.16
C ALA C 242 -45.09 -0.72 -8.51
N PHE C 243 -43.77 -1.01 -8.54
CA PHE C 243 -42.97 -1.15 -9.78
C PHE C 243 -42.69 -2.62 -10.12
N ILE C 244 -42.91 -3.53 -9.20
CA ILE C 244 -42.54 -4.96 -9.35
C ILE C 244 -43.59 -5.65 -10.22
N THR C 245 -43.15 -6.41 -11.23
CA THR C 245 -44.00 -7.15 -12.20
C THR C 245 -44.37 -8.53 -11.65
N GLY C 246 -43.61 -9.06 -10.70
CA GLY C 246 -43.86 -10.39 -10.10
C GLY C 246 -42.94 -11.45 -10.66
N GLU C 247 -42.27 -11.15 -11.77
CA GLU C 247 -41.29 -12.12 -12.36
C GLU C 247 -40.01 -12.08 -11.53
N ARG C 248 -39.41 -13.25 -11.30
CA ARG C 248 -38.10 -13.35 -10.60
C ARG C 248 -37.05 -13.90 -11.57
N THR C 249 -35.82 -13.37 -11.49
CA THR C 249 -34.66 -13.88 -12.26
C THR C 249 -34.20 -15.19 -11.61
N PRO C 250 -33.28 -15.94 -12.24
CA PRO C 250 -32.70 -17.15 -11.65
C PRO C 250 -32.04 -16.92 -10.29
N GLU C 251 -31.44 -15.74 -10.13
CA GLU C 251 -30.73 -15.30 -8.89
C GLU C 251 -31.74 -14.95 -7.79
N GLY C 252 -33.02 -14.73 -8.13
CA GLY C 252 -34.03 -14.34 -7.12
C GLY C 252 -34.32 -12.86 -7.14
N PHE C 253 -33.75 -12.10 -8.07
CA PHE C 253 -34.02 -10.64 -8.22
C PHE C 253 -35.43 -10.48 -8.82
N TYR C 254 -36.12 -9.39 -8.50
CA TYR C 254 -37.49 -9.10 -9.00
C TYR C 254 -37.38 -8.11 -10.17
N ARG C 255 -38.09 -8.37 -11.26
CA ARG C 255 -38.11 -7.47 -12.43
C ARG C 255 -39.01 -6.28 -12.07
N THR C 256 -38.67 -5.09 -12.54
CA THR C 256 -39.45 -3.85 -12.28
C THR C 256 -39.69 -3.07 -13.57
N ASN C 257 -40.67 -2.16 -13.52
CA ASN C 257 -40.99 -1.20 -14.60
C ASN C 257 -40.09 0.02 -14.44
N ALA C 258 -38.96 0.02 -15.17
CA ALA C 258 -37.96 1.10 -15.10
C ALA C 258 -38.52 2.31 -15.84
N GLY C 259 -37.93 3.48 -15.60
CA GLY C 259 -38.31 4.75 -16.23
C GLY C 259 -38.32 5.89 -15.23
N LEU C 260 -38.76 7.06 -15.68
CA LEU C 260 -38.68 8.31 -14.91
C LEU C 260 -39.54 8.18 -13.65
N ASP C 261 -40.65 7.44 -13.72
CA ASP C 261 -41.55 7.23 -12.57
C ASP C 261 -40.77 6.53 -11.46
N GLN C 262 -40.00 5.48 -11.76
CA GLN C 262 -39.21 4.72 -10.76
C GLN C 262 -38.13 5.63 -10.15
N ALA C 263 -37.43 6.44 -10.97
CA ALA C 263 -36.37 7.37 -10.56
C ALA C 263 -36.94 8.49 -9.68
N ILE C 264 -38.07 9.10 -10.07
CA ILE C 264 -38.72 10.18 -9.25
C ILE C 264 -39.05 9.62 -7.85
N ALA C 265 -39.68 8.45 -7.77
CA ALA C 265 -39.99 7.75 -6.51
C ALA C 265 -38.73 7.66 -5.62
N ARG C 266 -37.58 7.27 -6.20
CA ARG C 266 -36.31 7.08 -5.46
C ARG C 266 -35.74 8.44 -5.05
N GLY C 267 -35.70 9.40 -5.96
CA GLY C 267 -35.29 10.80 -5.68
C GLY C 267 -36.09 11.37 -4.51
N LEU C 268 -37.41 11.20 -4.49
CA LEU C 268 -38.25 11.75 -3.41
C LEU C 268 -37.93 11.03 -2.09
N ALA C 269 -37.64 9.75 -2.12
CA ALA C 269 -37.31 8.94 -0.93
C ALA C 269 -35.98 9.42 -0.35
N TYR C 270 -35.01 9.77 -1.20
CA TYR C 270 -33.61 10.05 -0.78
C TYR C 270 -33.43 11.52 -0.42
N ALA C 271 -34.28 12.41 -0.93
CA ALA C 271 -34.13 13.88 -0.72
C ALA C 271 -34.01 14.24 0.76
N PRO C 272 -34.80 13.72 1.73
CA PRO C 272 -34.64 14.16 3.13
C PRO C 272 -33.28 13.75 3.73
N TYR C 273 -32.49 12.89 3.06
CA TYR C 273 -31.30 12.23 3.67
C TYR C 273 -30.02 12.51 2.88
N ALA C 274 -30.01 13.57 2.08
CA ALA C 274 -28.96 13.87 1.10
C ALA C 274 -28.98 15.35 0.81
N ASP C 275 -27.81 15.91 0.54
CA ASP C 275 -27.65 17.36 0.21
C ASP C 275 -27.98 17.60 -1.26
N LEU C 276 -27.63 16.66 -2.13
CA LEU C 276 -27.95 16.73 -3.58
C LEU C 276 -28.54 15.39 -4.01
N VAL C 277 -29.44 15.44 -4.98
CA VAL C 277 -30.01 14.24 -5.63
C VAL C 277 -29.51 14.17 -7.07
N TRP C 278 -29.17 12.96 -7.52
CA TRP C 278 -28.57 12.70 -8.85
C TRP C 278 -29.38 11.56 -9.50
N CYS C 279 -29.95 11.82 -10.67
CA CYS C 279 -30.69 10.82 -11.49
C CYS C 279 -29.84 10.46 -12.72
N GLU C 280 -29.29 9.25 -12.79
CA GLU C 280 -28.58 8.77 -14.01
C GLU C 280 -29.62 8.71 -15.12
N THR C 281 -29.22 9.02 -16.35
CA THR C 281 -30.10 9.03 -17.56
C THR C 281 -29.39 8.27 -18.69
N SER C 282 -30.10 7.86 -19.72
CA SER C 282 -29.54 7.06 -20.83
C SER C 282 -29.10 7.99 -21.97
N GLU C 283 -29.41 9.29 -21.88
CA GLU C 283 -28.98 10.30 -22.89
C GLU C 283 -29.09 11.69 -22.28
N PRO C 284 -28.47 12.73 -22.90
CA PRO C 284 -28.51 14.08 -22.36
C PRO C 284 -29.76 14.84 -22.84
N ASN C 285 -30.88 14.63 -22.16
CA ASN C 285 -32.23 15.09 -22.59
C ASN C 285 -32.73 16.19 -21.64
N LEU C 286 -32.89 17.42 -22.15
CA LEU C 286 -33.32 18.60 -21.35
C LEU C 286 -34.72 18.39 -20.74
N GLU C 287 -35.66 17.86 -21.50
CA GLU C 287 -37.07 17.70 -21.04
C GLU C 287 -37.07 16.75 -19.83
N ASP C 288 -36.37 15.62 -19.91
CA ASP C 288 -36.27 14.61 -18.82
C ASP C 288 -35.64 15.24 -17.58
N ALA C 289 -34.59 16.02 -17.77
CA ALA C 289 -33.88 16.71 -16.68
C ALA C 289 -34.87 17.66 -15.96
N LYS C 290 -35.68 18.38 -16.71
CA LYS C 290 -36.65 19.35 -16.14
C LYS C 290 -37.75 18.59 -15.40
N ARG C 291 -38.29 17.53 -16.01
CA ARG C 291 -39.34 16.67 -15.43
C ARG C 291 -38.85 16.16 -14.08
N PHE C 292 -37.63 15.60 -14.03
CA PHE C 292 -37.07 15.08 -12.77
C PHE C 292 -36.97 16.23 -11.76
N ALA C 293 -36.36 17.34 -12.15
CA ALA C 293 -36.17 18.54 -11.30
C ALA C 293 -37.50 19.04 -10.72
N ASP C 294 -38.55 19.21 -11.56
CA ASP C 294 -39.88 19.70 -11.14
C ASP C 294 -40.50 18.74 -10.11
N ALA C 295 -40.33 17.43 -10.31
CA ALA C 295 -40.89 16.37 -9.42
C ALA C 295 -40.28 16.52 -8.02
N ILE C 296 -38.96 16.65 -7.95
CA ILE C 296 -38.26 16.83 -6.65
C ILE C 296 -38.69 18.16 -6.04
N HIS C 297 -38.65 19.22 -6.84
CA HIS C 297 -38.88 20.62 -6.41
C HIS C 297 -40.33 20.84 -5.93
N LYS C 298 -41.28 20.02 -6.38
CA LYS C 298 -42.70 20.10 -5.90
C LYS C 298 -42.72 19.80 -4.40
N GLU C 299 -41.97 18.78 -3.95
CA GLU C 299 -41.91 18.39 -2.51
C GLU C 299 -40.77 19.08 -1.76
N HIS C 300 -39.62 19.39 -2.39
CA HIS C 300 -38.42 19.97 -1.73
C HIS C 300 -37.92 21.17 -2.53
N PRO C 301 -38.64 22.31 -2.47
CA PRO C 301 -38.29 23.43 -3.35
C PRO C 301 -36.87 23.89 -3.01
N GLY C 302 -36.09 24.23 -4.04
CA GLY C 302 -34.69 24.64 -3.81
C GLY C 302 -33.75 23.45 -3.66
N LYS C 303 -34.23 22.20 -3.71
CA LYS C 303 -33.31 21.04 -3.54
C LYS C 303 -32.22 21.11 -4.61
N LEU C 304 -30.96 21.08 -4.18
CA LEU C 304 -29.78 21.02 -5.09
C LEU C 304 -29.74 19.67 -5.82
N LEU C 305 -29.40 19.69 -7.10
CA LEU C 305 -29.34 18.48 -7.96
C LEU C 305 -27.96 18.35 -8.60
N ALA C 306 -27.58 17.12 -8.93
CA ALA C 306 -26.33 16.79 -9.63
C ALA C 306 -26.67 16.11 -10.96
N TYR C 307 -25.84 16.37 -11.97
CA TYR C 307 -26.03 15.85 -13.34
C TYR C 307 -24.68 15.37 -13.89
N ASN C 308 -24.70 14.12 -14.35
CA ASN C 308 -23.55 13.42 -15.00
C ASN C 308 -23.58 13.77 -16.50
N CYS C 309 -22.72 14.68 -16.94
CA CYS C 309 -22.55 14.95 -18.39
C CYS C 309 -21.66 13.83 -18.96
N SER C 310 -22.22 12.63 -19.12
CA SER C 310 -21.45 11.37 -19.25
C SER C 310 -20.80 11.22 -20.63
N PRO C 311 -19.50 10.86 -20.71
CA PRO C 311 -18.90 10.44 -21.97
C PRO C 311 -19.43 9.11 -22.52
N SER C 312 -20.22 8.37 -21.73
CA SER C 312 -21.01 7.20 -22.20
C SER C 312 -22.12 7.65 -23.15
N PHE C 313 -22.36 8.96 -23.31
CA PHE C 313 -23.27 9.49 -24.36
C PHE C 313 -22.45 9.82 -25.60
N ASN C 314 -23.02 9.61 -26.77
CA ASN C 314 -22.51 10.18 -28.05
C ASN C 314 -23.17 11.56 -28.24
N TRP C 315 -22.45 12.63 -27.89
CA TRP C 315 -23.05 13.97 -27.68
C TRP C 315 -23.56 14.52 -29.02
N LYS C 316 -22.72 14.52 -30.04
CA LYS C 316 -23.08 15.03 -31.39
C LYS C 316 -24.18 14.14 -31.99
N GLN C 317 -24.28 12.87 -31.59
CA GLN C 317 -25.37 12.00 -32.10
C GLN C 317 -26.71 12.49 -31.49
N LYS C 318 -26.74 12.80 -30.20
CA LYS C 318 -27.97 13.13 -29.44
C LYS C 318 -28.38 14.61 -29.56
N LEU C 319 -27.44 15.53 -29.77
CA LEU C 319 -27.71 16.98 -29.63
C LEU C 319 -27.06 17.74 -30.79
N ASP C 320 -27.71 18.82 -31.25
CA ASP C 320 -27.10 19.79 -32.22
C ASP C 320 -26.05 20.65 -31.50
N GLU C 321 -25.20 21.34 -32.28
CA GLU C 321 -24.07 22.16 -31.80
C GLU C 321 -24.54 23.21 -30.80
N LYS C 322 -25.68 23.83 -31.07
CA LYS C 322 -26.23 24.92 -30.22
C LYS C 322 -26.62 24.33 -28.85
N ALA C 323 -27.34 23.21 -28.86
CA ALA C 323 -27.83 22.50 -27.66
C ALA C 323 -26.65 22.02 -26.79
N ILE C 324 -25.58 21.54 -27.42
CA ILE C 324 -24.34 21.11 -26.72
C ILE C 324 -23.71 22.32 -26.00
N ALA C 325 -23.50 23.42 -26.73
CA ALA C 325 -22.90 24.67 -26.22
C ALA C 325 -23.70 25.17 -25.02
N SER C 326 -25.03 25.04 -25.02
CA SER C 326 -25.89 25.70 -23.99
C SER C 326 -26.30 24.70 -22.89
N PHE C 327 -25.93 23.43 -23.05
CA PHE C 327 -26.47 22.34 -22.20
C PHE C 327 -26.28 22.64 -20.70
N GLN C 328 -25.05 22.91 -20.25
CA GLN C 328 -24.74 23.09 -18.80
C GLN C 328 -25.45 24.33 -18.22
N LYS C 329 -25.47 25.46 -18.93
CA LYS C 329 -26.13 26.71 -18.47
C LYS C 329 -27.63 26.44 -18.37
N GLU C 330 -28.18 25.68 -19.32
CA GLU C 330 -29.64 25.38 -19.37
C GLU C 330 -30.01 24.48 -18.18
N ILE C 331 -29.33 23.36 -17.97
CA ILE C 331 -29.74 22.46 -16.85
C ILE C 331 -29.46 23.13 -15.49
N ALA C 332 -28.49 24.04 -15.40
CA ALA C 332 -28.19 24.75 -14.12
C ALA C 332 -29.42 25.54 -13.68
N SER C 333 -30.17 26.08 -14.66
CA SER C 333 -31.40 26.87 -14.44
C SER C 333 -32.53 25.97 -13.92
N TYR C 334 -32.41 24.64 -14.00
CA TYR C 334 -33.38 23.69 -13.38
C TYR C 334 -32.97 23.28 -11.96
N GLY C 335 -31.78 23.67 -11.48
CA GLY C 335 -31.27 23.31 -10.15
C GLY C 335 -30.13 22.30 -10.18
N TYR C 336 -29.63 21.90 -11.36
CA TYR C 336 -28.43 21.01 -11.48
C TYR C 336 -27.17 21.85 -11.22
N LYS C 337 -26.75 21.98 -9.95
CA LYS C 337 -25.70 22.93 -9.54
C LYS C 337 -24.34 22.23 -9.43
N PHE C 338 -24.28 20.91 -9.38
CA PHE C 338 -23.03 20.15 -9.51
C PHE C 338 -23.11 19.31 -10.78
N GLN C 339 -22.24 19.59 -11.76
CA GLN C 339 -22.26 18.97 -13.10
C GLN C 339 -20.85 18.46 -13.36
N PHE C 340 -20.69 17.28 -13.95
CA PHE C 340 -19.38 16.62 -14.01
C PHE C 340 -19.32 15.65 -15.17
N VAL C 341 -18.19 15.67 -15.85
CA VAL C 341 -17.84 14.68 -16.92
C VAL C 341 -17.01 13.58 -16.25
N THR C 342 -17.67 12.46 -15.97
CA THR C 342 -17.15 11.35 -15.13
C THR C 342 -15.79 10.90 -15.65
N LEU C 343 -15.67 10.62 -16.96
CA LEU C 343 -14.50 9.88 -17.51
C LEU C 343 -13.57 10.81 -18.29
N ALA C 344 -13.64 12.11 -18.08
CA ALA C 344 -12.85 13.11 -18.84
C ALA C 344 -11.37 12.74 -18.70
N GLY C 345 -10.96 12.29 -17.50
CA GLY C 345 -9.54 12.04 -17.22
C GLY C 345 -9.04 10.85 -18.00
N PHE C 346 -9.83 9.77 -17.98
CA PHE C 346 -9.58 8.56 -18.81
C PHE C 346 -9.40 8.98 -20.28
N HIS C 347 -10.34 9.73 -20.84
CA HIS C 347 -10.36 10.02 -22.29
C HIS C 347 -9.18 10.93 -22.64
N SER C 348 -8.93 11.96 -21.81
CA SER C 348 -7.77 12.89 -21.97
C SER C 348 -6.47 12.08 -22.02
N LEU C 349 -6.26 11.23 -21.02
CA LEU C 349 -5.01 10.45 -20.86
C LEU C 349 -4.82 9.47 -22.04
N ASN C 350 -5.84 8.69 -22.39
CA ASN C 350 -5.73 7.62 -23.40
C ASN C 350 -5.58 8.22 -24.80
N TYR C 351 -6.44 9.18 -25.17
CA TYR C 351 -6.36 9.88 -26.47
C TYR C 351 -5.01 10.58 -26.62
N GLY C 352 -4.59 11.34 -25.60
CA GLY C 352 -3.33 12.09 -25.66
C GLY C 352 -2.16 11.16 -25.93
N MET C 353 -2.04 10.08 -25.18
CA MET C 353 -0.89 9.15 -25.31
C MET C 353 -0.96 8.35 -26.62
N PHE C 354 -2.12 7.85 -27.02
CA PHE C 354 -2.25 7.15 -28.31
C PHE C 354 -1.72 8.05 -29.43
N GLU C 355 -2.21 9.29 -29.52
CA GLU C 355 -1.84 10.21 -30.64
C GLU C 355 -0.35 10.53 -30.56
N LEU C 356 0.17 10.76 -29.36
CA LEU C 356 1.60 11.10 -29.19
C LEU C 356 2.44 9.90 -29.63
N ALA C 357 2.14 8.72 -29.11
CA ALA C 357 2.94 7.50 -29.35
C ALA C 357 2.87 7.15 -30.85
N ARG C 358 1.72 7.36 -31.49
CA ARG C 358 1.56 7.05 -32.93
C ARG C 358 2.41 8.03 -33.76
N GLY C 359 2.31 9.32 -33.47
CA GLY C 359 3.17 10.36 -34.04
C GLY C 359 4.63 9.99 -33.85
N TYR C 360 5.02 9.63 -32.63
CA TYR C 360 6.40 9.23 -32.27
C TYR C 360 6.87 8.04 -33.11
N LYS C 361 6.03 7.01 -33.23
CA LYS C 361 6.31 5.79 -34.03
C LYS C 361 6.58 6.19 -35.48
N GLU C 362 5.88 7.20 -35.99
CA GLU C 362 5.88 7.52 -37.43
C GLU C 362 6.98 8.54 -37.71
N ARG C 363 7.21 9.48 -36.79
CA ARG C 363 8.02 10.70 -37.05
C ARG C 363 9.06 10.96 -35.95
N GLY C 364 9.23 10.07 -34.97
CA GLY C 364 10.25 10.23 -33.91
C GLY C 364 10.17 11.58 -33.21
N MET C 365 11.31 12.25 -33.04
CA MET C 365 11.39 13.45 -32.18
C MET C 365 10.64 14.62 -32.80
N ALA C 366 10.23 14.55 -34.07
CA ALA C 366 9.40 15.63 -34.67
C ALA C 366 8.04 15.65 -33.95
N ALA C 367 7.47 14.47 -33.69
CA ALA C 367 6.17 14.35 -32.99
C ALA C 367 6.31 14.93 -31.58
N TYR C 368 7.43 14.69 -30.90
CA TYR C 368 7.57 15.13 -29.49
C TYR C 368 7.80 16.64 -29.45
N SER C 369 8.61 17.18 -30.36
CA SER C 369 8.84 18.63 -30.49
C SER C 369 7.50 19.35 -30.74
N GLU C 370 6.63 18.77 -31.56
CA GLU C 370 5.28 19.34 -31.83
C GLU C 370 4.56 19.53 -30.49
N LEU C 371 4.58 18.52 -29.62
CA LEU C 371 3.93 18.60 -28.28
C LEU C 371 4.59 19.71 -27.45
N GLN C 372 5.91 19.74 -27.33
CA GLN C 372 6.63 20.77 -26.54
C GLN C 372 6.24 22.16 -27.04
N GLN C 373 6.08 22.32 -28.37
CA GLN C 373 5.72 23.63 -28.99
C GLN C 373 4.29 24.00 -28.61
N ALA C 374 3.35 23.03 -28.59
CA ALA C 374 1.94 23.26 -28.21
C ALA C 374 1.90 23.69 -26.75
N GLU C 375 2.77 23.10 -25.93
CA GLU C 375 2.94 23.48 -24.50
C GLU C 375 3.48 24.91 -24.37
N PHE C 376 4.51 25.26 -25.12
CA PHE C 376 4.99 26.66 -25.09
C PHE C 376 3.83 27.58 -25.49
N ALA C 377 2.99 27.21 -26.47
CA ALA C 377 1.91 28.07 -26.96
C ALA C 377 0.83 28.22 -25.86
N ALA C 378 0.67 27.25 -24.96
CA ALA C 378 -0.39 27.30 -23.91
C ALA C 378 0.03 28.15 -22.72
N GLU C 379 1.30 28.49 -22.57
CA GLU C 379 1.80 29.27 -21.41
C GLU C 379 1.03 30.61 -21.29
N LYS C 380 0.70 31.25 -22.41
CA LYS C 380 -0.01 32.58 -22.37
C LYS C 380 -1.45 32.41 -21.91
N HIS C 381 -1.98 31.18 -21.89
CA HIS C 381 -3.32 30.92 -21.33
C HIS C 381 -3.18 30.37 -19.91
N GLY C 382 -1.98 30.27 -19.35
CA GLY C 382 -1.75 29.92 -17.94
C GLY C 382 -1.07 28.57 -17.73
N TYR C 383 -0.79 27.81 -18.77
CA TYR C 383 -0.05 26.53 -18.66
C TYR C 383 1.37 26.81 -18.14
N SER C 384 1.89 26.01 -17.19
CA SER C 384 3.27 26.21 -16.71
C SER C 384 4.09 24.92 -16.75
N ALA C 385 3.50 23.76 -17.06
CA ALA C 385 4.12 22.45 -16.84
C ALA C 385 5.25 22.18 -17.85
N THR C 386 5.39 23.00 -18.89
CA THR C 386 6.50 22.81 -19.85
C THR C 386 7.81 23.05 -19.08
N ARG C 387 7.78 23.90 -18.03
CA ARG C 387 8.87 24.01 -17.02
C ARG C 387 8.60 22.98 -15.91
N HIS C 388 8.84 21.71 -16.21
CA HIS C 388 8.45 20.54 -15.37
C HIS C 388 9.19 20.54 -14.02
N GLN C 389 10.45 20.95 -13.99
CA GLN C 389 11.23 20.95 -12.72
C GLN C 389 10.54 21.86 -11.71
N ARG C 390 10.20 23.09 -12.10
CA ARG C 390 9.48 24.04 -11.21
C ARG C 390 8.11 23.50 -10.80
N GLU C 391 7.38 22.91 -11.74
CA GLU C 391 5.97 22.48 -11.61
C GLU C 391 5.82 21.49 -10.43
N VAL C 392 6.77 20.58 -10.25
CA VAL C 392 6.68 19.45 -9.29
C VAL C 392 7.33 19.81 -7.95
N GLY C 393 7.93 21.00 -7.82
CA GLY C 393 8.39 21.58 -6.54
C GLY C 393 9.90 21.57 -6.36
N THR C 394 10.71 21.45 -7.42
CA THR C 394 12.18 21.54 -7.28
C THR C 394 12.58 22.85 -6.57
N GLY C 395 11.94 23.98 -6.92
CA GLY C 395 12.21 25.27 -6.27
C GLY C 395 11.84 25.25 -4.80
N TYR C 396 10.74 24.59 -4.43
CA TYR C 396 10.29 24.52 -3.02
C TYR C 396 11.35 23.79 -2.21
N PHE C 397 11.82 22.64 -2.72
CA PHE C 397 12.81 21.79 -1.98
C PHE C 397 14.17 22.50 -1.96
N ASP C 398 14.55 23.24 -3.01
CA ASP C 398 15.80 24.07 -2.99
C ASP C 398 15.73 25.08 -1.84
N GLU C 399 14.56 25.68 -1.60
CA GLU C 399 14.39 26.71 -0.54
C GLU C 399 14.42 26.04 0.82
N VAL C 400 13.82 24.84 0.95
CA VAL C 400 13.95 24.00 2.18
C VAL C 400 15.44 23.81 2.49
N ALA C 401 16.21 23.34 1.52
CA ALA C 401 17.66 23.08 1.64
C ALA C 401 18.39 24.37 2.04
N GLN C 402 18.05 25.52 1.46
CA GLN C 402 18.69 26.83 1.81
C GLN C 402 18.37 27.21 3.28
N VAL C 403 17.16 26.99 3.77
CA VAL C 403 16.80 27.29 5.18
C VAL C 403 17.59 26.34 6.09
N ILE C 404 17.67 25.05 5.77
CA ILE C 404 18.42 24.05 6.59
C ILE C 404 19.90 24.42 6.70
N THR C 405 20.55 24.86 5.62
CA THR C 405 22.03 25.03 5.53
C THR C 405 22.40 26.50 5.72
N GLY C 406 21.46 27.40 6.02
CA GLY C 406 21.78 28.84 6.16
C GLY C 406 22.27 29.40 4.83
N GLY C 407 21.74 28.87 3.73
CA GLY C 407 22.05 29.32 2.35
C GLY C 407 23.44 28.92 1.89
N THR C 408 24.02 27.84 2.41
CA THR C 408 25.38 27.37 2.05
C THR C 408 25.36 26.10 1.17
N SER C 409 24.21 25.46 0.91
CA SER C 409 24.19 24.17 0.14
C SER C 409 24.89 24.37 -1.20
N SER C 410 25.73 23.42 -1.58
CA SER C 410 26.42 23.42 -2.90
C SER C 410 25.67 22.53 -3.90
N THR C 411 24.51 21.99 -3.51
CA THR C 411 23.82 20.94 -4.31
C THR C 411 22.33 21.25 -4.46
N THR C 412 21.95 22.53 -4.54
CA THR C 412 20.57 22.91 -4.98
C THR C 412 20.47 22.58 -6.48
N ALA C 413 19.23 22.40 -6.94
CA ALA C 413 18.90 21.67 -8.18
C ALA C 413 18.57 22.62 -9.34
N LEU C 414 17.88 23.73 -9.09
CA LEU C 414 17.39 24.62 -10.19
C LEU C 414 18.56 25.41 -10.77
N LYS C 415 19.46 25.93 -9.92
CA LYS C 415 20.73 26.58 -10.35
C LYS C 415 21.55 25.57 -11.16
N GLY C 416 21.91 25.93 -12.38
CA GLY C 416 22.67 25.06 -13.29
C GLY C 416 21.82 23.99 -13.95
N SER C 417 20.48 24.08 -13.89
CA SER C 417 19.55 23.14 -14.60
C SER C 417 19.41 23.55 -16.08
N THR C 418 19.10 22.58 -16.94
CA THR C 418 18.73 22.83 -18.37
C THR C 418 17.41 23.64 -18.42
N GLU C 419 16.52 23.46 -17.45
CA GLU C 419 15.30 24.31 -17.33
C GLU C 419 15.69 25.80 -17.28
N GLU C 420 16.64 26.20 -16.42
CA GLU C 420 17.02 27.63 -16.26
C GLU C 420 17.82 28.07 -17.49
N ALA C 421 18.55 27.19 -18.16
CA ALA C 421 19.37 27.54 -19.34
C ALA C 421 18.48 27.67 -20.59
N GLN C 422 17.54 26.74 -20.80
CA GLN C 422 16.88 26.49 -22.11
C GLN C 422 15.42 26.96 -22.09
N PHE C 423 14.83 27.20 -20.91
CA PHE C 423 13.42 27.66 -20.73
C PHE C 423 13.45 29.05 -20.07
N ASN D 3 25.78 -29.40 -7.33
CA ASN D 3 26.59 -29.46 -8.58
C ASN D 3 25.69 -29.15 -9.78
N GLU D 4 24.53 -29.80 -9.86
CA GLU D 4 23.62 -29.72 -11.03
C GLU D 4 23.30 -28.23 -11.30
N ARG D 5 22.77 -27.51 -10.30
CA ARG D 5 22.36 -26.08 -10.38
C ARG D 5 23.55 -25.16 -10.71
N ILE D 6 24.70 -25.40 -10.08
CA ILE D 6 25.97 -24.65 -10.31
C ILE D 6 26.32 -24.75 -11.80
N GLU D 7 26.51 -25.99 -12.29
CA GLU D 7 26.92 -26.33 -13.68
C GLU D 7 25.97 -25.67 -14.69
N LYS D 8 24.68 -25.81 -14.48
CA LYS D 8 23.63 -25.24 -15.35
C LYS D 8 23.84 -23.73 -15.50
N LEU D 9 24.13 -23.04 -14.39
CA LEU D 9 24.28 -21.57 -14.36
C LEU D 9 25.57 -21.17 -15.09
N GLN D 10 26.65 -21.88 -14.77
CA GLN D 10 28.02 -21.73 -15.33
C GLN D 10 27.91 -21.89 -16.86
N GLU D 11 27.15 -22.87 -17.32
CA GLU D 11 26.99 -23.20 -18.75
C GLU D 11 26.36 -22.00 -19.46
N SER D 12 25.24 -21.50 -18.92
CA SER D 12 24.58 -20.26 -19.40
C SER D 12 25.61 -19.15 -19.57
N TRP D 13 26.44 -18.87 -18.56
CA TRP D 13 27.33 -17.68 -18.59
C TRP D 13 28.40 -17.85 -19.70
N GLU D 14 28.95 -19.05 -19.81
CA GLU D 14 30.08 -19.38 -20.72
C GLU D 14 29.57 -19.63 -22.15
N LEU D 15 28.42 -20.27 -22.32
CA LEU D 15 28.01 -20.80 -23.65
C LEU D 15 27.01 -19.86 -24.34
N ASP D 16 26.27 -19.02 -23.61
CA ASP D 16 25.18 -18.23 -24.23
C ASP D 16 25.75 -16.92 -24.79
N GLU D 17 25.37 -16.59 -26.03
CA GLU D 17 25.66 -15.32 -26.74
C GLU D 17 25.22 -14.12 -25.88
N ARG D 18 24.20 -14.32 -25.02
CA ARG D 18 23.61 -13.23 -24.19
C ARG D 18 24.70 -12.56 -23.35
N TRP D 19 25.70 -13.32 -22.89
CA TRP D 19 26.71 -12.90 -21.88
C TRP D 19 28.08 -12.61 -22.50
N GLU D 20 28.15 -12.54 -23.83
CA GLU D 20 29.38 -12.14 -24.56
C GLU D 20 29.84 -10.76 -24.08
N GLY D 21 31.08 -10.63 -23.58
CA GLY D 21 31.69 -9.35 -23.20
C GLY D 21 31.32 -8.92 -21.78
N ILE D 22 30.62 -9.79 -21.02
CA ILE D 22 30.13 -9.43 -19.66
C ILE D 22 31.04 -10.06 -18.60
N THR D 23 31.53 -9.23 -17.68
CA THR D 23 32.33 -9.64 -16.50
C THR D 23 31.39 -9.95 -15.33
N ARG D 24 31.56 -11.12 -14.73
CA ARG D 24 30.98 -11.49 -13.41
C ARG D 24 32.13 -11.79 -12.47
N PRO D 25 32.43 -10.93 -11.47
CA PRO D 25 33.54 -11.20 -10.55
C PRO D 25 33.30 -12.29 -9.49
N TYR D 26 32.12 -12.87 -9.46
CA TYR D 26 31.68 -13.91 -8.49
C TYR D 26 31.43 -15.22 -9.27
N SER D 27 31.30 -16.36 -8.57
CA SER D 27 31.12 -17.71 -9.18
C SER D 27 29.64 -18.06 -9.26
N ALA D 28 29.31 -19.05 -10.08
CA ALA D 28 28.00 -19.71 -10.12
C ALA D 28 27.70 -20.26 -8.73
N GLU D 29 28.73 -20.71 -8.01
CA GLU D 29 28.62 -21.31 -6.64
C GLU D 29 28.19 -20.22 -5.65
N ASP D 30 28.75 -19.02 -5.75
CA ASP D 30 28.31 -17.81 -4.99
C ASP D 30 26.80 -17.58 -5.19
N VAL D 31 26.33 -17.63 -6.43
CA VAL D 31 24.92 -17.32 -6.82
C VAL D 31 23.99 -18.38 -6.22
N ILE D 32 24.27 -19.67 -6.41
CA ILE D 32 23.38 -20.72 -5.83
C ILE D 32 23.45 -20.69 -4.28
N ARG D 33 24.55 -20.29 -3.65
CA ARG D 33 24.58 -20.15 -2.16
C ARG D 33 23.57 -19.10 -1.71
N LEU D 34 23.33 -18.05 -2.51
CA LEU D 34 22.42 -16.93 -2.16
C LEU D 34 20.99 -17.18 -2.66
N ARG D 35 20.76 -18.18 -3.50
CA ARG D 35 19.42 -18.39 -4.09
C ARG D 35 18.42 -18.98 -3.09
N GLY D 36 18.83 -19.92 -2.25
CA GLY D 36 17.92 -20.73 -1.43
C GLY D 36 17.82 -22.11 -2.04
N SER D 37 16.89 -22.93 -1.55
CA SER D 37 16.80 -24.36 -1.91
C SER D 37 15.95 -24.55 -3.19
N ILE D 38 15.22 -23.53 -3.64
CA ILE D 38 14.34 -23.70 -4.83
C ILE D 38 14.53 -22.54 -5.82
N ASP D 39 14.09 -22.77 -7.05
CA ASP D 39 14.05 -21.73 -8.11
C ASP D 39 12.59 -21.26 -8.27
N ILE D 40 12.37 -19.96 -8.15
CA ILE D 40 11.02 -19.36 -8.38
C ILE D 40 11.03 -18.82 -9.81
N GLU D 41 10.03 -19.16 -10.60
CA GLU D 41 9.95 -18.66 -11.99
C GLU D 41 9.43 -17.22 -11.97
N HIS D 42 9.93 -16.40 -12.89
CA HIS D 42 9.52 -14.98 -13.11
C HIS D 42 9.18 -14.82 -14.59
N THR D 43 7.98 -15.26 -15.02
CA THR D 43 7.63 -15.44 -16.46
C THR D 43 7.78 -14.11 -17.21
N LEU D 44 7.18 -13.03 -16.72
CA LEU D 44 7.11 -11.75 -17.47
C LEU D 44 8.52 -11.18 -17.52
N ALA D 45 9.25 -11.26 -16.44
CA ALA D 45 10.65 -10.77 -16.38
C ALA D 45 11.51 -11.53 -17.39
N ARG D 46 11.38 -12.85 -17.44
CA ARG D 46 12.23 -13.71 -18.33
C ARG D 46 11.86 -13.46 -19.80
N ARG D 47 10.59 -13.60 -20.15
CA ARG D 47 10.11 -13.40 -21.53
C ARG D 47 10.45 -11.96 -21.99
N GLY D 48 10.17 -10.94 -21.17
CA GLY D 48 10.45 -9.55 -21.54
C GLY D 48 11.93 -9.32 -21.81
N ALA D 49 12.80 -9.85 -20.97
CA ALA D 49 14.26 -9.65 -21.10
C ALA D 49 14.71 -10.35 -22.39
N GLU D 50 14.25 -11.57 -22.63
CA GLU D 50 14.58 -12.31 -23.89
C GLU D 50 14.11 -11.49 -25.10
N LYS D 51 12.86 -11.04 -25.07
CA LYS D 51 12.24 -10.24 -26.15
C LYS D 51 13.05 -8.96 -26.38
N LEU D 52 13.40 -8.25 -25.32
CA LEU D 52 14.16 -6.98 -25.42
C LEU D 52 15.51 -7.25 -26.07
N TRP D 53 16.24 -8.25 -25.57
CA TRP D 53 17.58 -8.61 -26.10
C TRP D 53 17.45 -8.90 -27.61
N THR D 54 16.47 -9.70 -28.03
CA THR D 54 16.26 -10.02 -29.47
C THR D 54 16.01 -8.73 -30.27
N SER D 55 15.04 -7.93 -29.85
CA SER D 55 14.63 -6.67 -30.54
C SER D 55 15.81 -5.74 -30.68
N LEU D 56 16.65 -5.62 -29.65
CA LEU D 56 17.79 -4.65 -29.66
C LEU D 56 18.79 -5.04 -30.77
N HIS D 57 18.78 -6.30 -31.17
CA HIS D 57 19.67 -6.87 -32.23
C HIS D 57 18.94 -7.02 -33.57
N THR D 58 17.62 -7.04 -33.65
CA THR D 58 16.91 -7.26 -34.94
C THR D 58 16.41 -5.95 -35.55
N GLU D 59 15.97 -4.97 -34.75
CA GLU D 59 15.41 -3.67 -35.19
C GLU D 59 16.54 -2.67 -35.42
N ASP D 60 16.30 -1.67 -36.26
CA ASP D 60 17.24 -0.53 -36.47
C ASP D 60 17.53 0.10 -35.11
N TYR D 61 16.46 0.33 -34.35
CA TYR D 61 16.51 0.83 -32.96
C TYR D 61 15.15 0.63 -32.31
N ILE D 62 15.14 0.72 -31.00
CA ILE D 62 13.90 0.64 -30.20
C ILE D 62 13.69 2.01 -29.56
N ASN D 63 12.59 2.68 -29.88
CA ASN D 63 12.26 3.99 -29.25
C ASN D 63 11.02 3.81 -28.38
N ALA D 64 11.06 4.43 -27.21
CA ALA D 64 10.03 4.33 -26.16
C ALA D 64 9.73 5.72 -25.62
N LEU D 65 8.57 5.82 -24.98
CA LEU D 65 8.08 6.98 -24.23
C LEU D 65 7.89 6.58 -22.78
N GLY D 66 8.08 7.53 -21.87
CA GLY D 66 7.74 7.41 -20.45
C GLY D 66 6.26 7.10 -20.31
N ALA D 67 5.92 6.11 -19.49
CA ALA D 67 4.55 5.84 -19.03
C ALA D 67 4.50 5.86 -17.51
N LEU D 68 3.52 6.53 -16.93
CA LEU D 68 3.30 6.50 -15.48
C LEU D 68 1.97 5.82 -15.13
N THR D 69 1.14 5.41 -16.10
CA THR D 69 -0.02 4.51 -15.85
C THR D 69 -0.06 3.35 -16.85
N GLY D 70 -0.77 2.28 -16.48
CA GLY D 70 -1.00 1.11 -17.35
C GLY D 70 -1.73 1.53 -18.63
N ASN D 71 -2.67 2.47 -18.53
CA ASN D 71 -3.44 2.96 -19.71
C ASN D 71 -2.47 3.68 -20.66
N GLN D 72 -1.54 4.49 -20.17
CA GLN D 72 -0.54 5.19 -21.03
C GLN D 72 0.29 4.12 -21.76
N ALA D 73 0.77 3.11 -21.03
CA ALA D 73 1.57 1.99 -21.55
C ALA D 73 0.77 1.25 -22.63
N MET D 74 -0.49 0.91 -22.34
CA MET D 74 -1.39 0.19 -23.28
C MET D 74 -1.51 0.98 -24.60
N GLN D 75 -1.74 2.29 -24.55
CA GLN D 75 -1.85 3.13 -25.79
C GLN D 75 -0.51 3.13 -26.55
N GLN D 76 0.62 3.10 -25.84
CA GLN D 76 1.97 3.12 -26.46
C GLN D 76 2.14 1.85 -27.27
N VAL D 77 1.68 0.72 -26.74
CA VAL D 77 1.73 -0.60 -27.42
C VAL D 77 0.79 -0.54 -28.63
N LYS D 78 -0.43 -0.03 -28.45
CA LYS D 78 -1.44 -0.01 -29.54
C LYS D 78 -0.95 0.92 -30.66
N ALA D 79 -0.13 1.92 -30.33
CA ALA D 79 0.44 2.90 -31.29
C ALA D 79 1.55 2.24 -32.10
N GLY D 80 2.10 1.11 -31.64
CA GLY D 80 3.09 0.28 -32.34
C GLY D 80 4.47 0.41 -31.75
N LEU D 81 4.64 0.94 -30.54
CA LEU D 81 5.99 1.02 -29.90
C LEU D 81 6.37 -0.36 -29.32
N LYS D 82 7.67 -0.64 -29.23
CA LYS D 82 8.21 -2.01 -29.00
C LYS D 82 8.81 -2.12 -27.60
N ALA D 83 8.71 -1.06 -26.81
CA ALA D 83 9.17 -1.05 -25.40
C ALA D 83 8.47 0.08 -24.66
N ILE D 84 8.45 -0.01 -23.33
CA ILE D 84 7.85 1.02 -22.44
C ILE D 84 8.94 1.52 -21.51
N TYR D 85 9.05 2.83 -21.33
CA TYR D 85 10.02 3.39 -20.38
C TYR D 85 9.27 3.76 -19.10
N LEU D 86 9.80 3.32 -17.97
CA LEU D 86 9.23 3.68 -16.66
C LEU D 86 10.18 4.65 -16.00
N SER D 87 9.84 5.94 -16.09
CA SER D 87 10.59 7.07 -15.52
C SER D 87 10.40 7.15 -13.99
N GLY D 88 11.49 7.29 -13.24
CA GLY D 88 11.44 7.59 -11.80
C GLY D 88 11.02 9.03 -11.55
N TRP D 89 11.43 9.94 -12.44
CA TRP D 89 11.03 11.36 -12.42
C TRP D 89 9.50 11.41 -12.37
N GLN D 90 8.85 10.70 -13.30
CA GLN D 90 7.37 10.69 -13.43
C GLN D 90 6.77 10.13 -12.13
N VAL D 91 7.34 9.06 -11.60
CA VAL D 91 6.86 8.42 -10.35
C VAL D 91 6.97 9.46 -9.20
N ALA D 92 8.12 10.14 -9.10
CA ALA D 92 8.34 11.23 -8.12
C ALA D 92 7.19 12.24 -8.23
N ALA D 93 6.88 12.62 -9.47
CA ALA D 93 5.98 13.73 -9.81
C ALA D 93 4.52 13.36 -9.50
N ASP D 94 4.07 12.13 -9.78
CA ASP D 94 2.61 11.88 -9.82
C ASP D 94 2.23 10.41 -9.62
N ALA D 95 3.12 9.49 -9.27
CA ALA D 95 2.70 8.07 -9.15
C ALA D 95 3.60 7.28 -8.19
N ASN D 96 3.89 7.79 -6.99
CA ASN D 96 4.75 7.08 -6.02
C ASN D 96 3.89 6.66 -4.81
N LEU D 97 4.38 5.76 -4.00
CA LEU D 97 3.65 5.12 -2.88
C LEU D 97 3.48 6.05 -1.67
N SER D 98 4.10 7.23 -1.60
CA SER D 98 3.82 8.21 -0.52
C SER D 98 2.60 9.08 -0.89
N GLY D 99 2.23 9.10 -2.17
CA GLY D 99 1.13 9.93 -2.69
C GLY D 99 1.48 11.41 -2.78
N HIS D 100 2.76 11.78 -2.71
CA HIS D 100 3.19 13.19 -2.77
C HIS D 100 3.74 13.51 -4.16
N MET D 101 3.66 14.79 -4.51
CA MET D 101 4.34 15.36 -5.70
C MET D 101 5.75 15.80 -5.27
N TYR D 102 6.76 15.15 -5.84
CA TYR D 102 8.18 15.37 -5.49
C TYR D 102 8.97 15.77 -6.72
N PRO D 103 10.07 16.53 -6.53
CA PRO D 103 11.09 16.64 -7.55
C PRO D 103 11.91 15.36 -7.57
N ASP D 104 12.81 15.30 -8.54
CA ASP D 104 13.48 14.04 -8.90
C ASP D 104 14.77 13.93 -8.09
N GLN D 105 14.65 13.60 -6.79
CA GLN D 105 15.78 13.61 -5.84
C GLN D 105 15.68 12.41 -4.89
N SER D 106 15.14 11.27 -5.36
CA SER D 106 15.03 10.00 -4.59
C SER D 106 14.38 10.26 -3.24
N LEU D 107 13.27 11.00 -3.26
CA LEU D 107 12.46 11.30 -2.04
C LEU D 107 11.33 10.29 -1.83
N TYR D 108 10.88 9.58 -2.87
CA TYR D 108 9.72 8.67 -2.72
C TYR D 108 10.18 7.31 -2.19
N PRO D 109 9.26 6.46 -1.68
CA PRO D 109 9.66 5.13 -1.19
C PRO D 109 10.19 4.21 -2.31
N ALA D 110 11.24 3.46 -2.00
CA ALA D 110 12.09 2.71 -2.96
C ALA D 110 11.30 1.64 -3.74
N ASN D 111 10.15 1.16 -3.26
CA ASN D 111 9.36 0.09 -3.92
C ASN D 111 8.37 0.73 -4.90
N SER D 112 8.45 2.05 -5.14
CA SER D 112 7.43 2.79 -5.94
C SER D 112 7.52 2.39 -7.41
N VAL D 113 8.72 2.36 -7.99
CA VAL D 113 8.83 2.04 -9.45
C VAL D 113 8.42 0.58 -9.67
N PRO D 114 8.89 -0.41 -8.89
CA PRO D 114 8.35 -1.76 -8.99
C PRO D 114 6.81 -1.81 -8.98
N ALA D 115 6.14 -0.99 -8.14
CA ALA D 115 4.66 -1.04 -8.04
C ALA D 115 4.08 -0.62 -9.39
N VAL D 116 4.66 0.37 -10.05
CA VAL D 116 4.18 0.85 -11.38
C VAL D 116 4.55 -0.21 -12.44
N VAL D 117 5.68 -0.89 -12.32
CA VAL D 117 6.01 -1.96 -13.30
C VAL D 117 4.89 -3.00 -13.21
N LYS D 118 4.57 -3.46 -11.99
CA LYS D 118 3.51 -4.48 -11.77
C LYS D 118 2.19 -3.97 -12.35
N ARG D 119 1.79 -2.72 -12.10
CA ARG D 119 0.50 -2.19 -12.64
C ARG D 119 0.47 -2.26 -14.17
N ILE D 120 1.52 -1.78 -14.83
CA ILE D 120 1.62 -1.77 -16.31
C ILE D 120 1.54 -3.21 -16.84
N ASN D 121 2.32 -4.14 -16.26
CA ASN D 121 2.23 -5.56 -16.65
C ASN D 121 0.79 -6.09 -16.48
N GLN D 122 0.09 -5.72 -15.40
CA GLN D 122 -1.31 -6.23 -15.17
C GLN D 122 -2.28 -5.60 -16.20
N THR D 123 -2.10 -4.34 -16.56
CA THR D 123 -2.93 -3.69 -17.60
C THR D 123 -2.71 -4.40 -18.94
N LEU D 124 -1.46 -4.68 -19.29
CA LEU D 124 -1.07 -5.35 -20.57
C LEU D 124 -1.67 -6.75 -20.61
N GLN D 125 -1.60 -7.45 -19.49
CA GLN D 125 -2.21 -8.79 -19.29
C GLN D 125 -3.72 -8.74 -19.58
N ARG D 126 -4.41 -7.71 -19.09
CA ARG D 126 -5.87 -7.53 -19.33
C ARG D 126 -6.11 -7.28 -20.83
N ALA D 127 -5.37 -6.36 -21.45
CA ALA D 127 -5.41 -6.08 -22.90
C ALA D 127 -5.26 -7.39 -23.67
N ASP D 128 -4.27 -8.18 -23.31
CA ASP D 128 -4.03 -9.50 -23.96
C ASP D 128 -5.26 -10.40 -23.77
N GLN D 129 -5.84 -10.42 -22.57
CA GLN D 129 -6.99 -11.27 -22.19
C GLN D 129 -8.23 -10.90 -23.04
N ILE D 130 -8.47 -9.59 -23.20
CA ILE D 130 -9.59 -9.06 -24.03
C ILE D 130 -9.39 -9.51 -25.48
N GLN D 131 -8.24 -9.23 -26.06
CA GLN D 131 -7.89 -9.56 -27.47
C GLN D 131 -8.03 -11.07 -27.66
N HIS D 132 -7.49 -11.88 -26.73
CA HIS D 132 -7.48 -13.35 -26.84
C HIS D 132 -8.92 -13.89 -26.79
N MET D 133 -9.74 -13.39 -25.87
CA MET D 133 -11.15 -13.80 -25.75
C MET D 133 -11.89 -13.48 -27.05
N GLU D 134 -11.62 -12.34 -27.69
CA GLU D 134 -12.36 -11.83 -28.88
C GLU D 134 -11.94 -12.63 -30.13
N GLY D 135 -10.83 -13.37 -30.04
CA GLY D 135 -10.45 -14.46 -30.94
C GLY D 135 -9.20 -14.17 -31.75
N SER D 136 -8.27 -13.34 -31.25
CA SER D 136 -7.03 -12.98 -31.98
C SER D 136 -5.86 -12.95 -30.98
N ASP D 137 -4.63 -13.25 -31.44
CA ASP D 137 -3.37 -12.89 -30.71
C ASP D 137 -2.54 -11.95 -31.58
N ASP D 138 -3.20 -11.14 -32.43
CA ASP D 138 -2.57 -10.15 -33.35
C ASP D 138 -1.50 -9.32 -32.63
N THR D 139 -1.90 -8.42 -31.73
CA THR D 139 -0.99 -7.49 -31.01
C THR D 139 -0.29 -8.24 -29.88
N ASP D 140 1.03 -8.09 -29.77
CA ASP D 140 1.79 -8.61 -28.62
C ASP D 140 1.77 -7.51 -27.57
N TYR D 141 0.97 -7.71 -26.54
CA TYR D 141 0.79 -6.69 -25.48
C TYR D 141 1.96 -6.75 -24.50
N PHE D 142 2.62 -7.91 -24.37
CA PHE D 142 3.76 -8.08 -23.43
C PHE D 142 5.06 -7.49 -24.03
N VAL D 143 5.09 -6.18 -24.26
CA VAL D 143 6.31 -5.45 -24.66
C VAL D 143 7.16 -5.21 -23.40
N PRO D 144 8.50 -5.28 -23.55
CA PRO D 144 9.40 -5.14 -22.42
C PRO D 144 9.33 -3.73 -21.82
N ILE D 145 9.43 -3.69 -20.49
CA ILE D 145 9.47 -2.44 -19.69
C ILE D 145 10.92 -2.24 -19.24
N VAL D 146 11.48 -1.07 -19.53
CA VAL D 146 12.80 -0.63 -19.01
C VAL D 146 12.50 0.38 -17.91
N ALA D 147 12.96 0.10 -16.69
CA ALA D 147 12.56 0.82 -15.47
C ALA D 147 13.77 1.48 -14.80
N ASP D 148 13.51 2.66 -14.24
CA ASP D 148 14.47 3.56 -13.56
C ASP D 148 14.67 3.12 -12.11
N ALA D 149 15.86 2.61 -11.75
CA ALA D 149 16.27 2.32 -10.35
C ALA D 149 17.09 3.48 -9.73
N GLU D 150 17.22 4.62 -10.39
CA GLU D 150 17.88 5.84 -9.86
C GLU D 150 19.31 5.45 -9.46
N ALA D 151 19.71 5.77 -8.23
CA ALA D 151 21.04 5.44 -7.67
C ALA D 151 20.89 4.35 -6.59
N GLY D 152 19.79 3.60 -6.62
CA GLY D 152 19.60 2.38 -5.83
C GLY D 152 19.00 2.64 -4.45
N PHE D 153 18.65 3.88 -4.12
CA PHE D 153 18.06 4.28 -2.81
C PHE D 153 18.93 3.78 -1.65
N GLY D 154 20.25 3.90 -1.79
CA GLY D 154 21.17 3.68 -0.67
C GLY D 154 22.47 3.04 -1.11
N GLY D 155 22.85 1.96 -0.44
CA GLY D 155 24.12 1.26 -0.66
C GLY D 155 23.94 0.05 -1.55
N GLN D 156 24.98 -0.78 -1.60
CA GLN D 156 25.00 -1.93 -2.53
C GLN D 156 23.82 -2.86 -2.20
N LEU D 157 23.40 -2.96 -0.94
CA LEU D 157 22.31 -3.87 -0.53
C LEU D 157 20.95 -3.31 -0.96
N ASN D 158 20.79 -1.98 -0.97
CA ASN D 158 19.54 -1.31 -1.46
C ASN D 158 19.40 -1.55 -2.96
N VAL D 159 20.48 -1.43 -3.71
CA VAL D 159 20.56 -1.77 -5.17
C VAL D 159 20.10 -3.21 -5.38
N PHE D 160 20.64 -4.15 -4.61
CA PHE D 160 20.34 -5.60 -4.70
C PHE D 160 18.83 -5.81 -4.51
N GLU D 161 18.27 -5.24 -3.44
CA GLU D 161 16.82 -5.33 -3.15
C GLU D 161 15.98 -4.68 -4.28
N LEU D 162 16.37 -3.52 -4.76
CA LEU D 162 15.56 -2.81 -5.80
C LEU D 162 15.55 -3.63 -7.09
N MET D 163 16.70 -4.15 -7.47
CA MET D 163 16.83 -4.95 -8.71
C MET D 163 15.90 -6.16 -8.60
N LYS D 164 15.90 -6.85 -7.46
CA LYS D 164 14.97 -7.98 -7.19
C LYS D 164 13.51 -7.53 -7.32
N GLY D 165 13.14 -6.40 -6.71
CA GLY D 165 11.80 -5.79 -6.83
C GLY D 165 11.39 -5.58 -8.29
N MET D 166 12.25 -4.96 -9.09
CA MET D 166 11.99 -4.70 -10.54
C MET D 166 11.67 -6.05 -11.20
N ILE D 167 12.47 -7.09 -10.90
CA ILE D 167 12.35 -8.41 -11.57
C ILE D 167 11.03 -9.07 -11.14
N GLU D 168 10.73 -9.04 -9.84
CA GLU D 168 9.50 -9.60 -9.24
C GLU D 168 8.29 -8.97 -9.95
N ALA D 169 8.33 -7.67 -10.25
CA ALA D 169 7.21 -6.92 -10.87
C ALA D 169 7.13 -7.19 -12.39
N GLY D 170 8.16 -7.77 -13.00
CA GLY D 170 8.15 -8.13 -14.43
C GLY D 170 8.89 -7.14 -15.31
N ALA D 171 9.90 -6.43 -14.81
CA ALA D 171 10.74 -5.53 -15.65
C ALA D 171 11.64 -6.37 -16.57
N SER D 172 11.90 -5.86 -17.77
CA SER D 172 12.76 -6.50 -18.80
C SER D 172 14.18 -5.92 -18.70
N GLY D 173 14.28 -4.69 -18.22
CA GLY D 173 15.56 -3.97 -18.07
C GLY D 173 15.51 -2.94 -16.97
N VAL D 174 16.68 -2.56 -16.45
CA VAL D 174 16.76 -1.64 -15.28
C VAL D 174 18.00 -0.80 -15.47
N HIS D 175 17.89 0.49 -15.19
CA HIS D 175 19.05 1.42 -15.20
C HIS D 175 19.39 1.90 -13.80
N PHE D 176 20.69 2.03 -13.60
CA PHE D 176 21.37 2.55 -12.39
C PHE D 176 22.37 3.61 -12.82
N GLU D 177 22.47 4.68 -12.04
CA GLU D 177 23.34 5.85 -12.38
C GLU D 177 24.41 5.99 -11.29
N ASP D 178 25.50 6.68 -11.61
CA ASP D 178 26.72 6.78 -10.75
C ASP D 178 26.66 8.01 -9.84
N GLN D 179 25.49 8.31 -9.27
CA GLN D 179 25.27 9.42 -8.32
C GLN D 179 25.18 8.91 -6.87
N LEU D 180 25.49 9.82 -5.96
CA LEU D 180 25.33 9.58 -4.51
C LEU D 180 23.84 9.64 -4.19
N SER D 181 23.27 8.54 -3.70
CA SER D 181 21.81 8.36 -3.57
C SER D 181 21.24 9.52 -2.72
N SER D 182 21.90 9.88 -1.62
CA SER D 182 21.45 10.95 -0.69
C SER D 182 21.41 12.36 -1.34
N GLU D 183 22.11 12.58 -2.45
CA GLU D 183 22.08 13.87 -3.22
C GLU D 183 21.58 13.64 -4.67
N LYS D 184 20.89 12.55 -4.93
CA LYS D 184 20.45 12.19 -6.32
C LYS D 184 19.67 13.35 -6.97
N LYS D 185 19.92 13.57 -8.26
CA LYS D 185 19.21 14.56 -9.10
C LYS D 185 18.84 13.93 -10.45
N CYS D 186 17.76 14.42 -11.03
CA CYS D 186 17.52 14.37 -12.49
C CYS D 186 18.85 14.72 -13.19
N GLY D 187 19.19 14.02 -14.27
CA GLY D 187 20.41 14.30 -15.06
C GLY D 187 20.49 15.74 -15.54
N HIS D 188 19.38 16.46 -15.64
CA HIS D 188 19.35 17.84 -16.19
C HIS D 188 19.09 18.85 -15.08
N LEU D 189 19.23 18.43 -13.81
CA LEU D 189 19.28 19.35 -12.66
C LEU D 189 20.74 19.61 -12.26
N GLY D 190 20.97 20.77 -11.63
CA GLY D 190 22.27 21.07 -10.99
C GLY D 190 22.48 20.28 -9.71
N GLY D 191 23.66 20.35 -9.11
CA GLY D 191 23.90 19.80 -7.77
C GLY D 191 24.18 18.32 -7.79
N LYS D 192 24.71 17.80 -8.91
CA LYS D 192 24.93 16.34 -9.04
C LYS D 192 26.26 15.97 -8.42
N VAL D 193 26.29 14.82 -7.73
CA VAL D 193 27.49 14.29 -7.03
C VAL D 193 27.74 12.87 -7.53
N LEU D 194 28.89 12.65 -8.15
CA LEU D 194 29.30 11.30 -8.61
C LEU D 194 29.75 10.43 -7.45
N LEU D 195 29.58 9.12 -7.60
CA LEU D 195 30.33 8.10 -6.83
C LEU D 195 31.74 8.00 -7.37
N PRO D 196 32.69 7.48 -6.55
CA PRO D 196 33.95 6.98 -7.07
C PRO D 196 33.65 5.92 -8.13
N THR D 197 34.54 5.74 -9.10
CA THR D 197 34.37 4.72 -10.15
C THR D 197 34.13 3.37 -9.49
N GLN D 198 34.99 2.97 -8.55
CA GLN D 198 34.96 1.64 -7.87
C GLN D 198 33.59 1.40 -7.22
N THR D 199 32.98 2.41 -6.61
CA THR D 199 31.67 2.30 -5.93
C THR D 199 30.55 2.11 -6.98
N ALA D 200 30.54 2.94 -8.01
CA ALA D 200 29.57 2.83 -9.12
C ALA D 200 29.66 1.45 -9.78
N VAL D 201 30.89 0.91 -9.93
CA VAL D 201 31.09 -0.47 -10.46
C VAL D 201 30.50 -1.50 -9.49
N ARG D 202 30.69 -1.34 -8.18
CA ARG D 202 30.14 -2.28 -7.17
C ARG D 202 28.61 -2.29 -7.29
N ASN D 203 27.98 -1.15 -7.57
CA ASN D 203 26.49 -1.07 -7.69
C ASN D 203 26.08 -1.93 -8.90
N LEU D 204 26.81 -1.86 -10.01
CA LEU D 204 26.44 -2.66 -11.21
C LEU D 204 26.64 -4.14 -10.91
N ILE D 205 27.70 -4.49 -10.21
CA ILE D 205 27.93 -5.90 -9.78
C ILE D 205 26.73 -6.36 -8.96
N SER D 206 26.28 -5.52 -8.03
CA SER D 206 25.17 -5.85 -7.11
C SER D 206 23.91 -6.11 -7.95
N ALA D 207 23.67 -5.25 -8.93
CA ALA D 207 22.51 -5.36 -9.85
C ALA D 207 22.55 -6.71 -10.58
N ARG D 208 23.71 -7.11 -11.09
CA ARG D 208 23.80 -8.35 -11.90
C ARG D 208 23.63 -9.53 -10.94
N LEU D 209 24.16 -9.40 -9.72
CA LEU D 209 24.12 -10.53 -8.75
C LEU D 209 22.66 -10.80 -8.37
N ALA D 210 21.86 -9.73 -8.21
CA ALA D 210 20.39 -9.81 -7.95
C ALA D 210 19.72 -10.52 -9.12
N ALA D 211 20.04 -10.17 -10.37
CA ALA D 211 19.38 -10.76 -11.55
C ALA D 211 19.70 -12.26 -11.60
N ASP D 212 20.96 -12.60 -11.34
CA ASP D 212 21.51 -13.98 -11.30
C ASP D 212 20.81 -14.75 -10.18
N VAL D 213 20.66 -14.18 -8.99
CA VAL D 213 19.98 -14.88 -7.86
C VAL D 213 18.52 -15.18 -8.27
N MET D 214 17.85 -14.26 -8.96
CA MET D 214 16.43 -14.40 -9.36
C MET D 214 16.33 -15.35 -10.56
N GLY D 215 17.47 -15.60 -11.23
CA GLY D 215 17.60 -16.53 -12.37
C GLY D 215 17.07 -15.97 -13.68
N VAL D 216 17.17 -14.66 -13.91
CA VAL D 216 16.58 -13.99 -15.10
C VAL D 216 17.64 -13.14 -15.79
N PRO D 217 17.71 -13.18 -17.15
CA PRO D 217 18.70 -12.41 -17.91
C PRO D 217 18.34 -10.93 -18.11
N THR D 218 17.93 -10.27 -17.05
CA THR D 218 17.50 -8.84 -17.07
C THR D 218 18.54 -7.95 -17.73
N ILE D 219 18.07 -7.01 -18.56
CA ILE D 219 18.94 -5.98 -19.20
C ILE D 219 19.35 -4.95 -18.13
N ILE D 220 20.64 -4.67 -18.03
CA ILE D 220 21.20 -3.66 -17.09
C ILE D 220 21.80 -2.54 -17.93
N VAL D 221 21.30 -1.33 -17.71
CA VAL D 221 21.82 -0.08 -18.34
C VAL D 221 22.62 0.65 -17.28
N ALA D 222 23.90 0.92 -17.57
CA ALA D 222 24.78 1.76 -16.74
C ALA D 222 24.73 3.19 -17.28
N ARG D 223 24.18 4.10 -16.48
CA ARG D 223 24.14 5.54 -16.75
C ARG D 223 25.29 6.25 -16.02
N THR D 224 26.01 7.14 -16.71
CA THR D 224 26.90 8.12 -16.07
C THR D 224 26.30 9.52 -16.18
N ASP D 225 26.45 10.26 -15.08
CA ASP D 225 26.12 11.72 -14.96
C ASP D 225 27.40 12.58 -15.00
N ALA D 226 28.52 12.01 -15.44
CA ALA D 226 29.88 12.62 -15.37
C ALA D 226 30.03 13.70 -16.44
N ASP D 227 29.12 13.79 -17.41
CA ASP D 227 29.21 14.86 -18.44
C ASP D 227 29.06 16.22 -17.76
N ALA D 228 28.13 16.37 -16.80
CA ALA D 228 27.87 17.69 -16.17
C ALA D 228 28.25 17.71 -14.67
N ALA D 229 28.19 16.57 -13.98
CA ALA D 229 28.56 16.45 -12.54
C ALA D 229 30.02 16.88 -12.32
N ASP D 230 30.21 17.95 -11.54
CA ASP D 230 31.54 18.53 -11.19
C ASP D 230 31.81 18.33 -9.69
N LEU D 231 31.22 17.31 -9.08
CA LEU D 231 31.42 16.91 -7.66
C LEU D 231 31.52 15.39 -7.60
N ILE D 232 32.39 14.89 -6.72
CA ILE D 232 32.53 13.44 -6.41
C ILE D 232 32.56 13.31 -4.89
N THR D 233 32.06 12.19 -4.34
CA THR D 233 31.96 12.05 -2.86
C THR D 233 33.35 12.01 -2.23
N SER D 234 34.34 11.42 -2.94
CA SER D 234 35.62 10.94 -2.39
C SER D 234 36.70 10.86 -3.48
N ASP D 235 37.97 10.95 -3.07
CA ASP D 235 39.13 10.86 -3.98
C ASP D 235 39.79 9.49 -3.81
N ILE D 236 39.03 8.51 -3.32
CA ILE D 236 39.62 7.23 -2.83
C ILE D 236 40.19 6.47 -4.03
N ASP D 237 39.51 6.53 -5.17
CA ASP D 237 39.80 5.68 -6.35
C ASP D 237 40.89 6.37 -7.17
N PRO D 238 42.08 5.73 -7.34
CA PRO D 238 43.16 6.33 -8.13
C PRO D 238 42.80 6.67 -9.58
N VAL D 239 41.90 5.94 -10.22
CA VAL D 239 41.47 6.25 -11.61
C VAL D 239 40.65 7.55 -11.66
N ASP D 240 40.14 8.07 -10.54
CA ASP D 240 39.36 9.35 -10.55
C ASP D 240 40.29 10.57 -10.36
N LYS D 241 41.54 10.36 -9.95
CA LYS D 241 42.56 11.42 -9.58
C LYS D 241 42.64 12.46 -10.70
N ALA D 242 42.76 12.03 -11.96
CA ALA D 242 42.93 12.93 -13.12
C ALA D 242 41.81 13.98 -13.17
N PHE D 243 40.61 13.74 -12.62
CA PHE D 243 39.48 14.72 -12.70
C PHE D 243 39.34 15.57 -11.44
N ILE D 244 40.03 15.20 -10.36
CA ILE D 244 39.85 15.86 -9.04
C ILE D 244 40.77 17.09 -8.95
N THR D 245 40.23 18.28 -8.67
CA THR D 245 40.96 19.59 -8.65
C THR D 245 41.67 19.81 -7.31
N GLY D 246 41.17 19.25 -6.19
CA GLY D 246 41.70 19.47 -4.84
C GLY D 246 40.80 20.38 -4.01
N GLU D 247 40.03 21.25 -4.66
CA GLU D 247 38.97 22.06 -3.99
C GLU D 247 37.90 21.15 -3.39
N ARG D 248 37.35 21.56 -2.23
CA ARG D 248 36.25 20.88 -1.53
C ARG D 248 35.13 21.88 -1.27
N THR D 249 33.88 21.38 -1.25
CA THR D 249 32.67 22.15 -0.88
C THR D 249 32.56 22.17 0.64
N PRO D 250 31.72 23.04 1.24
CA PRO D 250 31.50 23.03 2.69
C PRO D 250 31.08 21.65 3.24
N GLU D 251 30.33 20.85 2.47
CA GLU D 251 29.85 19.47 2.83
C GLU D 251 31.01 18.48 2.69
N GLY D 252 32.09 18.89 2.02
CA GLY D 252 33.30 18.08 1.81
C GLY D 252 33.26 17.25 0.53
N PHE D 253 32.43 17.62 -0.44
CA PHE D 253 32.45 17.00 -1.79
C PHE D 253 33.69 17.54 -2.50
N TYR D 254 34.34 16.75 -3.33
CA TYR D 254 35.52 17.19 -4.12
C TYR D 254 35.07 17.71 -5.48
N ARG D 255 35.48 18.93 -5.86
CA ARG D 255 35.22 19.51 -7.21
C ARG D 255 36.00 18.67 -8.24
N THR D 256 35.38 18.36 -9.39
CA THR D 256 36.02 17.67 -10.54
C THR D 256 35.87 18.53 -11.81
N ASN D 257 36.65 18.23 -12.84
CA ASN D 257 36.51 18.84 -14.20
C ASN D 257 35.55 17.96 -15.01
N ALA D 258 34.30 18.41 -15.11
CA ALA D 258 33.19 17.70 -15.80
C ALA D 258 33.36 17.82 -17.31
N GLY D 259 32.71 16.94 -18.06
CA GLY D 259 32.64 17.03 -19.53
C GLY D 259 32.77 15.66 -20.13
N LEU D 260 32.96 15.63 -21.45
CA LEU D 260 32.92 14.37 -22.21
C LEU D 260 34.05 13.45 -21.76
N ASP D 261 35.18 13.97 -21.25
CA ASP D 261 36.35 13.15 -20.85
C ASP D 261 35.99 12.34 -19.59
N GLN D 262 35.41 13.02 -18.61
CA GLN D 262 34.96 12.36 -17.35
C GLN D 262 33.88 11.32 -17.71
N ALA D 263 32.94 11.65 -18.59
CA ALA D 263 31.85 10.74 -19.00
C ALA D 263 32.43 9.51 -19.71
N ILE D 264 33.38 9.72 -20.61
CA ILE D 264 33.96 8.60 -21.41
C ILE D 264 34.70 7.65 -20.46
N ALA D 265 35.39 8.21 -19.47
CA ALA D 265 36.16 7.42 -18.48
C ALA D 265 35.20 6.48 -17.72
N ARG D 266 34.03 6.98 -17.29
CA ARG D 266 33.04 6.18 -16.51
C ARG D 266 32.37 5.17 -17.44
N GLY D 267 31.99 5.62 -18.62
CA GLY D 267 31.41 4.77 -19.68
C GLY D 267 32.28 3.57 -19.97
N LEU D 268 33.60 3.76 -20.10
CA LEU D 268 34.54 2.63 -20.32
C LEU D 268 34.67 1.75 -19.06
N ALA D 269 34.72 2.36 -17.87
CA ALA D 269 34.75 1.57 -16.60
C ALA D 269 33.48 0.72 -16.47
N TYR D 270 32.32 1.19 -16.91
CA TYR D 270 31.03 0.49 -16.63
C TYR D 270 30.70 -0.57 -17.69
N ALA D 271 31.33 -0.45 -18.87
CA ALA D 271 30.96 -1.21 -20.10
C ALA D 271 31.05 -2.73 -19.85
N PRO D 272 32.08 -3.26 -19.15
CA PRO D 272 32.16 -4.69 -18.85
C PRO D 272 31.05 -5.18 -17.88
N TYR D 273 30.38 -4.26 -17.19
CA TYR D 273 29.40 -4.63 -16.11
C TYR D 273 27.95 -4.27 -16.47
N ALA D 274 27.65 -4.02 -17.73
CA ALA D 274 26.29 -3.59 -18.15
C ALA D 274 26.07 -4.02 -19.60
N ASP D 275 24.83 -4.09 -20.03
CA ASP D 275 24.42 -4.52 -21.38
C ASP D 275 24.33 -3.29 -22.28
N LEU D 276 23.93 -2.13 -21.74
CA LEU D 276 23.93 -0.83 -22.46
C LEU D 276 24.63 0.24 -21.62
N VAL D 277 25.29 1.19 -22.27
CA VAL D 277 25.85 2.38 -21.58
C VAL D 277 25.05 3.59 -22.02
N TRP D 278 24.82 4.50 -21.08
CA TRP D 278 24.01 5.72 -21.29
C TRP D 278 24.79 6.91 -20.72
N CYS D 279 25.07 7.91 -21.55
CA CYS D 279 25.70 9.17 -21.12
C CYS D 279 24.63 10.27 -21.12
N GLU D 280 24.24 10.78 -19.95
CA GLU D 280 23.43 12.03 -19.89
C GLU D 280 24.22 13.17 -20.53
N THR D 281 23.51 13.99 -21.30
CA THR D 281 24.06 15.17 -22.03
C THR D 281 23.27 16.40 -21.58
N SER D 282 23.77 17.61 -21.86
CA SER D 282 23.04 18.86 -21.53
C SER D 282 22.24 19.37 -22.76
N GLU D 283 22.42 18.74 -23.93
CA GLU D 283 21.61 19.05 -25.13
C GLU D 283 21.70 17.90 -26.12
N PRO D 284 20.81 17.84 -27.12
CA PRO D 284 20.81 16.75 -28.10
C PRO D 284 21.80 17.09 -29.22
N ASN D 285 23.06 16.73 -29.01
CA ASN D 285 24.21 17.15 -29.86
C ASN D 285 24.76 15.93 -30.60
N LEU D 286 24.58 15.86 -31.92
CA LEU D 286 24.95 14.65 -32.69
C LEU D 286 26.45 14.39 -32.55
N GLU D 287 27.28 15.42 -32.59
CA GLU D 287 28.75 15.19 -32.67
C GLU D 287 29.23 14.66 -31.31
N ASP D 288 28.74 15.20 -30.19
CA ASP D 288 29.03 14.63 -28.83
C ASP D 288 28.54 13.19 -28.74
N ALA D 289 27.32 12.92 -29.21
CA ALA D 289 26.75 11.55 -29.26
C ALA D 289 27.72 10.64 -30.01
N LYS D 290 28.23 11.11 -31.17
CA LYS D 290 29.15 10.33 -32.03
C LYS D 290 30.49 10.11 -31.29
N ARG D 291 31.05 11.15 -30.67
CA ARG D 291 32.35 11.05 -29.95
C ARG D 291 32.25 10.04 -28.81
N PHE D 292 31.15 10.05 -28.07
CA PHE D 292 30.98 9.11 -26.93
C PHE D 292 30.93 7.69 -27.47
N ALA D 293 30.12 7.48 -28.51
CA ALA D 293 29.93 6.17 -29.16
C ALA D 293 31.28 5.66 -29.65
N ASP D 294 32.05 6.49 -30.35
CA ASP D 294 33.35 6.05 -30.96
C ASP D 294 34.32 5.67 -29.85
N ALA D 295 34.34 6.43 -28.74
CA ALA D 295 35.19 6.19 -27.55
C ALA D 295 34.87 4.83 -26.94
N ILE D 296 33.58 4.54 -26.74
CA ILE D 296 33.16 3.24 -26.16
C ILE D 296 33.54 2.12 -27.14
N HIS D 297 33.20 2.28 -28.40
CA HIS D 297 33.32 1.21 -29.43
C HIS D 297 34.81 0.91 -29.73
N LYS D 298 35.70 1.88 -29.49
CA LYS D 298 37.18 1.76 -29.62
C LYS D 298 37.67 0.60 -28.75
N GLU D 299 37.06 0.47 -27.56
CA GLU D 299 37.38 -0.56 -26.54
C GLU D 299 36.40 -1.74 -26.64
N HIS D 300 35.13 -1.51 -26.99
CA HIS D 300 34.05 -2.53 -26.95
C HIS D 300 33.21 -2.42 -28.20
N PRO D 301 33.71 -2.94 -29.35
CA PRO D 301 33.05 -2.75 -30.62
C PRO D 301 31.65 -3.40 -30.53
N GLY D 302 30.62 -2.77 -31.09
CA GLY D 302 29.27 -3.37 -31.15
C GLY D 302 28.45 -3.14 -29.87
N LYS D 303 29.05 -2.52 -28.84
CA LYS D 303 28.38 -2.27 -27.54
C LYS D 303 27.11 -1.46 -27.77
N LEU D 304 25.97 -1.97 -27.31
CA LEU D 304 24.67 -1.26 -27.34
C LEU D 304 24.73 -0.03 -26.42
N LEU D 305 24.18 1.08 -26.89
CA LEU D 305 24.11 2.35 -26.13
C LEU D 305 22.64 2.78 -26.03
N ALA D 306 22.35 3.59 -25.02
CA ALA D 306 21.01 4.12 -24.72
C ALA D 306 21.10 5.64 -24.77
N TYR D 307 20.05 6.31 -25.24
CA TYR D 307 20.04 7.79 -25.33
C TYR D 307 18.68 8.32 -24.85
N ASN D 308 18.78 9.28 -23.93
CA ASN D 308 17.65 10.02 -23.34
C ASN D 308 17.32 11.17 -24.29
N CYS D 309 16.27 11.03 -25.08
CA CYS D 309 15.71 12.13 -25.89
C CYS D 309 14.83 12.98 -24.97
N SER D 310 15.47 13.84 -24.18
CA SER D 310 14.88 14.38 -22.93
C SER D 310 13.99 15.59 -23.23
N PRO D 311 12.78 15.63 -22.65
CA PRO D 311 11.98 16.84 -22.66
C PRO D 311 12.59 17.99 -21.85
N SER D 312 13.69 17.70 -21.14
CA SER D 312 14.47 18.74 -20.41
C SER D 312 15.30 19.56 -21.44
N PHE D 313 15.32 19.15 -22.71
CA PHE D 313 15.93 19.98 -23.80
C PHE D 313 14.81 20.79 -24.44
N ASN D 314 15.08 22.05 -24.77
CA ASN D 314 14.22 22.85 -25.68
C ASN D 314 14.60 22.45 -27.12
N TRP D 315 13.86 21.54 -27.75
CA TRP D 315 14.33 20.85 -28.99
C TRP D 315 14.41 21.85 -30.15
N LYS D 316 13.38 22.65 -30.35
CA LYS D 316 13.40 23.67 -31.45
C LYS D 316 14.59 24.61 -31.27
N GLN D 317 14.87 25.07 -30.04
CA GLN D 317 15.96 26.03 -29.76
C GLN D 317 17.31 25.39 -30.11
N LYS D 318 17.49 24.09 -29.87
CA LYS D 318 18.80 23.42 -30.00
C LYS D 318 19.06 22.91 -31.42
N LEU D 319 18.03 22.53 -32.16
CA LEU D 319 18.16 21.80 -33.45
C LEU D 319 17.16 22.34 -34.46
N ASP D 320 17.55 22.38 -35.74
CA ASP D 320 16.62 22.74 -36.85
C ASP D 320 15.71 21.53 -37.11
N GLU D 321 14.64 21.78 -37.84
CA GLU D 321 13.60 20.80 -38.22
C GLU D 321 14.23 19.54 -38.83
N LYS D 322 15.19 19.72 -39.74
CA LYS D 322 15.90 18.63 -40.44
C LYS D 322 16.61 17.72 -39.43
N ALA D 323 17.37 18.31 -38.51
CA ALA D 323 18.12 17.56 -37.49
C ALA D 323 17.13 16.86 -36.54
N ILE D 324 16.02 17.51 -36.19
CA ILE D 324 14.99 16.90 -35.29
C ILE D 324 14.39 15.70 -36.03
N ALA D 325 14.06 15.85 -37.31
CA ALA D 325 13.46 14.76 -38.12
C ALA D 325 14.41 13.53 -38.20
N SER D 326 15.70 13.74 -38.34
CA SER D 326 16.66 12.62 -38.58
C SER D 326 17.30 12.12 -37.28
N PHE D 327 17.11 12.83 -36.17
CA PHE D 327 17.87 12.62 -34.91
C PHE D 327 17.93 11.12 -34.53
N GLN D 328 16.80 10.45 -34.34
CA GLN D 328 16.80 9.06 -33.80
C GLN D 328 17.48 8.11 -34.79
N LYS D 329 17.32 8.31 -36.10
CA LYS D 329 17.90 7.35 -37.08
C LYS D 329 19.39 7.66 -37.15
N GLU D 330 19.79 8.92 -36.94
CA GLU D 330 21.19 9.37 -36.96
C GLU D 330 21.92 8.79 -35.74
N ILE D 331 21.40 8.93 -34.51
CA ILE D 331 22.13 8.36 -33.33
C ILE D 331 22.05 6.82 -33.33
N ALA D 332 20.99 6.21 -33.89
CA ALA D 332 20.88 4.75 -34.01
C ALA D 332 22.07 4.21 -34.81
N SER D 333 22.52 4.97 -35.82
CA SER D 333 23.66 4.58 -36.70
C SER D 333 24.97 4.65 -35.90
N TYR D 334 25.03 5.37 -34.77
CA TYR D 334 26.20 5.33 -33.86
C TYR D 334 26.09 4.25 -32.78
N GLY D 335 24.98 3.51 -32.69
CA GLY D 335 24.89 2.34 -31.78
C GLY D 335 23.93 2.61 -30.63
N TYR D 336 23.18 3.71 -30.68
CA TYR D 336 22.14 4.10 -29.68
C TYR D 336 20.85 3.40 -30.07
N LYS D 337 20.76 2.13 -29.66
CA LYS D 337 19.69 1.19 -30.07
C LYS D 337 18.51 1.26 -29.11
N PHE D 338 18.67 1.87 -27.94
CA PHE D 338 17.53 2.12 -27.02
C PHE D 338 17.40 3.62 -26.75
N GLN D 339 16.32 4.20 -27.23
CA GLN D 339 16.13 5.67 -27.19
C GLN D 339 14.77 5.93 -26.54
N PHE D 340 14.64 6.90 -25.65
CA PHE D 340 13.41 7.03 -24.82
C PHE D 340 13.21 8.51 -24.49
N VAL D 341 11.98 8.98 -24.56
CA VAL D 341 11.58 10.33 -24.08
C VAL D 341 11.11 10.16 -22.63
N THR D 342 11.98 10.47 -21.68
CA THR D 342 11.80 10.19 -20.23
C THR D 342 10.42 10.67 -19.73
N LEU D 343 10.04 11.93 -20.03
CA LEU D 343 8.90 12.62 -19.37
C LEU D 343 7.69 12.80 -20.29
N ALA D 344 7.54 11.95 -21.30
CA ALA D 344 6.48 12.04 -22.33
C ALA D 344 5.10 11.87 -21.69
N GLY D 345 4.99 10.96 -20.73
CA GLY D 345 3.75 10.69 -19.96
C GLY D 345 3.31 11.90 -19.17
N PHE D 346 4.25 12.59 -18.51
CA PHE D 346 3.98 13.79 -17.69
C PHE D 346 3.42 14.89 -18.60
N HIS D 347 4.10 15.15 -19.73
CA HIS D 347 3.78 16.29 -20.62
C HIS D 347 2.47 15.99 -21.35
N SER D 348 2.25 14.74 -21.76
CA SER D 348 0.98 14.32 -22.40
C SER D 348 -0.21 14.53 -21.45
N LEU D 349 -0.10 14.02 -20.23
CA LEU D 349 -1.17 14.05 -19.21
C LEU D 349 -1.46 15.50 -18.82
N ASN D 350 -0.42 16.28 -18.48
CA ASN D 350 -0.57 17.69 -17.99
C ASN D 350 -1.08 18.59 -19.13
N TYR D 351 -0.50 18.52 -20.34
CA TYR D 351 -0.90 19.43 -21.45
C TYR D 351 -2.34 19.10 -21.80
N GLY D 352 -2.62 17.81 -22.02
CA GLY D 352 -3.94 17.29 -22.42
C GLY D 352 -5.03 17.76 -21.48
N MET D 353 -4.86 17.61 -20.17
CA MET D 353 -5.90 17.95 -19.19
C MET D 353 -6.05 19.48 -19.10
N PHE D 354 -4.95 20.23 -19.10
CA PHE D 354 -5.01 21.70 -19.06
C PHE D 354 -5.89 22.19 -20.22
N GLU D 355 -5.61 21.73 -21.43
CA GLU D 355 -6.34 22.19 -22.65
C GLU D 355 -7.83 21.78 -22.55
N LEU D 356 -8.13 20.57 -22.12
CA LEU D 356 -9.54 20.12 -21.99
C LEU D 356 -10.23 20.98 -20.92
N ALA D 357 -9.55 21.19 -19.79
CA ALA D 357 -10.14 21.89 -18.65
C ALA D 357 -10.40 23.36 -19.02
N ARG D 358 -9.49 23.99 -19.76
CA ARG D 358 -9.62 25.41 -20.16
C ARG D 358 -10.80 25.53 -21.13
N GLY D 359 -10.87 24.63 -22.11
CA GLY D 359 -11.96 24.53 -23.07
C GLY D 359 -13.28 24.39 -22.36
N TYR D 360 -13.32 23.50 -21.36
CA TYR D 360 -14.53 23.18 -20.57
C TYR D 360 -14.92 24.42 -19.78
N LYS D 361 -13.91 25.08 -19.18
CA LYS D 361 -14.15 26.30 -18.38
C LYS D 361 -14.83 27.32 -19.29
N GLU D 362 -14.40 27.42 -20.53
CA GLU D 362 -14.81 28.51 -21.46
C GLU D 362 -16.11 28.12 -22.19
N ARG D 363 -16.31 26.84 -22.54
CA ARG D 363 -17.37 26.41 -23.50
C ARG D 363 -18.11 25.12 -23.07
N GLY D 364 -17.98 24.68 -21.82
CA GLY D 364 -18.72 23.52 -21.28
C GLY D 364 -18.56 22.31 -22.18
N MET D 365 -19.69 21.70 -22.55
CA MET D 365 -19.71 20.41 -23.27
C MET D 365 -19.31 20.57 -24.73
N ALA D 366 -19.29 21.78 -25.32
CA ALA D 366 -18.73 21.95 -26.68
C ALA D 366 -17.26 21.46 -26.64
N ALA D 367 -16.54 21.78 -25.57
CA ALA D 367 -15.10 21.40 -25.42
C ALA D 367 -15.01 19.88 -25.29
N TYR D 368 -15.86 19.25 -24.50
CA TYR D 368 -15.76 17.79 -24.32
C TYR D 368 -16.14 17.10 -25.64
N SER D 369 -17.20 17.57 -26.30
CA SER D 369 -17.67 16.99 -27.57
C SER D 369 -16.53 17.02 -28.60
N GLU D 370 -15.73 18.09 -28.61
CA GLU D 370 -14.57 18.23 -29.54
C GLU D 370 -13.58 17.07 -29.30
N LEU D 371 -13.25 16.78 -28.03
CA LEU D 371 -12.35 15.65 -27.72
C LEU D 371 -13.03 14.35 -28.16
N GLN D 372 -14.32 14.15 -27.86
CA GLN D 372 -15.04 12.91 -28.26
C GLN D 372 -15.01 12.76 -29.79
N GLN D 373 -15.14 13.86 -30.54
CA GLN D 373 -15.17 13.77 -32.03
C GLN D 373 -13.78 13.39 -32.53
N ALA D 374 -12.74 13.92 -31.89
CA ALA D 374 -11.32 13.65 -32.23
C ALA D 374 -11.04 12.17 -31.97
N GLU D 375 -11.59 11.63 -30.88
CA GLU D 375 -11.46 10.19 -30.57
C GLU D 375 -12.10 9.36 -31.68
N PHE D 376 -13.35 9.64 -32.03
CA PHE D 376 -14.04 8.94 -33.15
C PHE D 376 -13.19 8.99 -34.42
N ALA D 377 -12.68 10.16 -34.78
CA ALA D 377 -11.84 10.27 -36.01
C ALA D 377 -10.61 9.35 -35.83
N ALA D 378 -10.00 9.33 -34.63
CA ALA D 378 -8.75 8.58 -34.37
C ALA D 378 -8.99 7.07 -34.48
N GLU D 379 -10.23 6.62 -34.39
CA GLU D 379 -10.56 5.19 -34.55
C GLU D 379 -10.17 4.74 -35.96
N LYS D 380 -10.15 5.67 -36.92
CA LYS D 380 -9.75 5.34 -38.31
C LYS D 380 -8.25 5.10 -38.45
N HIS D 381 -7.42 5.27 -37.42
CA HIS D 381 -5.99 4.81 -37.45
C HIS D 381 -5.67 4.02 -36.18
N GLY D 382 -6.67 3.28 -35.68
CA GLY D 382 -6.52 2.17 -34.70
C GLY D 382 -6.84 2.55 -33.24
N TYR D 383 -7.21 3.79 -32.92
CA TYR D 383 -7.65 4.16 -31.54
C TYR D 383 -8.94 3.40 -31.18
N SER D 384 -9.05 2.85 -29.96
CA SER D 384 -10.24 2.06 -29.52
C SER D 384 -10.87 2.60 -28.23
N ALA D 385 -10.22 3.51 -27.49
CA ALA D 385 -10.63 3.81 -26.10
C ALA D 385 -11.94 4.64 -26.06
N THR D 386 -12.44 5.11 -27.22
CA THR D 386 -13.75 5.79 -27.37
C THR D 386 -14.82 4.92 -26.72
N ARG D 387 -14.75 3.64 -27.05
CA ARG D 387 -15.55 2.53 -26.48
C ARG D 387 -14.88 2.13 -25.15
N HIS D 388 -15.05 2.96 -24.14
CA HIS D 388 -14.35 2.85 -22.84
C HIS D 388 -14.74 1.55 -22.10
N GLN D 389 -15.99 1.08 -22.21
CA GLN D 389 -16.43 -0.12 -21.45
C GLN D 389 -15.65 -1.33 -21.99
N ARG D 390 -15.48 -1.45 -23.31
CA ARG D 390 -14.77 -2.60 -23.90
C ARG D 390 -13.28 -2.48 -23.58
N GLU D 391 -12.75 -1.25 -23.64
CA GLU D 391 -11.29 -0.98 -23.53
C GLU D 391 -10.78 -1.56 -22.20
N VAL D 392 -11.59 -1.46 -21.13
CA VAL D 392 -11.16 -1.78 -19.74
C VAL D 392 -11.53 -3.20 -19.37
N GLY D 393 -12.23 -3.93 -20.23
CA GLY D 393 -12.44 -5.38 -20.07
C GLY D 393 -13.81 -5.70 -19.56
N THR D 394 -14.80 -4.82 -19.78
CA THR D 394 -16.20 -5.14 -19.41
C THR D 394 -16.62 -6.44 -20.13
N GLY D 395 -16.24 -6.60 -21.40
CA GLY D 395 -16.50 -7.81 -22.22
C GLY D 395 -15.85 -9.04 -21.60
N TYR D 396 -14.62 -8.92 -21.09
CA TYR D 396 -13.85 -10.02 -20.47
C TYR D 396 -14.66 -10.51 -19.26
N PHE D 397 -15.11 -9.59 -18.40
CA PHE D 397 -15.81 -9.97 -17.14
C PHE D 397 -17.22 -10.47 -17.46
N ASP D 398 -17.82 -10.03 -18.56
CA ASP D 398 -19.15 -10.56 -18.98
C ASP D 398 -18.99 -12.03 -19.31
N GLU D 399 -17.92 -12.37 -20.01
CA GLU D 399 -17.62 -13.79 -20.41
C GLU D 399 -17.32 -14.65 -19.18
N VAL D 400 -16.55 -14.12 -18.23
CA VAL D 400 -16.26 -14.82 -16.94
C VAL D 400 -17.59 -15.12 -16.23
N ALA D 401 -18.47 -14.12 -16.11
CA ALA D 401 -19.82 -14.26 -15.47
C ALA D 401 -20.63 -15.36 -16.18
N GLN D 402 -20.55 -15.40 -17.52
CA GLN D 402 -21.35 -16.36 -18.34
C GLN D 402 -20.76 -17.77 -18.18
N VAL D 403 -19.45 -17.89 -18.05
CA VAL D 403 -18.82 -19.20 -17.80
C VAL D 403 -19.26 -19.68 -16.41
N ILE D 404 -19.14 -18.85 -15.37
CA ILE D 404 -19.50 -19.24 -13.98
C ILE D 404 -20.98 -19.69 -13.92
N THR D 405 -21.89 -18.93 -14.53
CA THR D 405 -23.37 -19.11 -14.42
C THR D 405 -23.89 -20.05 -15.54
N GLY D 406 -22.99 -20.61 -16.37
CA GLY D 406 -23.36 -21.36 -17.58
C GLY D 406 -24.35 -20.58 -18.42
N GLY D 407 -24.17 -19.28 -18.57
CA GLY D 407 -24.93 -18.48 -19.55
C GLY D 407 -26.32 -18.11 -19.08
N THR D 408 -26.58 -18.16 -17.77
CA THR D 408 -27.91 -17.90 -17.14
C THR D 408 -27.95 -16.54 -16.40
N SER D 409 -26.82 -15.84 -16.31
CA SER D 409 -26.64 -14.55 -15.58
C SER D 409 -27.66 -13.53 -16.12
N SER D 410 -28.46 -12.90 -15.26
CA SER D 410 -29.40 -11.82 -15.69
C SER D 410 -28.73 -10.44 -15.55
N THR D 411 -27.45 -10.38 -15.19
CA THR D 411 -26.77 -9.11 -14.81
C THR D 411 -25.46 -8.92 -15.59
N THR D 412 -25.34 -9.39 -16.84
CA THR D 412 -24.18 -9.00 -17.69
C THR D 412 -24.34 -7.51 -18.06
N ALA D 413 -23.22 -6.88 -18.43
CA ALA D 413 -23.01 -5.41 -18.44
C ALA D 413 -23.14 -4.83 -19.84
N LEU D 414 -22.55 -5.46 -20.86
CA LEU D 414 -22.43 -4.86 -22.22
C LEU D 414 -23.80 -4.84 -22.93
N LYS D 415 -24.59 -5.93 -22.90
CA LYS D 415 -25.98 -5.89 -23.43
C LYS D 415 -26.77 -4.93 -22.56
N GLY D 416 -27.44 -3.96 -23.20
CA GLY D 416 -28.23 -2.91 -22.53
C GLY D 416 -27.40 -1.71 -22.14
N SER D 417 -26.10 -1.69 -22.46
CA SER D 417 -25.20 -0.54 -22.20
C SER D 417 -25.52 0.59 -23.19
N THR D 418 -25.23 1.84 -22.86
CA THR D 418 -25.29 2.97 -23.83
C THR D 418 -24.18 2.78 -24.87
N GLU D 419 -23.08 2.10 -24.52
CA GLU D 419 -21.95 1.84 -25.46
C GLU D 419 -22.46 1.05 -26.68
N GLU D 420 -23.24 -0.01 -26.45
CA GLU D 420 -23.81 -0.87 -27.53
C GLU D 420 -24.86 -0.08 -28.32
N ALA D 421 -25.65 0.80 -27.68
CA ALA D 421 -26.76 1.55 -28.33
C ALA D 421 -26.25 2.77 -29.10
N GLN D 422 -25.22 3.47 -28.61
CA GLN D 422 -24.81 4.83 -29.08
C GLN D 422 -23.47 4.78 -29.84
N PHE D 423 -22.66 3.73 -29.64
CA PHE D 423 -21.36 3.48 -30.30
C PHE D 423 -21.44 2.12 -31.00
#